data_5HIZ
# 
_entry.id   5HIZ 
# 
_audit_conform.dict_name       mmcif_pdbx.dic 
_audit_conform.dict_version    5.397 
_audit_conform.dict_location   http://mmcif.pdb.org/dictionaries/ascii/mmcif_pdbx.dic 
# 
loop_
_database_2.database_id 
_database_2.database_code 
_database_2.pdbx_database_accession 
_database_2.pdbx_DOI 
PDB   5HIZ         pdb_00005hiz 10.2210/pdb5hiz/pdb 
WWPDB D_1000217023 ?            ?                   
# 
loop_
_pdbx_audit_revision_history.ordinal 
_pdbx_audit_revision_history.data_content_type 
_pdbx_audit_revision_history.major_revision 
_pdbx_audit_revision_history.minor_revision 
_pdbx_audit_revision_history.revision_date 
1 'Structure model' 1 0 2017-01-25 
2 'Structure model' 1 1 2019-07-03 
3 'Structure model' 1 2 2024-10-30 
# 
_pdbx_audit_revision_details.ordinal             1 
_pdbx_audit_revision_details.revision_ordinal    1 
_pdbx_audit_revision_details.data_content_type   'Structure model' 
_pdbx_audit_revision_details.provider            repository 
_pdbx_audit_revision_details.type                'Initial release' 
_pdbx_audit_revision_details.description         ? 
_pdbx_audit_revision_details.details             ? 
# 
loop_
_pdbx_audit_revision_group.ordinal 
_pdbx_audit_revision_group.revision_ordinal 
_pdbx_audit_revision_group.data_content_type 
_pdbx_audit_revision_group.group 
1 2 'Structure model' 'Data collection'     
2 2 'Structure model' 'Database references' 
3 3 'Structure model' 'Data collection'     
4 3 'Structure model' 'Database references' 
5 3 'Structure model' 'Structure summary'   
# 
loop_
_pdbx_audit_revision_category.ordinal 
_pdbx_audit_revision_category.revision_ordinal 
_pdbx_audit_revision_category.data_content_type 
_pdbx_audit_revision_category.category 
1 2 'Structure model' citation                  
2 2 'Structure model' citation_author           
3 3 'Structure model' chem_comp_atom            
4 3 'Structure model' chem_comp_bond            
5 3 'Structure model' database_2                
6 3 'Structure model' pdbx_entry_details        
7 3 'Structure model' pdbx_modification_feature 
# 
loop_
_pdbx_audit_revision_item.ordinal 
_pdbx_audit_revision_item.revision_ordinal 
_pdbx_audit_revision_item.data_content_type 
_pdbx_audit_revision_item.item 
1  2 'Structure model' '_citation.country'                   
2  2 'Structure model' '_citation.journal_abbrev'            
3  2 'Structure model' '_citation.journal_id_ASTM'           
4  2 'Structure model' '_citation.journal_id_CSD'            
5  2 'Structure model' '_citation.journal_id_ISSN'           
6  2 'Structure model' '_citation.journal_volume'            
7  2 'Structure model' '_citation.pdbx_database_id_DOI'      
8  2 'Structure model' '_citation.pdbx_database_id_PubMed'   
9  2 'Structure model' '_citation.title'                     
10 2 'Structure model' '_citation.year'                      
11 3 'Structure model' '_database_2.pdbx_DOI'                
12 3 'Structure model' '_database_2.pdbx_database_accession' 
# 
_pdbx_database_status.status_code                     REL 
_pdbx_database_status.status_code_sf                  REL 
_pdbx_database_status.status_code_mr                  ? 
_pdbx_database_status.entry_id                        5HIZ 
_pdbx_database_status.recvd_initial_deposition_date   2016-01-12 
_pdbx_database_status.SG_entry                        N 
_pdbx_database_status.deposit_site                    RCSB 
_pdbx_database_status.process_site                    PDBJ 
_pdbx_database_status.status_code_cs                  ? 
_pdbx_database_status.methods_development_category    ? 
_pdbx_database_status.pdb_format_compatible           Y 
_pdbx_database_status.status_code_nmr_data            ? 
# 
_pdbx_database_related.content_type   unspecified 
_pdbx_database_related.db_id          5HIY 
_pdbx_database_related.db_name        PDB 
_pdbx_database_related.details        . 
# 
loop_
_audit_author.name 
_audit_author.pdbx_ordinal 
_audit_author.identifier_ORCID 
'Deng, F.' 1 ? 
'Peng, G.' 2 ? 
# 
_citation.abstract                  ? 
_citation.abstract_id_CAS           ? 
_citation.book_id_ISBN              ? 
_citation.book_publisher            ? 
_citation.book_publisher_city       ? 
_citation.book_title                ? 
_citation.coordinate_linkage        ? 
_citation.country                   US 
_citation.database_id_Medline       ? 
_citation.details                   ? 
_citation.id                        primary 
_citation.journal_abbrev            J.Virol. 
_citation.journal_id_ASTM           JOVIAM 
_citation.journal_id_CSD            0825 
_citation.journal_id_ISSN           1098-5514 
_citation.journal_full              ? 
_citation.journal_issue             ? 
_citation.journal_volume            92 
_citation.language                  ? 
_citation.page_first                ? 
_citation.page_last                 ? 
_citation.title                     
'Dimerization of Coronavirus nsp9 with Diverse Modes Enhances Its Nucleic Acid Binding Affinity.' 
_citation.year                      2018 
_citation.database_id_CSD           ? 
_citation.pdbx_database_id_DOI      10.1128/JVI.00692-18 
_citation.pdbx_database_id_PubMed   29925659 
_citation.unpublished_flag          ? 
# 
loop_
_citation_author.citation_id 
_citation_author.name 
_citation_author.ordinal 
_citation_author.identifier_ORCID 
primary 'Zeng, Z.' 1 ?                   
primary 'Deng, F.' 2 ?                   
primary 'Shi, K.'  3 ?                   
primary 'Ye, G.'   4 ?                   
primary 'Wang, G.' 5 ?                   
primary 'Fang, L.' 6 0000-0003-1406-6409 
primary 'Xiao, S.' 7 0000-0003-0023-9188 
primary 'Fu, Z.'   8 ?                   
primary 'Peng, G.' 9 ?                   
# 
_entity.id                         1 
_entity.type                       polymer 
_entity.src_method                 man 
_entity.pdbx_description           'Non-structural protein 9' 
_entity.formula_weight             12936.736 
_entity.pdbx_number_of_molecules   2 
_entity.pdbx_ec                    ? 
_entity.pdbx_mutation              ? 
_entity.pdbx_fragment              ? 
_entity.details                    ? 
# 
_entity_name_com.entity_id   1 
_entity_name_com.name        NSP9 
# 
_entity_poly.entity_id                      1 
_entity_poly.type                           'polypeptide(L)' 
_entity_poly.nstd_linkage                   no 
_entity_poly.nstd_monomer                   no 
_entity_poly.pdbx_seq_one_letter_code       
;NNEIIPGKLKQRSIKAEGDGIVGEGKALYNNEGGRTFMYAFISDKPDLRVVKWEFDGGCNTIELEPPRKFLVDSPNGAQI
KYLYFVRNLNTLRRGAVLGYIGATVRLQHHHHHH
;
_entity_poly.pdbx_seq_one_letter_code_can   
;NNEIIPGKLKQRSIKAEGDGIVGEGKALYNNEGGRTFMYAFISDKPDLRVVKWEFDGGCNTIELEPPRKFLVDSPNGAQI
KYLYFVRNLNTLRRGAVLGYIGATVRLQHHHHHH
;
_entity_poly.pdbx_strand_id                 A,B 
_entity_poly.pdbx_target_identifier         ? 
# 
loop_
_entity_poly_seq.entity_id 
_entity_poly_seq.num 
_entity_poly_seq.mon_id 
_entity_poly_seq.hetero 
1 1   ASN n 
1 2   ASN n 
1 3   GLU n 
1 4   ILE n 
1 5   ILE n 
1 6   PRO n 
1 7   GLY n 
1 8   LYS n 
1 9   LEU n 
1 10  LYS n 
1 11  GLN n 
1 12  ARG n 
1 13  SER n 
1 14  ILE n 
1 15  LYS n 
1 16  ALA n 
1 17  GLU n 
1 18  GLY n 
1 19  ASP n 
1 20  GLY n 
1 21  ILE n 
1 22  VAL n 
1 23  GLY n 
1 24  GLU n 
1 25  GLY n 
1 26  LYS n 
1 27  ALA n 
1 28  LEU n 
1 29  TYR n 
1 30  ASN n 
1 31  ASN n 
1 32  GLU n 
1 33  GLY n 
1 34  GLY n 
1 35  ARG n 
1 36  THR n 
1 37  PHE n 
1 38  MET n 
1 39  TYR n 
1 40  ALA n 
1 41  PHE n 
1 42  ILE n 
1 43  SER n 
1 44  ASP n 
1 45  LYS n 
1 46  PRO n 
1 47  ASP n 
1 48  LEU n 
1 49  ARG n 
1 50  VAL n 
1 51  VAL n 
1 52  LYS n 
1 53  TRP n 
1 54  GLU n 
1 55  PHE n 
1 56  ASP n 
1 57  GLY n 
1 58  GLY n 
1 59  CYS n 
1 60  ASN n 
1 61  THR n 
1 62  ILE n 
1 63  GLU n 
1 64  LEU n 
1 65  GLU n 
1 66  PRO n 
1 67  PRO n 
1 68  ARG n 
1 69  LYS n 
1 70  PHE n 
1 71  LEU n 
1 72  VAL n 
1 73  ASP n 
1 74  SER n 
1 75  PRO n 
1 76  ASN n 
1 77  GLY n 
1 78  ALA n 
1 79  GLN n 
1 80  ILE n 
1 81  LYS n 
1 82  TYR n 
1 83  LEU n 
1 84  TYR n 
1 85  PHE n 
1 86  VAL n 
1 87  ARG n 
1 88  ASN n 
1 89  LEU n 
1 90  ASN n 
1 91  THR n 
1 92  LEU n 
1 93  ARG n 
1 94  ARG n 
1 95  GLY n 
1 96  ALA n 
1 97  VAL n 
1 98  LEU n 
1 99  GLY n 
1 100 TYR n 
1 101 ILE n 
1 102 GLY n 
1 103 ALA n 
1 104 THR n 
1 105 VAL n 
1 106 ARG n 
1 107 LEU n 
1 108 GLN n 
1 109 HIS n 
1 110 HIS n 
1 111 HIS n 
1 112 HIS n 
1 113 HIS n 
1 114 HIS n 
# 
_entity_src_gen.entity_id                          1 
_entity_src_gen.pdbx_src_id                        1 
_entity_src_gen.pdbx_alt_source_flag               sample 
_entity_src_gen.pdbx_seq_type                      'Biological sequence' 
_entity_src_gen.pdbx_beg_seq_num                   1 
_entity_src_gen.pdbx_end_seq_num                   114 
_entity_src_gen.gene_src_common_name               PEDV 
_entity_src_gen.gene_src_genus                     ? 
_entity_src_gen.pdbx_gene_src_gene                 'rep, 1a-1b' 
_entity_src_gen.gene_src_species                   ? 
_entity_src_gen.gene_src_strain                    CV777 
_entity_src_gen.gene_src_tissue                    ? 
_entity_src_gen.gene_src_tissue_fraction           ? 
_entity_src_gen.gene_src_details                   ? 
_entity_src_gen.pdbx_gene_src_fragment             ? 
_entity_src_gen.pdbx_gene_src_scientific_name      'Porcine epidemic diarrhea virus CV777' 
_entity_src_gen.pdbx_gene_src_ncbi_taxonomy_id     229032 
_entity_src_gen.pdbx_gene_src_variant              ? 
_entity_src_gen.pdbx_gene_src_cell_line            ? 
_entity_src_gen.pdbx_gene_src_atcc                 ? 
_entity_src_gen.pdbx_gene_src_organ                ? 
_entity_src_gen.pdbx_gene_src_organelle            ? 
_entity_src_gen.pdbx_gene_src_cell                 ? 
_entity_src_gen.pdbx_gene_src_cellular_location    ? 
_entity_src_gen.host_org_common_name               ? 
_entity_src_gen.pdbx_host_org_scientific_name      
;Escherichia coli 'BL21-Gold(DE3)pLysS AG'
;
_entity_src_gen.pdbx_host_org_ncbi_taxonomy_id     866768 
_entity_src_gen.host_org_genus                     ? 
_entity_src_gen.pdbx_host_org_gene                 ? 
_entity_src_gen.pdbx_host_org_organ                ? 
_entity_src_gen.host_org_species                   ? 
_entity_src_gen.pdbx_host_org_tissue               ? 
_entity_src_gen.pdbx_host_org_tissue_fraction      ? 
_entity_src_gen.pdbx_host_org_strain               'BL21-Gold(DE3)pLysS AG' 
_entity_src_gen.pdbx_host_org_variant              ? 
_entity_src_gen.pdbx_host_org_cell_line            ? 
_entity_src_gen.pdbx_host_org_atcc                 ? 
_entity_src_gen.pdbx_host_org_culture_collection   ? 
_entity_src_gen.pdbx_host_org_cell                 ? 
_entity_src_gen.pdbx_host_org_organelle            ? 
_entity_src_gen.pdbx_host_org_cellular_location    ? 
_entity_src_gen.pdbx_host_org_vector_type          ? 
_entity_src_gen.pdbx_host_org_vector               ? 
_entity_src_gen.host_org_details                   ? 
_entity_src_gen.expression_system_id               ? 
_entity_src_gen.plasmid_name                       ? 
_entity_src_gen.plasmid_details                    ? 
_entity_src_gen.pdbx_description                   ? 
# 
loop_
_chem_comp.id 
_chem_comp.type 
_chem_comp.mon_nstd_flag 
_chem_comp.name 
_chem_comp.pdbx_synonyms 
_chem_comp.formula 
_chem_comp.formula_weight 
ALA 'L-peptide linking' y ALANINE         ? 'C3 H7 N O2'     89.093  
ARG 'L-peptide linking' y ARGININE        ? 'C6 H15 N4 O2 1' 175.209 
ASN 'L-peptide linking' y ASPARAGINE      ? 'C4 H8 N2 O3'    132.118 
ASP 'L-peptide linking' y 'ASPARTIC ACID' ? 'C4 H7 N O4'     133.103 
CYS 'L-peptide linking' y CYSTEINE        ? 'C3 H7 N O2 S'   121.158 
GLN 'L-peptide linking' y GLUTAMINE       ? 'C5 H10 N2 O3'   146.144 
GLU 'L-peptide linking' y 'GLUTAMIC ACID' ? 'C5 H9 N O4'     147.129 
GLY 'peptide linking'   y GLYCINE         ? 'C2 H5 N O2'     75.067  
HIS 'L-peptide linking' y HISTIDINE       ? 'C6 H10 N3 O2 1' 156.162 
ILE 'L-peptide linking' y ISOLEUCINE      ? 'C6 H13 N O2'    131.173 
LEU 'L-peptide linking' y LEUCINE         ? 'C6 H13 N O2'    131.173 
LYS 'L-peptide linking' y LYSINE          ? 'C6 H15 N2 O2 1' 147.195 
MET 'L-peptide linking' y METHIONINE      ? 'C5 H11 N O2 S'  149.211 
PHE 'L-peptide linking' y PHENYLALANINE   ? 'C9 H11 N O2'    165.189 
PRO 'L-peptide linking' y PROLINE         ? 'C5 H9 N O2'     115.130 
SER 'L-peptide linking' y SERINE          ? 'C3 H7 N O3'     105.093 
THR 'L-peptide linking' y THREONINE       ? 'C4 H9 N O3'     119.119 
TRP 'L-peptide linking' y TRYPTOPHAN      ? 'C11 H12 N2 O2'  204.225 
TYR 'L-peptide linking' y TYROSINE        ? 'C9 H11 N O3'    181.189 
VAL 'L-peptide linking' y VALINE          ? 'C5 H11 N O2'    117.146 
# 
loop_
_pdbx_poly_seq_scheme.asym_id 
_pdbx_poly_seq_scheme.entity_id 
_pdbx_poly_seq_scheme.seq_id 
_pdbx_poly_seq_scheme.mon_id 
_pdbx_poly_seq_scheme.ndb_seq_num 
_pdbx_poly_seq_scheme.pdb_seq_num 
_pdbx_poly_seq_scheme.auth_seq_num 
_pdbx_poly_seq_scheme.pdb_mon_id 
_pdbx_poly_seq_scheme.auth_mon_id 
_pdbx_poly_seq_scheme.pdb_strand_id 
_pdbx_poly_seq_scheme.pdb_ins_code 
_pdbx_poly_seq_scheme.hetero 
A 1 1   ASN 1   1   ?   ?   ?   A . n 
A 1 2   ASN 2   2   ?   ?   ?   A . n 
A 1 3   GLU 3   3   ?   ?   ?   A . n 
A 1 4   ILE 4   4   ?   ?   ?   A . n 
A 1 5   ILE 5   5   ?   ?   ?   A . n 
A 1 6   PRO 6   6   ?   ?   ?   A . n 
A 1 7   GLY 7   7   7   GLY GLY A . n 
A 1 8   LYS 8   8   8   LYS LYS A . n 
A 1 9   LEU 9   9   9   LEU LEU A . n 
A 1 10  LYS 10  10  10  LYS LYS A . n 
A 1 11  GLN 11  11  11  GLN GLN A . n 
A 1 12  ARG 12  12  12  ARG ARG A . n 
A 1 13  SER 13  13  13  SER SER A . n 
A 1 14  ILE 14  14  14  ILE ILE A . n 
A 1 15  LYS 15  15  15  LYS LYS A . n 
A 1 16  ALA 16  16  16  ALA ALA A . n 
A 1 17  GLU 17  17  17  GLU GLU A . n 
A 1 18  GLY 18  18  18  GLY GLY A . n 
A 1 19  ASP 19  19  19  ASP ASP A . n 
A 1 20  GLY 20  20  20  GLY GLY A . n 
A 1 21  ILE 21  21  21  ILE ILE A . n 
A 1 22  VAL 22  22  22  VAL VAL A . n 
A 1 23  GLY 23  23  23  GLY GLY A . n 
A 1 24  GLU 24  24  24  GLU GLU A . n 
A 1 25  GLY 25  25  25  GLY GLY A . n 
A 1 26  LYS 26  26  26  LYS LYS A . n 
A 1 27  ALA 27  27  27  ALA ALA A . n 
A 1 28  LEU 28  28  28  LEU LEU A . n 
A 1 29  TYR 29  29  29  TYR TYR A . n 
A 1 30  ASN 30  30  30  ASN ASN A . n 
A 1 31  ASN 31  31  31  ASN ASN A . n 
A 1 32  GLU 32  32  32  GLU GLU A . n 
A 1 33  GLY 33  33  33  GLY GLY A . n 
A 1 34  GLY 34  34  34  GLY GLY A . n 
A 1 35  ARG 35  35  35  ARG ARG A . n 
A 1 36  THR 36  36  36  THR THR A . n 
A 1 37  PHE 37  37  37  PHE PHE A . n 
A 1 38  MET 38  38  38  MET MET A . n 
A 1 39  TYR 39  39  39  TYR TYR A . n 
A 1 40  ALA 40  40  40  ALA ALA A . n 
A 1 41  PHE 41  41  41  PHE PHE A . n 
A 1 42  ILE 42  42  42  ILE ILE A . n 
A 1 43  SER 43  43  43  SER SER A . n 
A 1 44  ASP 44  44  44  ASP ASP A . n 
A 1 45  LYS 45  45  45  LYS LYS A . n 
A 1 46  PRO 46  46  46  PRO PRO A . n 
A 1 47  ASP 47  47  47  ASP ASP A . n 
A 1 48  LEU 48  48  48  LEU LEU A . n 
A 1 49  ARG 49  49  49  ARG ARG A . n 
A 1 50  VAL 50  50  50  VAL VAL A . n 
A 1 51  VAL 51  51  51  VAL VAL A . n 
A 1 52  LYS 52  52  52  LYS LYS A . n 
A 1 53  TRP 53  53  53  TRP TRP A . n 
A 1 54  GLU 54  54  ?   ?   ?   A . n 
A 1 55  PHE 55  55  ?   ?   ?   A . n 
A 1 56  ASP 56  56  ?   ?   ?   A . n 
A 1 57  GLY 57  57  57  GLY GLY A . n 
A 1 58  GLY 58  58  58  GLY GLY A . n 
A 1 59  CYS 59  59  59  CYS CYS A . n 
A 1 60  ASN 60  60  60  ASN ASN A . n 
A 1 61  THR 61  61  61  THR THR A . n 
A 1 62  ILE 62  62  62  ILE ILE A . n 
A 1 63  GLU 63  63  63  GLU GLU A . n 
A 1 64  LEU 64  64  64  LEU LEU A . n 
A 1 65  GLU 65  65  65  GLU GLU A . n 
A 1 66  PRO 66  66  66  PRO PRO A . n 
A 1 67  PRO 67  67  67  PRO PRO A . n 
A 1 68  ARG 68  68  68  ARG ARG A . n 
A 1 69  LYS 69  69  69  LYS LYS A . n 
A 1 70  PHE 70  70  70  PHE PHE A . n 
A 1 71  LEU 71  71  71  LEU LEU A . n 
A 1 72  VAL 72  72  72  VAL VAL A . n 
A 1 73  ASP 73  73  73  ASP ASP A . n 
A 1 74  SER 74  74  74  SER SER A . n 
A 1 75  PRO 75  75  75  PRO PRO A . n 
A 1 76  ASN 76  76  76  ASN ASN A . n 
A 1 77  GLY 77  77  77  GLY GLY A . n 
A 1 78  ALA 78  78  78  ALA ALA A . n 
A 1 79  GLN 79  79  79  GLN GLN A . n 
A 1 80  ILE 80  80  80  ILE ILE A . n 
A 1 81  LYS 81  81  81  LYS LYS A . n 
A 1 82  TYR 82  82  82  TYR TYR A . n 
A 1 83  LEU 83  83  83  LEU LEU A . n 
A 1 84  TYR 84  84  84  TYR TYR A . n 
A 1 85  PHE 85  85  85  PHE PHE A . n 
A 1 86  VAL 86  86  86  VAL VAL A . n 
A 1 87  ARG 87  87  87  ARG ARG A . n 
A 1 88  ASN 88  88  88  ASN ASN A . n 
A 1 89  LEU 89  89  89  LEU LEU A . n 
A 1 90  ASN 90  90  90  ASN ASN A . n 
A 1 91  THR 91  91  91  THR THR A . n 
A 1 92  LEU 92  92  92  LEU LEU A . n 
A 1 93  ARG 93  93  93  ARG ARG A . n 
A 1 94  ARG 94  94  94  ARG ARG A . n 
A 1 95  GLY 95  95  95  GLY GLY A . n 
A 1 96  ALA 96  96  96  ALA ALA A . n 
A 1 97  VAL 97  97  97  VAL VAL A . n 
A 1 98  LEU 98  98  98  LEU LEU A . n 
A 1 99  GLY 99  99  99  GLY GLY A . n 
A 1 100 TYR 100 100 100 TYR TYR A . n 
A 1 101 ILE 101 101 101 ILE ILE A . n 
A 1 102 GLY 102 102 102 GLY GLY A . n 
A 1 103 ALA 103 103 103 ALA ALA A . n 
A 1 104 THR 104 104 104 THR THR A . n 
A 1 105 VAL 105 105 105 VAL VAL A . n 
A 1 106 ARG 106 106 ?   ?   ?   A . n 
A 1 107 LEU 107 107 ?   ?   ?   A . n 
A 1 108 GLN 108 108 ?   ?   ?   A . n 
A 1 109 HIS 109 109 ?   ?   ?   A . n 
A 1 110 HIS 110 110 ?   ?   ?   A . n 
A 1 111 HIS 111 111 ?   ?   ?   A . n 
A 1 112 HIS 112 112 ?   ?   ?   A . n 
A 1 113 HIS 113 113 ?   ?   ?   A . n 
A 1 114 HIS 114 114 ?   ?   ?   A . n 
B 1 1   ASN 1   1   ?   ?   ?   B . n 
B 1 2   ASN 2   2   ?   ?   ?   B . n 
B 1 3   GLU 3   3   ?   ?   ?   B . n 
B 1 4   ILE 4   4   ?   ?   ?   B . n 
B 1 5   ILE 5   5   ?   ?   ?   B . n 
B 1 6   PRO 6   6   ?   ?   ?   B . n 
B 1 7   GLY 7   7   7   GLY GLY B . n 
B 1 8   LYS 8   8   8   LYS LYS B . n 
B 1 9   LEU 9   9   9   LEU LEU B . n 
B 1 10  LYS 10  10  10  LYS LYS B . n 
B 1 11  GLN 11  11  11  GLN GLN B . n 
B 1 12  ARG 12  12  12  ARG ARG B . n 
B 1 13  SER 13  13  13  SER SER B . n 
B 1 14  ILE 14  14  14  ILE ILE B . n 
B 1 15  LYS 15  15  15  LYS LYS B . n 
B 1 16  ALA 16  16  16  ALA ALA B . n 
B 1 17  GLU 17  17  17  GLU GLU B . n 
B 1 18  GLY 18  18  18  GLY GLY B . n 
B 1 19  ASP 19  19  19  ASP ASP B . n 
B 1 20  GLY 20  20  20  GLY GLY B . n 
B 1 21  ILE 21  21  21  ILE ILE B . n 
B 1 22  VAL 22  22  22  VAL VAL B . n 
B 1 23  GLY 23  23  23  GLY GLY B . n 
B 1 24  GLU 24  24  24  GLU GLU B . n 
B 1 25  GLY 25  25  25  GLY GLY B . n 
B 1 26  LYS 26  26  26  LYS LYS B . n 
B 1 27  ALA 27  27  27  ALA ALA B . n 
B 1 28  LEU 28  28  28  LEU LEU B . n 
B 1 29  TYR 29  29  29  TYR TYR B . n 
B 1 30  ASN 30  30  30  ASN ASN B . n 
B 1 31  ASN 31  31  31  ASN ASN B . n 
B 1 32  GLU 32  32  32  GLU GLU B . n 
B 1 33  GLY 33  33  33  GLY GLY B . n 
B 1 34  GLY 34  34  34  GLY GLY B . n 
B 1 35  ARG 35  35  35  ARG ARG B . n 
B 1 36  THR 36  36  36  THR THR B . n 
B 1 37  PHE 37  37  37  PHE PHE B . n 
B 1 38  MET 38  38  38  MET MET B . n 
B 1 39  TYR 39  39  39  TYR TYR B . n 
B 1 40  ALA 40  40  40  ALA ALA B . n 
B 1 41  PHE 41  41  41  PHE PHE B . n 
B 1 42  ILE 42  42  42  ILE ILE B . n 
B 1 43  SER 43  43  43  SER SER B . n 
B 1 44  ASP 44  44  44  ASP ASP B . n 
B 1 45  LYS 45  45  45  LYS LYS B . n 
B 1 46  PRO 46  46  46  PRO PRO B . n 
B 1 47  ASP 47  47  47  ASP ASP B . n 
B 1 48  LEU 48  48  48  LEU LEU B . n 
B 1 49  ARG 49  49  49  ARG ARG B . n 
B 1 50  VAL 50  50  50  VAL VAL B . n 
B 1 51  VAL 51  51  51  VAL VAL B . n 
B 1 52  LYS 52  52  52  LYS LYS B . n 
B 1 53  TRP 53  53  53  TRP TRP B . n 
B 1 54  GLU 54  54  ?   ?   ?   B . n 
B 1 55  PHE 55  55  ?   ?   ?   B . n 
B 1 56  ASP 56  56  ?   ?   ?   B . n 
B 1 57  GLY 57  57  57  GLY GLY B . n 
B 1 58  GLY 58  58  58  GLY GLY B . n 
B 1 59  CYS 59  59  59  CYS CYS B . n 
B 1 60  ASN 60  60  60  ASN ASN B . n 
B 1 61  THR 61  61  61  THR THR B . n 
B 1 62  ILE 62  62  62  ILE ILE B . n 
B 1 63  GLU 63  63  63  GLU GLU B . n 
B 1 64  LEU 64  64  64  LEU LEU B . n 
B 1 65  GLU 65  65  65  GLU GLU B . n 
B 1 66  PRO 66  66  66  PRO PRO B . n 
B 1 67  PRO 67  67  67  PRO PRO B . n 
B 1 68  ARG 68  68  68  ARG ARG B . n 
B 1 69  LYS 69  69  69  LYS LYS B . n 
B 1 70  PHE 70  70  70  PHE PHE B . n 
B 1 71  LEU 71  71  71  LEU LEU B . n 
B 1 72  VAL 72  72  72  VAL VAL B . n 
B 1 73  ASP 73  73  73  ASP ASP B . n 
B 1 74  SER 74  74  74  SER SER B . n 
B 1 75  PRO 75  75  75  PRO PRO B . n 
B 1 76  ASN 76  76  76  ASN ASN B . n 
B 1 77  GLY 77  77  77  GLY GLY B . n 
B 1 78  ALA 78  78  78  ALA ALA B . n 
B 1 79  GLN 79  79  79  GLN GLN B . n 
B 1 80  ILE 80  80  80  ILE ILE B . n 
B 1 81  LYS 81  81  81  LYS LYS B . n 
B 1 82  TYR 82  82  82  TYR TYR B . n 
B 1 83  LEU 83  83  83  LEU LEU B . n 
B 1 84  TYR 84  84  84  TYR TYR B . n 
B 1 85  PHE 85  85  85  PHE PHE B . n 
B 1 86  VAL 86  86  86  VAL VAL B . n 
B 1 87  ARG 87  87  87  ARG ARG B . n 
B 1 88  ASN 88  88  88  ASN ASN B . n 
B 1 89  LEU 89  89  89  LEU LEU B . n 
B 1 90  ASN 90  90  90  ASN ASN B . n 
B 1 91  THR 91  91  91  THR THR B . n 
B 1 92  LEU 92  92  92  LEU LEU B . n 
B 1 93  ARG 93  93  93  ARG ARG B . n 
B 1 94  ARG 94  94  94  ARG ARG B . n 
B 1 95  GLY 95  95  95  GLY GLY B . n 
B 1 96  ALA 96  96  96  ALA ALA B . n 
B 1 97  VAL 97  97  97  VAL VAL B . n 
B 1 98  LEU 98  98  98  LEU LEU B . n 
B 1 99  GLY 99  99  99  GLY GLY B . n 
B 1 100 TYR 100 100 100 TYR TYR B . n 
B 1 101 ILE 101 101 101 ILE ILE B . n 
B 1 102 GLY 102 102 102 GLY GLY B . n 
B 1 103 ALA 103 103 103 ALA ALA B . n 
B 1 104 THR 104 104 104 THR THR B . n 
B 1 105 VAL 105 105 105 VAL VAL B . n 
B 1 106 ARG 106 106 ?   ?   ?   B . n 
B 1 107 LEU 107 107 ?   ?   ?   B . n 
B 1 108 GLN 108 108 ?   ?   ?   B . n 
B 1 109 HIS 109 109 ?   ?   ?   B . n 
B 1 110 HIS 110 110 ?   ?   ?   B . n 
B 1 111 HIS 111 111 ?   ?   ?   B . n 
B 1 112 HIS 112 112 ?   ?   ?   B . n 
B 1 113 HIS 113 113 ?   ?   ?   B . n 
B 1 114 HIS 114 114 ?   ?   ?   B . n 
# 
loop_
_software.citation_id 
_software.classification 
_software.compiler_name 
_software.compiler_version 
_software.contact_author 
_software.contact_author_email 
_software.date 
_software.description 
_software.dependencies 
_software.hardware 
_software.language 
_software.location 
_software.mods 
_software.name 
_software.os 
_software.os_version 
_software.type 
_software.version 
_software.pdbx_ordinal 
? phasing           ? ? ? ? ? ? ? ? ? ? ? PHENIX   ? ? ? . 1 
? refinement        ? ? ? ? ? ? ? ? ? ? ? PHENIX   ? ? ? . 2 
? 'data collection' ? ? ? ? ? ? ? ? ? ? ? Blu-Ice  ? ? ? . 3 
? 'data processing' ? ? ? ? ? ? ? ? ? ? ? HKL-3000 ? ? ? . 4 
# 
_cell.angle_alpha                  90.00 
_cell.angle_alpha_esd              ? 
_cell.angle_beta                   90.00 
_cell.angle_beta_esd               ? 
_cell.angle_gamma                  120.00 
_cell.angle_gamma_esd              ? 
_cell.entry_id                     5HIZ 
_cell.details                      ? 
_cell.formula_units_Z              ? 
_cell.length_a                     73.870 
_cell.length_a_esd                 ? 
_cell.length_b                     73.870 
_cell.length_b_esd                 ? 
_cell.length_c                     91.553 
_cell.length_c_esd                 ? 
_cell.volume                       ? 
_cell.volume_esd                   ? 
_cell.Z_PDB                        12 
_cell.reciprocal_angle_alpha       ? 
_cell.reciprocal_angle_beta        ? 
_cell.reciprocal_angle_gamma       ? 
_cell.reciprocal_angle_alpha_esd   ? 
_cell.reciprocal_angle_beta_esd    ? 
_cell.reciprocal_angle_gamma_esd   ? 
_cell.reciprocal_length_a          ? 
_cell.reciprocal_length_b          ? 
_cell.reciprocal_length_c          ? 
_cell.reciprocal_length_a_esd      ? 
_cell.reciprocal_length_b_esd      ? 
_cell.reciprocal_length_c_esd      ? 
_cell.pdbx_unique_axis             ? 
# 
_symmetry.entry_id                         5HIZ 
_symmetry.cell_setting                     ? 
_symmetry.Int_Tables_number                172 
_symmetry.space_group_name_Hall            ? 
_symmetry.space_group_name_H-M             'P 64' 
_symmetry.pdbx_full_space_group_name_H-M   ? 
# 
_exptl.absorpt_coefficient_mu     ? 
_exptl.absorpt_correction_T_max   ? 
_exptl.absorpt_correction_T_min   ? 
_exptl.absorpt_correction_type    ? 
_exptl.absorpt_process_details    ? 
_exptl.entry_id                   5HIZ 
_exptl.crystals_number            ? 
_exptl.details                    ? 
_exptl.method                     'X-RAY DIFFRACTION' 
_exptl.method_details             ? 
# 
_exptl_crystal.colour                      ? 
_exptl_crystal.density_diffrn              ? 
_exptl_crystal.density_Matthews            2.79 
_exptl_crystal.density_method              ? 
_exptl_crystal.density_percent_sol         55.87 
_exptl_crystal.description                 ? 
_exptl_crystal.F_000                       ? 
_exptl_crystal.id                          1 
_exptl_crystal.preparation                 ? 
_exptl_crystal.size_max                    ? 
_exptl_crystal.size_mid                    ? 
_exptl_crystal.size_min                    ? 
_exptl_crystal.size_rad                    ? 
_exptl_crystal.colour_lustre               ? 
_exptl_crystal.colour_modifier             ? 
_exptl_crystal.colour_primary              ? 
_exptl_crystal.density_meas                ? 
_exptl_crystal.density_meas_esd            ? 
_exptl_crystal.density_meas_gt             ? 
_exptl_crystal.density_meas_lt             ? 
_exptl_crystal.density_meas_temp           ? 
_exptl_crystal.density_meas_temp_esd       ? 
_exptl_crystal.density_meas_temp_gt        ? 
_exptl_crystal.density_meas_temp_lt        ? 
_exptl_crystal.pdbx_crystal_image_url      ? 
_exptl_crystal.pdbx_crystal_image_format   ? 
_exptl_crystal.pdbx_mosaicity              ? 
_exptl_crystal.pdbx_mosaicity_esd          ? 
# 
_exptl_crystal_grow.apparatus       ? 
_exptl_crystal_grow.atmosphere      ? 
_exptl_crystal_grow.crystal_id      1 
_exptl_crystal_grow.details         ? 
_exptl_crystal_grow.method          'VAPOR DIFFUSION, SITTING DROP' 
_exptl_crystal_grow.method_ref      ? 
_exptl_crystal_grow.pH              8.5 
_exptl_crystal_grow.pressure        ? 
_exptl_crystal_grow.pressure_esd    ? 
_exptl_crystal_grow.seeding         ? 
_exptl_crystal_grow.seeding_ref     ? 
_exptl_crystal_grow.temp            294 
_exptl_crystal_grow.temp_details    ? 
_exptl_crystal_grow.temp_esd        ? 
_exptl_crystal_grow.time            ? 
_exptl_crystal_grow.pdbx_details    '0.3 M Tris, 13%(v/v) tert-Butano' 
_exptl_crystal_grow.pdbx_pH_range   ? 
# 
_diffrn.ambient_environment    ? 
_diffrn.ambient_temp           100 
_diffrn.ambient_temp_details   ? 
_diffrn.ambient_temp_esd       ? 
_diffrn.crystal_id             1 
_diffrn.crystal_support        ? 
_diffrn.crystal_treatment      ? 
_diffrn.details                ? 
_diffrn.id                     1 
_diffrn.ambient_pressure       ? 
_diffrn.ambient_pressure_esd   ? 
_diffrn.ambient_pressure_gt    ? 
_diffrn.ambient_pressure_lt    ? 
_diffrn.ambient_temp_gt        ? 
_diffrn.ambient_temp_lt        ? 
# 
_diffrn_detector.details                      ? 
_diffrn_detector.detector                     CCD 
_diffrn_detector.diffrn_id                    1 
_diffrn_detector.type                         'ADSC QUANTUM 315' 
_diffrn_detector.area_resol_mean              ? 
_diffrn_detector.dtime                        ? 
_diffrn_detector.pdbx_frames_total            ? 
_diffrn_detector.pdbx_collection_time_total   ? 
_diffrn_detector.pdbx_collection_date         2014-10-05 
# 
_diffrn_radiation.collimation                      ? 
_diffrn_radiation.diffrn_id                        1 
_diffrn_radiation.filter_edge                      ? 
_diffrn_radiation.inhomogeneity                    ? 
_diffrn_radiation.monochromator                    ? 
_diffrn_radiation.polarisn_norm                    ? 
_diffrn_radiation.polarisn_ratio                   ? 
_diffrn_radiation.probe                            ? 
_diffrn_radiation.type                             ? 
_diffrn_radiation.xray_symbol                      ? 
_diffrn_radiation.wavelength_id                    1 
_diffrn_radiation.pdbx_monochromatic_or_laue_m_l   M 
_diffrn_radiation.pdbx_wavelength_list             ? 
_diffrn_radiation.pdbx_wavelength                  ? 
_diffrn_radiation.pdbx_diffrn_protocol             'SINGLE WAVELENGTH' 
_diffrn_radiation.pdbx_analyzer                    ? 
_diffrn_radiation.pdbx_scattering_type             x-ray 
# 
_diffrn_radiation_wavelength.id           1 
_diffrn_radiation_wavelength.wavelength   0.97910 
_diffrn_radiation_wavelength.wt           1.0 
# 
_diffrn_source.current                     ? 
_diffrn_source.details                     ? 
_diffrn_source.diffrn_id                   1 
_diffrn_source.power                       ? 
_diffrn_source.size                        ? 
_diffrn_source.source                      SYNCHROTRON 
_diffrn_source.target                      ? 
_diffrn_source.type                        'SSRF BEAMLINE BL17U' 
_diffrn_source.voltage                     ? 
_diffrn_source.take-off_angle              ? 
_diffrn_source.pdbx_wavelength_list        0.97910 
_diffrn_source.pdbx_wavelength             ? 
_diffrn_source.pdbx_synchrotron_beamline   BL17U 
_diffrn_source.pdbx_synchrotron_site       SSRF 
# 
_reflns.B_iso_Wilson_estimate            ? 
_reflns.entry_id                         5HIZ 
_reflns.data_reduction_details           ? 
_reflns.data_reduction_method            ? 
_reflns.d_resolution_high                2.9 
_reflns.d_resolution_low                 50 
_reflns.details                          ? 
_reflns.limit_h_max                      ? 
_reflns.limit_h_min                      ? 
_reflns.limit_k_max                      ? 
_reflns.limit_k_min                      ? 
_reflns.limit_l_max                      ? 
_reflns.limit_l_min                      ? 
_reflns.number_all                       ? 
_reflns.number_obs                       6415 
_reflns.observed_criterion               ? 
_reflns.observed_criterion_F_max         ? 
_reflns.observed_criterion_F_min         ? 
_reflns.observed_criterion_I_max         ? 
_reflns.observed_criterion_I_min         ? 
_reflns.observed_criterion_sigma_F       ? 
_reflns.observed_criterion_sigma_I       ? 
_reflns.percent_possible_obs             99.4 
_reflns.R_free_details                   ? 
_reflns.Rmerge_F_all                     ? 
_reflns.Rmerge_F_obs                     ? 
_reflns.Friedel_coverage                 ? 
_reflns.number_gt                        ? 
_reflns.threshold_expression             ? 
_reflns.pdbx_redundancy                  11.2 
_reflns.pdbx_Rmerge_I_obs                0.061 
_reflns.pdbx_Rmerge_I_all                ? 
_reflns.pdbx_Rsym_value                  ? 
_reflns.pdbx_netI_over_av_sigmaI         4.2 
_reflns.pdbx_netI_over_sigmaI            36.4 
_reflns.pdbx_res_netI_over_av_sigmaI_2   ? 
_reflns.pdbx_res_netI_over_sigmaI_2      ? 
_reflns.pdbx_chi_squared                 ? 
_reflns.pdbx_scaling_rejects             ? 
_reflns.pdbx_d_res_high_opt              ? 
_reflns.pdbx_d_res_low_opt               ? 
_reflns.pdbx_d_res_opt_method            ? 
_reflns.phase_calculation_details        ? 
_reflns.pdbx_Rrim_I_all                  ? 
_reflns.pdbx_Rpim_I_all                  ? 
_reflns.pdbx_d_opt                       ? 
_reflns.pdbx_number_measured_all         ? 
_reflns.pdbx_diffrn_id                   1 
_reflns.pdbx_ordinal                     1 
_reflns.pdbx_CC_half                     ? 
_reflns.pdbx_R_split                     ? 
# 
_reflns_shell.d_res_high                  2.9 
_reflns_shell.d_res_low                   3.0 
_reflns_shell.meanI_over_sigI_all         ? 
_reflns_shell.meanI_over_sigI_obs         0.061 
_reflns_shell.number_measured_all         ? 
_reflns_shell.number_measured_obs         ? 
_reflns_shell.number_possible             ? 
_reflns_shell.number_unique_all           ? 
_reflns_shell.number_unique_obs           ? 
_reflns_shell.percent_possible_all        100 
_reflns_shell.percent_possible_obs        ? 
_reflns_shell.Rmerge_F_all                ? 
_reflns_shell.Rmerge_F_obs                ? 
_reflns_shell.Rmerge_I_all                ? 
_reflns_shell.Rmerge_I_obs                0.702 
_reflns_shell.meanI_over_sigI_gt          ? 
_reflns_shell.meanI_over_uI_all           ? 
_reflns_shell.meanI_over_uI_gt            ? 
_reflns_shell.number_measured_gt          ? 
_reflns_shell.number_unique_gt            ? 
_reflns_shell.percent_possible_gt         ? 
_reflns_shell.Rmerge_F_gt                 ? 
_reflns_shell.Rmerge_I_gt                 ? 
_reflns_shell.pdbx_redundancy             11.4 
_reflns_shell.pdbx_Rsym_value             ? 
_reflns_shell.pdbx_chi_squared            ? 
_reflns_shell.pdbx_netI_over_sigmaI_all   ? 
_reflns_shell.pdbx_netI_over_sigmaI_obs   ? 
_reflns_shell.pdbx_Rrim_I_all             ? 
_reflns_shell.pdbx_Rpim_I_all             ? 
_reflns_shell.pdbx_rejects                ? 
_reflns_shell.pdbx_ordinal                1 
_reflns_shell.pdbx_diffrn_id              1 
_reflns_shell.pdbx_CC_half                ? 
_reflns_shell.pdbx_R_split                ? 
# 
_refine.aniso_B[1][1]                            ? 
_refine.aniso_B[1][2]                            ? 
_refine.aniso_B[1][3]                            ? 
_refine.aniso_B[2][2]                            ? 
_refine.aniso_B[2][3]                            ? 
_refine.aniso_B[3][3]                            ? 
_refine.B_iso_max                                ? 
_refine.B_iso_mean                               ? 
_refine.B_iso_min                                ? 
_refine.correlation_coeff_Fo_to_Fc               ? 
_refine.correlation_coeff_Fo_to_Fc_free          ? 
_refine.details                                  ? 
_refine.diff_density_max                         ? 
_refine.diff_density_max_esd                     ? 
_refine.diff_density_min                         ? 
_refine.diff_density_min_esd                     ? 
_refine.diff_density_rms                         ? 
_refine.diff_density_rms_esd                     ? 
_refine.entry_id                                 5HIZ 
_refine.pdbx_refine_id                           'X-RAY DIFFRACTION' 
_refine.ls_abs_structure_details                 ? 
_refine.ls_abs_structure_Flack                   ? 
_refine.ls_abs_structure_Flack_esd               ? 
_refine.ls_abs_structure_Rogers                  ? 
_refine.ls_abs_structure_Rogers_esd              ? 
_refine.ls_d_res_high                            2.9 
_refine.ls_d_res_low                             50 
_refine.ls_extinction_coef                       ? 
_refine.ls_extinction_coef_esd                   ? 
_refine.ls_extinction_expression                 ? 
_refine.ls_extinction_method                     ? 
_refine.ls_goodness_of_fit_all                   ? 
_refine.ls_goodness_of_fit_all_esd               ? 
_refine.ls_goodness_of_fit_obs                   ? 
_refine.ls_goodness_of_fit_obs_esd               ? 
_refine.ls_hydrogen_treatment                    ? 
_refine.ls_matrix_type                           ? 
_refine.ls_number_constraints                    ? 
_refine.ls_number_parameters                     ? 
_refine.ls_number_reflns_all                     ? 
_refine.ls_number_reflns_obs                     6340 
_refine.ls_number_reflns_R_free                  ? 
_refine.ls_number_reflns_R_work                  ? 
_refine.ls_number_restraints                     ? 
_refine.ls_percent_reflns_obs                    99.4 
_refine.ls_percent_reflns_R_free                 ? 
_refine.ls_R_factor_all                          ? 
_refine.ls_R_factor_obs                          ? 
_refine.ls_R_factor_R_free                       0.3338 
_refine.ls_R_factor_R_free_error                 ? 
_refine.ls_R_factor_R_free_error_details         ? 
_refine.ls_R_factor_R_work                       0.2717 
_refine.ls_R_Fsqd_factor_obs                     ? 
_refine.ls_R_I_factor_obs                        ? 
_refine.ls_redundancy_reflns_all                 ? 
_refine.ls_redundancy_reflns_obs                 ? 
_refine.ls_restrained_S_all                      ? 
_refine.ls_restrained_S_obs                      ? 
_refine.ls_shift_over_esd_max                    ? 
_refine.ls_shift_over_esd_mean                   ? 
_refine.ls_structure_factor_coef                 ? 
_refine.ls_weighting_details                     ? 
_refine.ls_weighting_scheme                      ? 
_refine.ls_wR_factor_all                         ? 
_refine.ls_wR_factor_obs                         ? 
_refine.ls_wR_factor_R_free                      ? 
_refine.ls_wR_factor_R_work                      ? 
_refine.occupancy_max                            ? 
_refine.occupancy_min                            ? 
_refine.solvent_model_details                    ? 
_refine.solvent_model_param_bsol                 ? 
_refine.solvent_model_param_ksol                 ? 
_refine.ls_R_factor_gt                           ? 
_refine.ls_goodness_of_fit_gt                    ? 
_refine.ls_goodness_of_fit_ref                   ? 
_refine.ls_shift_over_su_max                     ? 
_refine.ls_shift_over_su_max_lt                  ? 
_refine.ls_shift_over_su_mean                    ? 
_refine.ls_shift_over_su_mean_lt                 ? 
_refine.pdbx_ls_sigma_I                          ? 
_refine.pdbx_ls_sigma_F                          ? 
_refine.pdbx_ls_sigma_Fsqd                       ? 
_refine.pdbx_data_cutoff_high_absF               ? 
_refine.pdbx_data_cutoff_high_rms_absF           ? 
_refine.pdbx_data_cutoff_low_absF                ? 
_refine.pdbx_isotropic_thermal_model             ? 
_refine.pdbx_ls_cross_valid_method               'FREE R-VALUE' 
_refine.pdbx_method_to_determine_struct          ? 
_refine.pdbx_starting_model                      ? 
_refine.pdbx_stereochemistry_target_values       ? 
_refine.pdbx_R_Free_selection_details            ? 
_refine.pdbx_stereochem_target_val_spec_case     ? 
_refine.pdbx_overall_ESU_R                       ? 
_refine.pdbx_overall_ESU_R_Free                  ? 
_refine.pdbx_solvent_vdw_probe_radii             ? 
_refine.pdbx_solvent_ion_probe_radii             ? 
_refine.pdbx_solvent_shrinkage_radii             ? 
_refine.pdbx_real_space_R                        ? 
_refine.pdbx_density_correlation                 ? 
_refine.pdbx_pd_number_of_powder_patterns        ? 
_refine.pdbx_pd_number_of_points                 ? 
_refine.pdbx_pd_meas_number_of_points            ? 
_refine.pdbx_pd_proc_ls_prof_R_factor            ? 
_refine.pdbx_pd_proc_ls_prof_wR_factor           ? 
_refine.pdbx_pd_Marquardt_correlation_coeff      ? 
_refine.pdbx_pd_Fsqrd_R_factor                   ? 
_refine.pdbx_pd_ls_matrix_band_width             ? 
_refine.pdbx_overall_phase_error                 ? 
_refine.pdbx_overall_SU_R_free_Cruickshank_DPI   ? 
_refine.pdbx_overall_SU_R_free_Blow_DPI          ? 
_refine.pdbx_overall_SU_R_Blow_DPI               ? 
_refine.pdbx_TLS_residual_ADP_flag               ? 
_refine.pdbx_diffrn_id                           1 
_refine.overall_SU_B                             ? 
_refine.overall_SU_ML                            ? 
_refine.overall_SU_R_Cruickshank_DPI             ? 
_refine.overall_SU_R_free                        ? 
_refine.overall_FOM_free_R_set                   ? 
_refine.overall_FOM_work_R_set                   ? 
_refine.pdbx_average_fsc_overall                 ? 
_refine.pdbx_average_fsc_work                    ? 
_refine.pdbx_average_fsc_free                    ? 
# 
_refine_hist.pdbx_refine_id                   'X-RAY DIFFRACTION' 
_refine_hist.cycle_id                         LAST 
_refine_hist.pdbx_number_atoms_protein        1498 
_refine_hist.pdbx_number_atoms_nucleic_acid   0 
_refine_hist.pdbx_number_atoms_ligand         0 
_refine_hist.number_atoms_solvent             0 
_refine_hist.number_atoms_total               1498 
_refine_hist.d_res_high                       2.9 
_refine_hist.d_res_low                        50 
# 
_struct.entry_id                     5HIZ 
_struct.title                        'The structure of PEDV NSP9' 
_struct.pdbx_model_details           ? 
_struct.pdbx_formula_weight          ? 
_struct.pdbx_formula_weight_method   ? 
_struct.pdbx_model_type_details      ? 
_struct.pdbx_CASP_flag               ? 
# 
_struct_keywords.entry_id        5HIZ 
_struct_keywords.text            'RNA binding protein' 
_struct_keywords.pdbx_keywords   'RNA BINDING PROTEIN' 
# 
loop_
_struct_asym.id 
_struct_asym.pdbx_blank_PDB_chainid_flag 
_struct_asym.pdbx_modified 
_struct_asym.entity_id 
_struct_asym.details 
A N N 1 ? 
B N N 1 ? 
# 
_struct_ref.id                         1 
_struct_ref.db_name                    UNP 
_struct_ref.db_code                    R1AB_PEDV7 
_struct_ref.pdbx_db_accession          P0C6Y4 
_struct_ref.pdbx_db_isoform            ? 
_struct_ref.entity_id                  1 
_struct_ref.pdbx_seq_one_letter_code   
;NNEIIPGKLKQRSIKAEGDGIVGEGKALYNNEGGRTFMYAFISDKPDLRVVKWEFDGGCNTIELEPPRKFLVDSPNGAQI
KYLYFVRNLNTLRRGAVLGYIGATVRLQ
;
_struct_ref.pdbx_align_begin           3858 
# 
loop_
_struct_ref_seq.align_id 
_struct_ref_seq.ref_id 
_struct_ref_seq.pdbx_PDB_id_code 
_struct_ref_seq.pdbx_strand_id 
_struct_ref_seq.seq_align_beg 
_struct_ref_seq.pdbx_seq_align_beg_ins_code 
_struct_ref_seq.seq_align_end 
_struct_ref_seq.pdbx_seq_align_end_ins_code 
_struct_ref_seq.pdbx_db_accession 
_struct_ref_seq.db_align_beg 
_struct_ref_seq.pdbx_db_align_beg_ins_code 
_struct_ref_seq.db_align_end 
_struct_ref_seq.pdbx_db_align_end_ins_code 
_struct_ref_seq.pdbx_auth_seq_align_beg 
_struct_ref_seq.pdbx_auth_seq_align_end 
1 1 5HIZ A 1 ? 108 ? P0C6Y4 3858 ? 3965 ? 1 108 
2 1 5HIZ B 1 ? 108 ? P0C6Y4 3858 ? 3965 ? 1 108 
# 
loop_
_struct_ref_seq_dif.align_id 
_struct_ref_seq_dif.pdbx_pdb_id_code 
_struct_ref_seq_dif.mon_id 
_struct_ref_seq_dif.pdbx_pdb_strand_id 
_struct_ref_seq_dif.seq_num 
_struct_ref_seq_dif.pdbx_pdb_ins_code 
_struct_ref_seq_dif.pdbx_seq_db_name 
_struct_ref_seq_dif.pdbx_seq_db_accession_code 
_struct_ref_seq_dif.db_mon_id 
_struct_ref_seq_dif.pdbx_seq_db_seq_num 
_struct_ref_seq_dif.details 
_struct_ref_seq_dif.pdbx_auth_seq_num 
_struct_ref_seq_dif.pdbx_ordinal 
1 5HIZ HIS A 109 ? UNP P0C6Y4 ? ? 'expression tag' 109 1  
1 5HIZ HIS A 110 ? UNP P0C6Y4 ? ? 'expression tag' 110 2  
1 5HIZ HIS A 111 ? UNP P0C6Y4 ? ? 'expression tag' 111 3  
1 5HIZ HIS A 112 ? UNP P0C6Y4 ? ? 'expression tag' 112 4  
1 5HIZ HIS A 113 ? UNP P0C6Y4 ? ? 'expression tag' 113 5  
1 5HIZ HIS A 114 ? UNP P0C6Y4 ? ? 'expression tag' 114 6  
2 5HIZ HIS B 109 ? UNP P0C6Y4 ? ? 'expression tag' 109 7  
2 5HIZ HIS B 110 ? UNP P0C6Y4 ? ? 'expression tag' 110 8  
2 5HIZ HIS B 111 ? UNP P0C6Y4 ? ? 'expression tag' 111 9  
2 5HIZ HIS B 112 ? UNP P0C6Y4 ? ? 'expression tag' 112 10 
2 5HIZ HIS B 113 ? UNP P0C6Y4 ? ? 'expression tag' 113 11 
2 5HIZ HIS B 114 ? UNP P0C6Y4 ? ? 'expression tag' 114 12 
# 
_pdbx_struct_assembly.id                   1 
_pdbx_struct_assembly.details              author_and_software_defined_assembly 
_pdbx_struct_assembly.method_details       PISA 
_pdbx_struct_assembly.oligomeric_details   dimeric 
_pdbx_struct_assembly.oligomeric_count     2 
# 
loop_
_pdbx_struct_assembly_prop.biol_id 
_pdbx_struct_assembly_prop.type 
_pdbx_struct_assembly_prop.value 
_pdbx_struct_assembly_prop.details 
1 'ABSA (A^2)' 1030  ? 
1 MORE         -9    ? 
1 'SSA (A^2)'  11730 ? 
# 
_pdbx_struct_assembly_gen.assembly_id       1 
_pdbx_struct_assembly_gen.oper_expression   1 
_pdbx_struct_assembly_gen.asym_id_list      A,B 
# 
_pdbx_struct_oper_list.id                   1 
_pdbx_struct_oper_list.type                 'identity operation' 
_pdbx_struct_oper_list.name                 1_555 
_pdbx_struct_oper_list.symmetry_operation   x,y,z 
_pdbx_struct_oper_list.matrix[1][1]         1.0000000000 
_pdbx_struct_oper_list.matrix[1][2]         0.0000000000 
_pdbx_struct_oper_list.matrix[1][3]         0.0000000000 
_pdbx_struct_oper_list.vector[1]            0.0000000000 
_pdbx_struct_oper_list.matrix[2][1]         0.0000000000 
_pdbx_struct_oper_list.matrix[2][2]         1.0000000000 
_pdbx_struct_oper_list.matrix[2][3]         0.0000000000 
_pdbx_struct_oper_list.vector[2]            0.0000000000 
_pdbx_struct_oper_list.matrix[3][1]         0.0000000000 
_pdbx_struct_oper_list.matrix[3][2]         0.0000000000 
_pdbx_struct_oper_list.matrix[3][3]         1.0000000000 
_pdbx_struct_oper_list.vector[3]            0.0000000000 
# 
loop_
_struct_conf.conf_type_id 
_struct_conf.id 
_struct_conf.pdbx_PDB_helix_id 
_struct_conf.beg_label_comp_id 
_struct_conf.beg_label_asym_id 
_struct_conf.beg_label_seq_id 
_struct_conf.pdbx_beg_PDB_ins_code 
_struct_conf.end_label_comp_id 
_struct_conf.end_label_asym_id 
_struct_conf.end_label_seq_id 
_struct_conf.pdbx_end_PDB_ins_code 
_struct_conf.beg_auth_comp_id 
_struct_conf.beg_auth_asym_id 
_struct_conf.beg_auth_seq_id 
_struct_conf.end_auth_comp_id 
_struct_conf.end_auth_asym_id 
_struct_conf.end_auth_seq_id 
_struct_conf.pdbx_PDB_helix_class 
_struct_conf.details 
_struct_conf.pdbx_PDB_helix_length 
HELX_P HELX_P1 AA1 ASN A 90 ? GLY A 102 ? ASN A 90 GLY A 102 1 ? 13 
HELX_P HELX_P2 AA2 ASN B 90 ? THR B 104 ? ASN B 90 THR B 104 1 ? 15 
# 
_struct_conf_type.id          HELX_P 
_struct_conf_type.criteria    ? 
_struct_conf_type.reference   ? 
# 
_struct_conn.id                            disulf1 
_struct_conn.conn_type_id                  disulf 
_struct_conn.pdbx_leaving_atom_flag        ? 
_struct_conn.pdbx_PDB_id                   ? 
_struct_conn.ptnr1_label_asym_id           A 
_struct_conn.ptnr1_label_comp_id           CYS 
_struct_conn.ptnr1_label_seq_id            59 
_struct_conn.ptnr1_label_atom_id           SG 
_struct_conn.pdbx_ptnr1_label_alt_id       ? 
_struct_conn.pdbx_ptnr1_PDB_ins_code       ? 
_struct_conn.pdbx_ptnr1_standard_comp_id   ? 
_struct_conn.ptnr1_symmetry                1_555 
_struct_conn.ptnr2_label_asym_id           B 
_struct_conn.ptnr2_label_comp_id           CYS 
_struct_conn.ptnr2_label_seq_id            59 
_struct_conn.ptnr2_label_atom_id           SG 
_struct_conn.pdbx_ptnr2_label_alt_id       ? 
_struct_conn.pdbx_ptnr2_PDB_ins_code       ? 
_struct_conn.ptnr1_auth_asym_id            A 
_struct_conn.ptnr1_auth_comp_id            CYS 
_struct_conn.ptnr1_auth_seq_id             59 
_struct_conn.ptnr2_auth_asym_id            B 
_struct_conn.ptnr2_auth_comp_id            CYS 
_struct_conn.ptnr2_auth_seq_id             59 
_struct_conn.ptnr2_symmetry                5_455 
_struct_conn.pdbx_ptnr3_label_atom_id      ? 
_struct_conn.pdbx_ptnr3_label_seq_id       ? 
_struct_conn.pdbx_ptnr3_label_comp_id      ? 
_struct_conn.pdbx_ptnr3_label_asym_id      ? 
_struct_conn.pdbx_ptnr3_label_alt_id       ? 
_struct_conn.pdbx_ptnr3_PDB_ins_code       ? 
_struct_conn.details                       ? 
_struct_conn.pdbx_dist_value               2.064 
_struct_conn.pdbx_value_order              ? 
_struct_conn.pdbx_role                     ? 
# 
_struct_conn_type.id          disulf 
_struct_conn_type.criteria    ? 
_struct_conn_type.reference   ? 
# 
_pdbx_modification_feature.ordinal                            1 
_pdbx_modification_feature.label_comp_id                      CYS 
_pdbx_modification_feature.label_asym_id                      A 
_pdbx_modification_feature.label_seq_id                       59 
_pdbx_modification_feature.label_alt_id                       ? 
_pdbx_modification_feature.modified_residue_label_comp_id     CYS 
_pdbx_modification_feature.modified_residue_label_asym_id     B 
_pdbx_modification_feature.modified_residue_label_seq_id      59 
_pdbx_modification_feature.modified_residue_label_alt_id      ? 
_pdbx_modification_feature.auth_comp_id                       CYS 
_pdbx_modification_feature.auth_asym_id                       A 
_pdbx_modification_feature.auth_seq_id                        59 
_pdbx_modification_feature.PDB_ins_code                       ? 
_pdbx_modification_feature.symmetry                           1_555 
_pdbx_modification_feature.modified_residue_auth_comp_id      CYS 
_pdbx_modification_feature.modified_residue_auth_asym_id      B 
_pdbx_modification_feature.modified_residue_auth_seq_id       59 
_pdbx_modification_feature.modified_residue_PDB_ins_code      ? 
_pdbx_modification_feature.modified_residue_symmetry          5_455 
_pdbx_modification_feature.comp_id_linking_atom               SG 
_pdbx_modification_feature.modified_residue_id_linking_atom   SG 
_pdbx_modification_feature.modified_residue_id                . 
_pdbx_modification_feature.ref_pcm_id                         . 
_pdbx_modification_feature.ref_comp_id                        . 
_pdbx_modification_feature.type                               None 
_pdbx_modification_feature.category                           'Disulfide bridge' 
# 
loop_
_struct_mon_prot_cis.pdbx_id 
_struct_mon_prot_cis.label_comp_id 
_struct_mon_prot_cis.label_seq_id 
_struct_mon_prot_cis.label_asym_id 
_struct_mon_prot_cis.label_alt_id 
_struct_mon_prot_cis.pdbx_PDB_ins_code 
_struct_mon_prot_cis.auth_comp_id 
_struct_mon_prot_cis.auth_seq_id 
_struct_mon_prot_cis.auth_asym_id 
_struct_mon_prot_cis.pdbx_label_comp_id_2 
_struct_mon_prot_cis.pdbx_label_seq_id_2 
_struct_mon_prot_cis.pdbx_label_asym_id_2 
_struct_mon_prot_cis.pdbx_PDB_ins_code_2 
_struct_mon_prot_cis.pdbx_auth_comp_id_2 
_struct_mon_prot_cis.pdbx_auth_seq_id_2 
_struct_mon_prot_cis.pdbx_auth_asym_id_2 
_struct_mon_prot_cis.pdbx_PDB_model_num 
_struct_mon_prot_cis.pdbx_omega_angle 
1 GLY 20 A . ? GLY 20 A ILE 21 A ? ILE 21 A 1 1.75  
2 GLU 32 A . ? GLU 32 A GLY 33 A ? GLY 33 A 1 9.39  
3 GLY 33 A . ? GLY 33 A GLY 34 A ? GLY 34 A 1 -7.48 
4 GLY 33 B . ? GLY 33 B GLY 34 B ? GLY 34 B 1 -2.46 
# 
loop_
_struct_sheet.id 
_struct_sheet.type 
_struct_sheet.number_strands 
_struct_sheet.details 
AA1 ? 5 ? 
AA2 ? 2 ? 
AA3 ? 5 ? 
AA4 ? 2 ? 
# 
loop_
_struct_sheet_order.sheet_id 
_struct_sheet_order.range_id_1 
_struct_sheet_order.range_id_2 
_struct_sheet_order.offset 
_struct_sheet_order.sense 
AA1 1 2 ? anti-parallel 
AA1 2 3 ? anti-parallel 
AA1 3 4 ? anti-parallel 
AA1 4 5 ? anti-parallel 
AA2 1 2 ? anti-parallel 
AA3 1 2 ? anti-parallel 
AA3 2 3 ? anti-parallel 
AA3 3 4 ? anti-parallel 
AA3 4 5 ? anti-parallel 
AA4 1 2 ? anti-parallel 
# 
loop_
_struct_sheet_range.sheet_id 
_struct_sheet_range.id 
_struct_sheet_range.beg_label_comp_id 
_struct_sheet_range.beg_label_asym_id 
_struct_sheet_range.beg_label_seq_id 
_struct_sheet_range.pdbx_beg_PDB_ins_code 
_struct_sheet_range.end_label_comp_id 
_struct_sheet_range.end_label_asym_id 
_struct_sheet_range.end_label_seq_id 
_struct_sheet_range.pdbx_end_PDB_ins_code 
_struct_sheet_range.beg_auth_comp_id 
_struct_sheet_range.beg_auth_asym_id 
_struct_sheet_range.beg_auth_seq_id 
_struct_sheet_range.end_auth_comp_id 
_struct_sheet_range.end_auth_asym_id 
_struct_sheet_range.end_auth_seq_id 
AA1 1 LYS A 10 ? GLU A 17 ? LYS A 10 GLU A 17 
AA1 2 VAL A 22 ? ASN A 31 ? VAL A 22 ASN A 31 
AA1 3 THR A 36 ? SER A 43 ? THR A 36 SER A 43 
AA1 4 ALA A 78 ? PHE A 85 ? ALA A 78 PHE A 85 
AA1 5 ARG A 68 ? ASP A 73 ? ARG A 68 ASP A 73 
AA2 1 VAL A 50 ? TRP A 53 ? VAL A 50 TRP A 53 
AA2 2 ASN A 60 ? GLU A 63 ? ASN A 60 GLU A 63 
AA3 1 LYS B 10 ? GLU B 17 ? LYS B 10 GLU B 17 
AA3 2 VAL B 22 ? ASN B 31 ? VAL B 22 ASN B 31 
AA3 3 THR B 36 ? ILE B 42 ? THR B 36 ILE B 42 
AA3 4 GLN B 79 ? PHE B 85 ? GLN B 79 PHE B 85 
AA3 5 ARG B 68 ? VAL B 72 ? ARG B 68 VAL B 72 
AA4 1 VAL B 50 ? LYS B 52 ? VAL B 50 LYS B 52 
AA4 2 THR B 61 ? GLU B 63 ? THR B 61 GLU B 63 
# 
loop_
_pdbx_struct_sheet_hbond.sheet_id 
_pdbx_struct_sheet_hbond.range_id_1 
_pdbx_struct_sheet_hbond.range_id_2 
_pdbx_struct_sheet_hbond.range_1_label_atom_id 
_pdbx_struct_sheet_hbond.range_1_label_comp_id 
_pdbx_struct_sheet_hbond.range_1_label_asym_id 
_pdbx_struct_sheet_hbond.range_1_label_seq_id 
_pdbx_struct_sheet_hbond.range_1_PDB_ins_code 
_pdbx_struct_sheet_hbond.range_1_auth_atom_id 
_pdbx_struct_sheet_hbond.range_1_auth_comp_id 
_pdbx_struct_sheet_hbond.range_1_auth_asym_id 
_pdbx_struct_sheet_hbond.range_1_auth_seq_id 
_pdbx_struct_sheet_hbond.range_2_label_atom_id 
_pdbx_struct_sheet_hbond.range_2_label_comp_id 
_pdbx_struct_sheet_hbond.range_2_label_asym_id 
_pdbx_struct_sheet_hbond.range_2_label_seq_id 
_pdbx_struct_sheet_hbond.range_2_PDB_ins_code 
_pdbx_struct_sheet_hbond.range_2_auth_atom_id 
_pdbx_struct_sheet_hbond.range_2_auth_comp_id 
_pdbx_struct_sheet_hbond.range_2_auth_asym_id 
_pdbx_struct_sheet_hbond.range_2_auth_seq_id 
AA1 1 2 N ARG A 12 ? N ARG A 12 O ALA A 27 ? O ALA A 27 
AA1 2 3 N LYS A 26 ? N LYS A 26 O ILE A 42 ? O ILE A 42 
AA1 3 4 N PHE A 41 ? N PHE A 41 O TYR A 84 ? O TYR A 84 
AA1 4 5 O LYS A 81 ? O LYS A 81 N PHE A 70 ? N PHE A 70 
AA2 1 2 N VAL A 51 ? N VAL A 51 O ILE A 62 ? O ILE A 62 
AA3 1 2 N ARG B 12 ? N ARG B 12 O ALA B 27 ? O ALA B 27 
AA3 2 3 N ASN B 30 ? N ASN B 30 O PHE B 37 ? O PHE B 37 
AA3 3 4 N PHE B 41 ? N PHE B 41 O TYR B 84 ? O TYR B 84 
AA3 4 5 O LYS B 81 ? O LYS B 81 N PHE B 70 ? N PHE B 70 
AA4 1 2 N VAL B 51 ? N VAL B 51 O ILE B 62 ? O ILE B 62 
# 
_pdbx_entry_details.entry_id                   5HIZ 
_pdbx_entry_details.compound_details           ? 
_pdbx_entry_details.source_details             ? 
_pdbx_entry_details.nonpolymer_details         ? 
_pdbx_entry_details.sequence_details           ? 
_pdbx_entry_details.has_ligand_of_interest     ? 
_pdbx_entry_details.has_protein_modification   Y 
# 
_pdbx_validate_rmsd_angle.id                         1 
_pdbx_validate_rmsd_angle.PDB_model_num              1 
_pdbx_validate_rmsd_angle.auth_atom_id_1             C 
_pdbx_validate_rmsd_angle.auth_asym_id_1             B 
_pdbx_validate_rmsd_angle.auth_comp_id_1             SER 
_pdbx_validate_rmsd_angle.auth_seq_id_1              74 
_pdbx_validate_rmsd_angle.PDB_ins_code_1             ? 
_pdbx_validate_rmsd_angle.label_alt_id_1             ? 
_pdbx_validate_rmsd_angle.auth_atom_id_2             N 
_pdbx_validate_rmsd_angle.auth_asym_id_2             B 
_pdbx_validate_rmsd_angle.auth_comp_id_2             PRO 
_pdbx_validate_rmsd_angle.auth_seq_id_2              75 
_pdbx_validate_rmsd_angle.PDB_ins_code_2             ? 
_pdbx_validate_rmsd_angle.label_alt_id_2             ? 
_pdbx_validate_rmsd_angle.auth_atom_id_3             CA 
_pdbx_validate_rmsd_angle.auth_asym_id_3             B 
_pdbx_validate_rmsd_angle.auth_comp_id_3             PRO 
_pdbx_validate_rmsd_angle.auth_seq_id_3              75 
_pdbx_validate_rmsd_angle.PDB_ins_code_3             ? 
_pdbx_validate_rmsd_angle.label_alt_id_3             ? 
_pdbx_validate_rmsd_angle.angle_value                130.23 
_pdbx_validate_rmsd_angle.angle_target_value         119.30 
_pdbx_validate_rmsd_angle.angle_deviation            10.93 
_pdbx_validate_rmsd_angle.angle_standard_deviation   1.50 
_pdbx_validate_rmsd_angle.linker_flag                Y 
# 
loop_
_pdbx_validate_torsion.id 
_pdbx_validate_torsion.PDB_model_num 
_pdbx_validate_torsion.auth_comp_id 
_pdbx_validate_torsion.auth_asym_id 
_pdbx_validate_torsion.auth_seq_id 
_pdbx_validate_torsion.PDB_ins_code 
_pdbx_validate_torsion.label_alt_id 
_pdbx_validate_torsion.phi 
_pdbx_validate_torsion.psi 
1  1 ASP A 19  ? ? -27.65  -42.62  
2  1 ILE A 21  ? ? 127.15  132.73  
3  1 THR A 61  ? ? -52.67  101.79  
4  1 PRO A 75  ? ? -65.96  62.92   
5  1 ASN A 76  ? ? -171.58 37.42   
6  1 VAL A 97  ? ? -53.30  -77.66  
7  1 LEU A 98  ? ? -29.93  -53.01  
8  1 ILE A 101 ? ? -43.89  -78.09  
9  1 ARG B 12  ? ? -171.80 131.76  
10 1 ILE B 21  ? ? -154.50 -131.71 
11 1 SER B 43  ? ? -93.30  -131.38 
12 1 ASP B 44  ? ? -164.13 -4.89   
13 1 THR B 61  ? ? -56.44  103.65  
14 1 SER B 74  ? ? 164.69  166.67  
15 1 PRO B 75  ? ? -49.27  -19.98  
16 1 ILE B 101 ? ? -42.92  -72.12  
17 1 THR B 104 ? ? -69.43  98.40   
# 
loop_
_pdbx_unobs_or_zero_occ_residues.id 
_pdbx_unobs_or_zero_occ_residues.PDB_model_num 
_pdbx_unobs_or_zero_occ_residues.polymer_flag 
_pdbx_unobs_or_zero_occ_residues.occupancy_flag 
_pdbx_unobs_or_zero_occ_residues.auth_asym_id 
_pdbx_unobs_or_zero_occ_residues.auth_comp_id 
_pdbx_unobs_or_zero_occ_residues.auth_seq_id 
_pdbx_unobs_or_zero_occ_residues.PDB_ins_code 
_pdbx_unobs_or_zero_occ_residues.label_asym_id 
_pdbx_unobs_or_zero_occ_residues.label_comp_id 
_pdbx_unobs_or_zero_occ_residues.label_seq_id 
1  1 Y 1 A ASN 1   ? A ASN 1   
2  1 Y 1 A ASN 2   ? A ASN 2   
3  1 Y 1 A GLU 3   ? A GLU 3   
4  1 Y 1 A ILE 4   ? A ILE 4   
5  1 Y 1 A ILE 5   ? A ILE 5   
6  1 Y 1 A PRO 6   ? A PRO 6   
7  1 Y 1 A GLU 54  ? A GLU 54  
8  1 Y 1 A PHE 55  ? A PHE 55  
9  1 Y 1 A ASP 56  ? A ASP 56  
10 1 Y 1 A ARG 106 ? A ARG 106 
11 1 Y 1 A LEU 107 ? A LEU 107 
12 1 Y 1 A GLN 108 ? A GLN 108 
13 1 Y 1 A HIS 109 ? A HIS 109 
14 1 Y 1 A HIS 110 ? A HIS 110 
15 1 Y 1 A HIS 111 ? A HIS 111 
16 1 Y 1 A HIS 112 ? A HIS 112 
17 1 Y 1 A HIS 113 ? A HIS 113 
18 1 Y 1 A HIS 114 ? A HIS 114 
19 1 Y 1 B ASN 1   ? B ASN 1   
20 1 Y 1 B ASN 2   ? B ASN 2   
21 1 Y 1 B GLU 3   ? B GLU 3   
22 1 Y 1 B ILE 4   ? B ILE 4   
23 1 Y 1 B ILE 5   ? B ILE 5   
24 1 Y 1 B PRO 6   ? B PRO 6   
25 1 Y 1 B GLU 54  ? B GLU 54  
26 1 Y 1 B PHE 55  ? B PHE 55  
27 1 Y 1 B ASP 56  ? B ASP 56  
28 1 Y 1 B ARG 106 ? B ARG 106 
29 1 Y 1 B LEU 107 ? B LEU 107 
30 1 Y 1 B GLN 108 ? B GLN 108 
31 1 Y 1 B HIS 109 ? B HIS 109 
32 1 Y 1 B HIS 110 ? B HIS 110 
33 1 Y 1 B HIS 111 ? B HIS 111 
34 1 Y 1 B HIS 112 ? B HIS 112 
35 1 Y 1 B HIS 113 ? B HIS 113 
36 1 Y 1 B HIS 114 ? B HIS 114 
# 
loop_
_chem_comp_atom.comp_id 
_chem_comp_atom.atom_id 
_chem_comp_atom.type_symbol 
_chem_comp_atom.pdbx_aromatic_flag 
_chem_comp_atom.pdbx_stereo_config 
_chem_comp_atom.pdbx_ordinal 
ALA N    N N N 1   
ALA CA   C N S 2   
ALA C    C N N 3   
ALA O    O N N 4   
ALA CB   C N N 5   
ALA OXT  O N N 6   
ALA H    H N N 7   
ALA H2   H N N 8   
ALA HA   H N N 9   
ALA HB1  H N N 10  
ALA HB2  H N N 11  
ALA HB3  H N N 12  
ALA HXT  H N N 13  
ARG N    N N N 14  
ARG CA   C N S 15  
ARG C    C N N 16  
ARG O    O N N 17  
ARG CB   C N N 18  
ARG CG   C N N 19  
ARG CD   C N N 20  
ARG NE   N N N 21  
ARG CZ   C N N 22  
ARG NH1  N N N 23  
ARG NH2  N N N 24  
ARG OXT  O N N 25  
ARG H    H N N 26  
ARG H2   H N N 27  
ARG HA   H N N 28  
ARG HB2  H N N 29  
ARG HB3  H N N 30  
ARG HG2  H N N 31  
ARG HG3  H N N 32  
ARG HD2  H N N 33  
ARG HD3  H N N 34  
ARG HE   H N N 35  
ARG HH11 H N N 36  
ARG HH12 H N N 37  
ARG HH21 H N N 38  
ARG HH22 H N N 39  
ARG HXT  H N N 40  
ASN N    N N N 41  
ASN CA   C N S 42  
ASN C    C N N 43  
ASN O    O N N 44  
ASN CB   C N N 45  
ASN CG   C N N 46  
ASN OD1  O N N 47  
ASN ND2  N N N 48  
ASN OXT  O N N 49  
ASN H    H N N 50  
ASN H2   H N N 51  
ASN HA   H N N 52  
ASN HB2  H N N 53  
ASN HB3  H N N 54  
ASN HD21 H N N 55  
ASN HD22 H N N 56  
ASN HXT  H N N 57  
ASP N    N N N 58  
ASP CA   C N S 59  
ASP C    C N N 60  
ASP O    O N N 61  
ASP CB   C N N 62  
ASP CG   C N N 63  
ASP OD1  O N N 64  
ASP OD2  O N N 65  
ASP OXT  O N N 66  
ASP H    H N N 67  
ASP H2   H N N 68  
ASP HA   H N N 69  
ASP HB2  H N N 70  
ASP HB3  H N N 71  
ASP HD2  H N N 72  
ASP HXT  H N N 73  
CYS N    N N N 74  
CYS CA   C N R 75  
CYS C    C N N 76  
CYS O    O N N 77  
CYS CB   C N N 78  
CYS SG   S N N 79  
CYS OXT  O N N 80  
CYS H    H N N 81  
CYS H2   H N N 82  
CYS HA   H N N 83  
CYS HB2  H N N 84  
CYS HB3  H N N 85  
CYS HG   H N N 86  
CYS HXT  H N N 87  
GLN N    N N N 88  
GLN CA   C N S 89  
GLN C    C N N 90  
GLN O    O N N 91  
GLN CB   C N N 92  
GLN CG   C N N 93  
GLN CD   C N N 94  
GLN OE1  O N N 95  
GLN NE2  N N N 96  
GLN OXT  O N N 97  
GLN H    H N N 98  
GLN H2   H N N 99  
GLN HA   H N N 100 
GLN HB2  H N N 101 
GLN HB3  H N N 102 
GLN HG2  H N N 103 
GLN HG3  H N N 104 
GLN HE21 H N N 105 
GLN HE22 H N N 106 
GLN HXT  H N N 107 
GLU N    N N N 108 
GLU CA   C N S 109 
GLU C    C N N 110 
GLU O    O N N 111 
GLU CB   C N N 112 
GLU CG   C N N 113 
GLU CD   C N N 114 
GLU OE1  O N N 115 
GLU OE2  O N N 116 
GLU OXT  O N N 117 
GLU H    H N N 118 
GLU H2   H N N 119 
GLU HA   H N N 120 
GLU HB2  H N N 121 
GLU HB3  H N N 122 
GLU HG2  H N N 123 
GLU HG3  H N N 124 
GLU HE2  H N N 125 
GLU HXT  H N N 126 
GLY N    N N N 127 
GLY CA   C N N 128 
GLY C    C N N 129 
GLY O    O N N 130 
GLY OXT  O N N 131 
GLY H    H N N 132 
GLY H2   H N N 133 
GLY HA2  H N N 134 
GLY HA3  H N N 135 
GLY HXT  H N N 136 
HIS N    N N N 137 
HIS CA   C N S 138 
HIS C    C N N 139 
HIS O    O N N 140 
HIS CB   C N N 141 
HIS CG   C Y N 142 
HIS ND1  N Y N 143 
HIS CD2  C Y N 144 
HIS CE1  C Y N 145 
HIS NE2  N Y N 146 
HIS OXT  O N N 147 
HIS H    H N N 148 
HIS H2   H N N 149 
HIS HA   H N N 150 
HIS HB2  H N N 151 
HIS HB3  H N N 152 
HIS HD1  H N N 153 
HIS HD2  H N N 154 
HIS HE1  H N N 155 
HIS HE2  H N N 156 
HIS HXT  H N N 157 
ILE N    N N N 158 
ILE CA   C N S 159 
ILE C    C N N 160 
ILE O    O N N 161 
ILE CB   C N S 162 
ILE CG1  C N N 163 
ILE CG2  C N N 164 
ILE CD1  C N N 165 
ILE OXT  O N N 166 
ILE H    H N N 167 
ILE H2   H N N 168 
ILE HA   H N N 169 
ILE HB   H N N 170 
ILE HG12 H N N 171 
ILE HG13 H N N 172 
ILE HG21 H N N 173 
ILE HG22 H N N 174 
ILE HG23 H N N 175 
ILE HD11 H N N 176 
ILE HD12 H N N 177 
ILE HD13 H N N 178 
ILE HXT  H N N 179 
LEU N    N N N 180 
LEU CA   C N S 181 
LEU C    C N N 182 
LEU O    O N N 183 
LEU CB   C N N 184 
LEU CG   C N N 185 
LEU CD1  C N N 186 
LEU CD2  C N N 187 
LEU OXT  O N N 188 
LEU H    H N N 189 
LEU H2   H N N 190 
LEU HA   H N N 191 
LEU HB2  H N N 192 
LEU HB3  H N N 193 
LEU HG   H N N 194 
LEU HD11 H N N 195 
LEU HD12 H N N 196 
LEU HD13 H N N 197 
LEU HD21 H N N 198 
LEU HD22 H N N 199 
LEU HD23 H N N 200 
LEU HXT  H N N 201 
LYS N    N N N 202 
LYS CA   C N S 203 
LYS C    C N N 204 
LYS O    O N N 205 
LYS CB   C N N 206 
LYS CG   C N N 207 
LYS CD   C N N 208 
LYS CE   C N N 209 
LYS NZ   N N N 210 
LYS OXT  O N N 211 
LYS H    H N N 212 
LYS H2   H N N 213 
LYS HA   H N N 214 
LYS HB2  H N N 215 
LYS HB3  H N N 216 
LYS HG2  H N N 217 
LYS HG3  H N N 218 
LYS HD2  H N N 219 
LYS HD3  H N N 220 
LYS HE2  H N N 221 
LYS HE3  H N N 222 
LYS HZ1  H N N 223 
LYS HZ2  H N N 224 
LYS HZ3  H N N 225 
LYS HXT  H N N 226 
MET N    N N N 227 
MET CA   C N S 228 
MET C    C N N 229 
MET O    O N N 230 
MET CB   C N N 231 
MET CG   C N N 232 
MET SD   S N N 233 
MET CE   C N N 234 
MET OXT  O N N 235 
MET H    H N N 236 
MET H2   H N N 237 
MET HA   H N N 238 
MET HB2  H N N 239 
MET HB3  H N N 240 
MET HG2  H N N 241 
MET HG3  H N N 242 
MET HE1  H N N 243 
MET HE2  H N N 244 
MET HE3  H N N 245 
MET HXT  H N N 246 
PHE N    N N N 247 
PHE CA   C N S 248 
PHE C    C N N 249 
PHE O    O N N 250 
PHE CB   C N N 251 
PHE CG   C Y N 252 
PHE CD1  C Y N 253 
PHE CD2  C Y N 254 
PHE CE1  C Y N 255 
PHE CE2  C Y N 256 
PHE CZ   C Y N 257 
PHE OXT  O N N 258 
PHE H    H N N 259 
PHE H2   H N N 260 
PHE HA   H N N 261 
PHE HB2  H N N 262 
PHE HB3  H N N 263 
PHE HD1  H N N 264 
PHE HD2  H N N 265 
PHE HE1  H N N 266 
PHE HE2  H N N 267 
PHE HZ   H N N 268 
PHE HXT  H N N 269 
PRO N    N N N 270 
PRO CA   C N S 271 
PRO C    C N N 272 
PRO O    O N N 273 
PRO CB   C N N 274 
PRO CG   C N N 275 
PRO CD   C N N 276 
PRO OXT  O N N 277 
PRO H    H N N 278 
PRO HA   H N N 279 
PRO HB2  H N N 280 
PRO HB3  H N N 281 
PRO HG2  H N N 282 
PRO HG3  H N N 283 
PRO HD2  H N N 284 
PRO HD3  H N N 285 
PRO HXT  H N N 286 
SER N    N N N 287 
SER CA   C N S 288 
SER C    C N N 289 
SER O    O N N 290 
SER CB   C N N 291 
SER OG   O N N 292 
SER OXT  O N N 293 
SER H    H N N 294 
SER H2   H N N 295 
SER HA   H N N 296 
SER HB2  H N N 297 
SER HB3  H N N 298 
SER HG   H N N 299 
SER HXT  H N N 300 
THR N    N N N 301 
THR CA   C N S 302 
THR C    C N N 303 
THR O    O N N 304 
THR CB   C N R 305 
THR OG1  O N N 306 
THR CG2  C N N 307 
THR OXT  O N N 308 
THR H    H N N 309 
THR H2   H N N 310 
THR HA   H N N 311 
THR HB   H N N 312 
THR HG1  H N N 313 
THR HG21 H N N 314 
THR HG22 H N N 315 
THR HG23 H N N 316 
THR HXT  H N N 317 
TRP N    N N N 318 
TRP CA   C N S 319 
TRP C    C N N 320 
TRP O    O N N 321 
TRP CB   C N N 322 
TRP CG   C Y N 323 
TRP CD1  C Y N 324 
TRP CD2  C Y N 325 
TRP NE1  N Y N 326 
TRP CE2  C Y N 327 
TRP CE3  C Y N 328 
TRP CZ2  C Y N 329 
TRP CZ3  C Y N 330 
TRP CH2  C Y N 331 
TRP OXT  O N N 332 
TRP H    H N N 333 
TRP H2   H N N 334 
TRP HA   H N N 335 
TRP HB2  H N N 336 
TRP HB3  H N N 337 
TRP HD1  H N N 338 
TRP HE1  H N N 339 
TRP HE3  H N N 340 
TRP HZ2  H N N 341 
TRP HZ3  H N N 342 
TRP HH2  H N N 343 
TRP HXT  H N N 344 
TYR N    N N N 345 
TYR CA   C N S 346 
TYR C    C N N 347 
TYR O    O N N 348 
TYR CB   C N N 349 
TYR CG   C Y N 350 
TYR CD1  C Y N 351 
TYR CD2  C Y N 352 
TYR CE1  C Y N 353 
TYR CE2  C Y N 354 
TYR CZ   C Y N 355 
TYR OH   O N N 356 
TYR OXT  O N N 357 
TYR H    H N N 358 
TYR H2   H N N 359 
TYR HA   H N N 360 
TYR HB2  H N N 361 
TYR HB3  H N N 362 
TYR HD1  H N N 363 
TYR HD2  H N N 364 
TYR HE1  H N N 365 
TYR HE2  H N N 366 
TYR HH   H N N 367 
TYR HXT  H N N 368 
VAL N    N N N 369 
VAL CA   C N S 370 
VAL C    C N N 371 
VAL O    O N N 372 
VAL CB   C N N 373 
VAL CG1  C N N 374 
VAL CG2  C N N 375 
VAL OXT  O N N 376 
VAL H    H N N 377 
VAL H2   H N N 378 
VAL HA   H N N 379 
VAL HB   H N N 380 
VAL HG11 H N N 381 
VAL HG12 H N N 382 
VAL HG13 H N N 383 
VAL HG21 H N N 384 
VAL HG22 H N N 385 
VAL HG23 H N N 386 
VAL HXT  H N N 387 
# 
loop_
_chem_comp_bond.comp_id 
_chem_comp_bond.atom_id_1 
_chem_comp_bond.atom_id_2 
_chem_comp_bond.value_order 
_chem_comp_bond.pdbx_aromatic_flag 
_chem_comp_bond.pdbx_stereo_config 
_chem_comp_bond.pdbx_ordinal 
ALA N   CA   sing N N 1   
ALA N   H    sing N N 2   
ALA N   H2   sing N N 3   
ALA CA  C    sing N N 4   
ALA CA  CB   sing N N 5   
ALA CA  HA   sing N N 6   
ALA C   O    doub N N 7   
ALA C   OXT  sing N N 8   
ALA CB  HB1  sing N N 9   
ALA CB  HB2  sing N N 10  
ALA CB  HB3  sing N N 11  
ALA OXT HXT  sing N N 12  
ARG N   CA   sing N N 13  
ARG N   H    sing N N 14  
ARG N   H2   sing N N 15  
ARG CA  C    sing N N 16  
ARG CA  CB   sing N N 17  
ARG CA  HA   sing N N 18  
ARG C   O    doub N N 19  
ARG C   OXT  sing N N 20  
ARG CB  CG   sing N N 21  
ARG CB  HB2  sing N N 22  
ARG CB  HB3  sing N N 23  
ARG CG  CD   sing N N 24  
ARG CG  HG2  sing N N 25  
ARG CG  HG3  sing N N 26  
ARG CD  NE   sing N N 27  
ARG CD  HD2  sing N N 28  
ARG CD  HD3  sing N N 29  
ARG NE  CZ   sing N N 30  
ARG NE  HE   sing N N 31  
ARG CZ  NH1  sing N N 32  
ARG CZ  NH2  doub N N 33  
ARG NH1 HH11 sing N N 34  
ARG NH1 HH12 sing N N 35  
ARG NH2 HH21 sing N N 36  
ARG NH2 HH22 sing N N 37  
ARG OXT HXT  sing N N 38  
ASN N   CA   sing N N 39  
ASN N   H    sing N N 40  
ASN N   H2   sing N N 41  
ASN CA  C    sing N N 42  
ASN CA  CB   sing N N 43  
ASN CA  HA   sing N N 44  
ASN C   O    doub N N 45  
ASN C   OXT  sing N N 46  
ASN CB  CG   sing N N 47  
ASN CB  HB2  sing N N 48  
ASN CB  HB3  sing N N 49  
ASN CG  OD1  doub N N 50  
ASN CG  ND2  sing N N 51  
ASN ND2 HD21 sing N N 52  
ASN ND2 HD22 sing N N 53  
ASN OXT HXT  sing N N 54  
ASP N   CA   sing N N 55  
ASP N   H    sing N N 56  
ASP N   H2   sing N N 57  
ASP CA  C    sing N N 58  
ASP CA  CB   sing N N 59  
ASP CA  HA   sing N N 60  
ASP C   O    doub N N 61  
ASP C   OXT  sing N N 62  
ASP CB  CG   sing N N 63  
ASP CB  HB2  sing N N 64  
ASP CB  HB3  sing N N 65  
ASP CG  OD1  doub N N 66  
ASP CG  OD2  sing N N 67  
ASP OD2 HD2  sing N N 68  
ASP OXT HXT  sing N N 69  
CYS N   CA   sing N N 70  
CYS N   H    sing N N 71  
CYS N   H2   sing N N 72  
CYS CA  C    sing N N 73  
CYS CA  CB   sing N N 74  
CYS CA  HA   sing N N 75  
CYS C   O    doub N N 76  
CYS C   OXT  sing N N 77  
CYS CB  SG   sing N N 78  
CYS CB  HB2  sing N N 79  
CYS CB  HB3  sing N N 80  
CYS SG  HG   sing N N 81  
CYS OXT HXT  sing N N 82  
GLN N   CA   sing N N 83  
GLN N   H    sing N N 84  
GLN N   H2   sing N N 85  
GLN CA  C    sing N N 86  
GLN CA  CB   sing N N 87  
GLN CA  HA   sing N N 88  
GLN C   O    doub N N 89  
GLN C   OXT  sing N N 90  
GLN CB  CG   sing N N 91  
GLN CB  HB2  sing N N 92  
GLN CB  HB3  sing N N 93  
GLN CG  CD   sing N N 94  
GLN CG  HG2  sing N N 95  
GLN CG  HG3  sing N N 96  
GLN CD  OE1  doub N N 97  
GLN CD  NE2  sing N N 98  
GLN NE2 HE21 sing N N 99  
GLN NE2 HE22 sing N N 100 
GLN OXT HXT  sing N N 101 
GLU N   CA   sing N N 102 
GLU N   H    sing N N 103 
GLU N   H2   sing N N 104 
GLU CA  C    sing N N 105 
GLU CA  CB   sing N N 106 
GLU CA  HA   sing N N 107 
GLU C   O    doub N N 108 
GLU C   OXT  sing N N 109 
GLU CB  CG   sing N N 110 
GLU CB  HB2  sing N N 111 
GLU CB  HB3  sing N N 112 
GLU CG  CD   sing N N 113 
GLU CG  HG2  sing N N 114 
GLU CG  HG3  sing N N 115 
GLU CD  OE1  doub N N 116 
GLU CD  OE2  sing N N 117 
GLU OE2 HE2  sing N N 118 
GLU OXT HXT  sing N N 119 
GLY N   CA   sing N N 120 
GLY N   H    sing N N 121 
GLY N   H2   sing N N 122 
GLY CA  C    sing N N 123 
GLY CA  HA2  sing N N 124 
GLY CA  HA3  sing N N 125 
GLY C   O    doub N N 126 
GLY C   OXT  sing N N 127 
GLY OXT HXT  sing N N 128 
HIS N   CA   sing N N 129 
HIS N   H    sing N N 130 
HIS N   H2   sing N N 131 
HIS CA  C    sing N N 132 
HIS CA  CB   sing N N 133 
HIS CA  HA   sing N N 134 
HIS C   O    doub N N 135 
HIS C   OXT  sing N N 136 
HIS CB  CG   sing N N 137 
HIS CB  HB2  sing N N 138 
HIS CB  HB3  sing N N 139 
HIS CG  ND1  sing Y N 140 
HIS CG  CD2  doub Y N 141 
HIS ND1 CE1  doub Y N 142 
HIS ND1 HD1  sing N N 143 
HIS CD2 NE2  sing Y N 144 
HIS CD2 HD2  sing N N 145 
HIS CE1 NE2  sing Y N 146 
HIS CE1 HE1  sing N N 147 
HIS NE2 HE2  sing N N 148 
HIS OXT HXT  sing N N 149 
ILE N   CA   sing N N 150 
ILE N   H    sing N N 151 
ILE N   H2   sing N N 152 
ILE CA  C    sing N N 153 
ILE CA  CB   sing N N 154 
ILE CA  HA   sing N N 155 
ILE C   O    doub N N 156 
ILE C   OXT  sing N N 157 
ILE CB  CG1  sing N N 158 
ILE CB  CG2  sing N N 159 
ILE CB  HB   sing N N 160 
ILE CG1 CD1  sing N N 161 
ILE CG1 HG12 sing N N 162 
ILE CG1 HG13 sing N N 163 
ILE CG2 HG21 sing N N 164 
ILE CG2 HG22 sing N N 165 
ILE CG2 HG23 sing N N 166 
ILE CD1 HD11 sing N N 167 
ILE CD1 HD12 sing N N 168 
ILE CD1 HD13 sing N N 169 
ILE OXT HXT  sing N N 170 
LEU N   CA   sing N N 171 
LEU N   H    sing N N 172 
LEU N   H2   sing N N 173 
LEU CA  C    sing N N 174 
LEU CA  CB   sing N N 175 
LEU CA  HA   sing N N 176 
LEU C   O    doub N N 177 
LEU C   OXT  sing N N 178 
LEU CB  CG   sing N N 179 
LEU CB  HB2  sing N N 180 
LEU CB  HB3  sing N N 181 
LEU CG  CD1  sing N N 182 
LEU CG  CD2  sing N N 183 
LEU CG  HG   sing N N 184 
LEU CD1 HD11 sing N N 185 
LEU CD1 HD12 sing N N 186 
LEU CD1 HD13 sing N N 187 
LEU CD2 HD21 sing N N 188 
LEU CD2 HD22 sing N N 189 
LEU CD2 HD23 sing N N 190 
LEU OXT HXT  sing N N 191 
LYS N   CA   sing N N 192 
LYS N   H    sing N N 193 
LYS N   H2   sing N N 194 
LYS CA  C    sing N N 195 
LYS CA  CB   sing N N 196 
LYS CA  HA   sing N N 197 
LYS C   O    doub N N 198 
LYS C   OXT  sing N N 199 
LYS CB  CG   sing N N 200 
LYS CB  HB2  sing N N 201 
LYS CB  HB3  sing N N 202 
LYS CG  CD   sing N N 203 
LYS CG  HG2  sing N N 204 
LYS CG  HG3  sing N N 205 
LYS CD  CE   sing N N 206 
LYS CD  HD2  sing N N 207 
LYS CD  HD3  sing N N 208 
LYS CE  NZ   sing N N 209 
LYS CE  HE2  sing N N 210 
LYS CE  HE3  sing N N 211 
LYS NZ  HZ1  sing N N 212 
LYS NZ  HZ2  sing N N 213 
LYS NZ  HZ3  sing N N 214 
LYS OXT HXT  sing N N 215 
MET N   CA   sing N N 216 
MET N   H    sing N N 217 
MET N   H2   sing N N 218 
MET CA  C    sing N N 219 
MET CA  CB   sing N N 220 
MET CA  HA   sing N N 221 
MET C   O    doub N N 222 
MET C   OXT  sing N N 223 
MET CB  CG   sing N N 224 
MET CB  HB2  sing N N 225 
MET CB  HB3  sing N N 226 
MET CG  SD   sing N N 227 
MET CG  HG2  sing N N 228 
MET CG  HG3  sing N N 229 
MET SD  CE   sing N N 230 
MET CE  HE1  sing N N 231 
MET CE  HE2  sing N N 232 
MET CE  HE3  sing N N 233 
MET OXT HXT  sing N N 234 
PHE N   CA   sing N N 235 
PHE N   H    sing N N 236 
PHE N   H2   sing N N 237 
PHE CA  C    sing N N 238 
PHE CA  CB   sing N N 239 
PHE CA  HA   sing N N 240 
PHE C   O    doub N N 241 
PHE C   OXT  sing N N 242 
PHE CB  CG   sing N N 243 
PHE CB  HB2  sing N N 244 
PHE CB  HB3  sing N N 245 
PHE CG  CD1  doub Y N 246 
PHE CG  CD2  sing Y N 247 
PHE CD1 CE1  sing Y N 248 
PHE CD1 HD1  sing N N 249 
PHE CD2 CE2  doub Y N 250 
PHE CD2 HD2  sing N N 251 
PHE CE1 CZ   doub Y N 252 
PHE CE1 HE1  sing N N 253 
PHE CE2 CZ   sing Y N 254 
PHE CE2 HE2  sing N N 255 
PHE CZ  HZ   sing N N 256 
PHE OXT HXT  sing N N 257 
PRO N   CA   sing N N 258 
PRO N   CD   sing N N 259 
PRO N   H    sing N N 260 
PRO CA  C    sing N N 261 
PRO CA  CB   sing N N 262 
PRO CA  HA   sing N N 263 
PRO C   O    doub N N 264 
PRO C   OXT  sing N N 265 
PRO CB  CG   sing N N 266 
PRO CB  HB2  sing N N 267 
PRO CB  HB3  sing N N 268 
PRO CG  CD   sing N N 269 
PRO CG  HG2  sing N N 270 
PRO CG  HG3  sing N N 271 
PRO CD  HD2  sing N N 272 
PRO CD  HD3  sing N N 273 
PRO OXT HXT  sing N N 274 
SER N   CA   sing N N 275 
SER N   H    sing N N 276 
SER N   H2   sing N N 277 
SER CA  C    sing N N 278 
SER CA  CB   sing N N 279 
SER CA  HA   sing N N 280 
SER C   O    doub N N 281 
SER C   OXT  sing N N 282 
SER CB  OG   sing N N 283 
SER CB  HB2  sing N N 284 
SER CB  HB3  sing N N 285 
SER OG  HG   sing N N 286 
SER OXT HXT  sing N N 287 
THR N   CA   sing N N 288 
THR N   H    sing N N 289 
THR N   H2   sing N N 290 
THR CA  C    sing N N 291 
THR CA  CB   sing N N 292 
THR CA  HA   sing N N 293 
THR C   O    doub N N 294 
THR C   OXT  sing N N 295 
THR CB  OG1  sing N N 296 
THR CB  CG2  sing N N 297 
THR CB  HB   sing N N 298 
THR OG1 HG1  sing N N 299 
THR CG2 HG21 sing N N 300 
THR CG2 HG22 sing N N 301 
THR CG2 HG23 sing N N 302 
THR OXT HXT  sing N N 303 
TRP N   CA   sing N N 304 
TRP N   H    sing N N 305 
TRP N   H2   sing N N 306 
TRP CA  C    sing N N 307 
TRP CA  CB   sing N N 308 
TRP CA  HA   sing N N 309 
TRP C   O    doub N N 310 
TRP C   OXT  sing N N 311 
TRP CB  CG   sing N N 312 
TRP CB  HB2  sing N N 313 
TRP CB  HB3  sing N N 314 
TRP CG  CD1  doub Y N 315 
TRP CG  CD2  sing Y N 316 
TRP CD1 NE1  sing Y N 317 
TRP CD1 HD1  sing N N 318 
TRP CD2 CE2  doub Y N 319 
TRP CD2 CE3  sing Y N 320 
TRP NE1 CE2  sing Y N 321 
TRP NE1 HE1  sing N N 322 
TRP CE2 CZ2  sing Y N 323 
TRP CE3 CZ3  doub Y N 324 
TRP CE3 HE3  sing N N 325 
TRP CZ2 CH2  doub Y N 326 
TRP CZ2 HZ2  sing N N 327 
TRP CZ3 CH2  sing Y N 328 
TRP CZ3 HZ3  sing N N 329 
TRP CH2 HH2  sing N N 330 
TRP OXT HXT  sing N N 331 
TYR N   CA   sing N N 332 
TYR N   H    sing N N 333 
TYR N   H2   sing N N 334 
TYR CA  C    sing N N 335 
TYR CA  CB   sing N N 336 
TYR CA  HA   sing N N 337 
TYR C   O    doub N N 338 
TYR C   OXT  sing N N 339 
TYR CB  CG   sing N N 340 
TYR CB  HB2  sing N N 341 
TYR CB  HB3  sing N N 342 
TYR CG  CD1  doub Y N 343 
TYR CG  CD2  sing Y N 344 
TYR CD1 CE1  sing Y N 345 
TYR CD1 HD1  sing N N 346 
TYR CD2 CE2  doub Y N 347 
TYR CD2 HD2  sing N N 348 
TYR CE1 CZ   doub Y N 349 
TYR CE1 HE1  sing N N 350 
TYR CE2 CZ   sing Y N 351 
TYR CE2 HE2  sing N N 352 
TYR CZ  OH   sing N N 353 
TYR OH  HH   sing N N 354 
TYR OXT HXT  sing N N 355 
VAL N   CA   sing N N 356 
VAL N   H    sing N N 357 
VAL N   H2   sing N N 358 
VAL CA  C    sing N N 359 
VAL CA  CB   sing N N 360 
VAL CA  HA   sing N N 361 
VAL C   O    doub N N 362 
VAL C   OXT  sing N N 363 
VAL CB  CG1  sing N N 364 
VAL CB  CG2  sing N N 365 
VAL CB  HB   sing N N 366 
VAL CG1 HG11 sing N N 367 
VAL CG1 HG12 sing N N 368 
VAL CG1 HG13 sing N N 369 
VAL CG2 HG21 sing N N 370 
VAL CG2 HG22 sing N N 371 
VAL CG2 HG23 sing N N 372 
VAL OXT HXT  sing N N 373 
# 
_atom_sites.entry_id                    5HIZ 
_atom_sites.fract_transf_matrix[1][1]   0.00346388 
_atom_sites.fract_transf_matrix[1][2]   -0.01178084 
_atom_sites.fract_transf_matrix[1][3]   0.00967231 
_atom_sites.fract_transf_matrix[2][1]   -0.00779329 
_atom_sites.fract_transf_matrix[2][2]   -0.00161644 
_atom_sites.fract_transf_matrix[2][3]   0.01345404 
_atom_sites.fract_transf_matrix[3][1]   -0.00737448 
_atom_sites.fract_transf_matrix[3][2]   -0.00629654 
_atom_sites.fract_transf_matrix[3][3]   -0.00502819 
_atom_sites.fract_transf_vector[1]      0.732823 
_atom_sites.fract_transf_vector[2]      1.366680 
_atom_sites.fract_transf_vector[3]      -0.158108 
# 
loop_
_atom_type.symbol 
C 
N 
O 
S 
# 
loop_
_atom_site.group_PDB 
_atom_site.id 
_atom_site.type_symbol 
_atom_site.label_atom_id 
_atom_site.label_alt_id 
_atom_site.label_comp_id 
_atom_site.label_asym_id 
_atom_site.label_entity_id 
_atom_site.label_seq_id 
_atom_site.pdbx_PDB_ins_code 
_atom_site.Cartn_x 
_atom_site.Cartn_y 
_atom_site.Cartn_z 
_atom_site.occupancy 
_atom_site.B_iso_or_equiv 
_atom_site.pdbx_formal_charge 
_atom_site.auth_seq_id 
_atom_site.auth_comp_id 
_atom_site.auth_asym_id 
_atom_site.auth_atom_id 
_atom_site.pdbx_PDB_model_num 
ATOM 1    N N   . GLY A 1 7   ? -6.289  -3.759  -2.997  1.00 129.58 ? 7   GLY A N   1 
ATOM 2    C CA  . GLY A 1 7   ? -4.933  -3.665  -2.370  1.00 129.57 ? 7   GLY A CA  1 
ATOM 3    C C   . GLY A 1 7   ? -4.407  -4.957  -1.755  1.00 129.76 ? 7   GLY A C   1 
ATOM 4    O O   . GLY A 1 7   ? -3.437  -4.929  -0.969  1.00 129.41 ? 7   GLY A O   1 
ATOM 5    N N   . LYS A 1 8   ? -5.053  -6.082  -2.116  1.00 129.91 ? 8   LYS A N   1 
ATOM 6    C CA  . LYS A 1 8   ? -4.675  -7.459  -1.690  1.00 129.57 ? 8   LYS A CA  1 
ATOM 7    C C   . LYS A 1 8   ? -3.892  -8.155  -2.821  1.00 129.17 ? 8   LYS A C   1 
ATOM 8    O O   . LYS A 1 8   ? -4.486  -8.605  -3.815  1.00 129.16 ? 8   LYS A O   1 
ATOM 9    C CB  . LYS A 1 8   ? -5.927  -8.266  -1.280  1.00 129.55 ? 8   LYS A CB  1 
ATOM 10   C CG  . LYS A 1 8   ? -5.647  -9.587  -0.562  1.00 129.41 ? 8   LYS A CG  1 
ATOM 11   C CD  . LYS A 1 8   ? -5.103  -9.401  0.853   1.00 129.37 ? 8   LYS A CD  1 
ATOM 12   C CE  . LYS A 1 8   ? -4.978  -10.746 1.602   1.00 129.72 ? 8   LYS A CE  1 
ATOM 13   N NZ  . LYS A 1 8   ? -3.725  -10.893 2.440   1.00 129.26 ? 8   LYS A NZ  1 
ATOM 14   N N   . LEU A 1 9   ? -2.566  -8.243  -2.652  1.00 128.42 ? 9   LEU A N   1 
ATOM 15   C CA  . LEU A 1 9   ? -1.637  -8.336  -3.792  1.00 127.80 ? 9   LEU A CA  1 
ATOM 16   C C   . LEU A 1 9   ? -0.673  -9.495  -3.744  1.00 127.69 ? 9   LEU A C   1 
ATOM 17   O O   . LEU A 1 9   ? -0.196  -9.859  -2.674  1.00 127.72 ? 9   LEU A O   1 
ATOM 18   C CB  . LEU A 1 9   ? -0.813  -7.053  -3.868  1.00 127.78 ? 9   LEU A CB  1 
ATOM 19   C CG  . LEU A 1 9   ? -0.299  -6.522  -5.203  1.00 126.36 ? 9   LEU A CG  1 
ATOM 20   C CD1 . LEU A 1 9   ? -1.431  -5.906  -5.970  1.00 125.18 ? 9   LEU A CD1 1 
ATOM 21   C CD2 . LEU A 1 9   ? 0.751   -5.476  -4.925  1.00 125.04 ? 9   LEU A CD2 1 
ATOM 22   N N   . LYS A 1 10  ? -0.332  -10.007 -4.927  1.00 127.66 ? 10  LYS A N   1 
ATOM 23   C CA  . LYS A 1 10  ? 0.430   -11.250 -5.074  1.00 127.52 ? 10  LYS A CA  1 
ATOM 24   C C   . LYS A 1 10  ? 1.794   -11.056 -5.759  1.00 127.01 ? 10  LYS A C   1 
ATOM 25   O O   . LYS A 1 10  ? 1.946   -10.170 -6.615  1.00 127.03 ? 10  LYS A O   1 
ATOM 26   C CB  . LYS A 1 10  ? -0.421  -12.296 -5.825  1.00 127.82 ? 10  LYS A CB  1 
ATOM 27   C CG  . LYS A 1 10  ? -0.095  -13.772 -5.477  1.00 128.61 ? 10  LYS A CG  1 
ATOM 28   C CD  . LYS A 1 10  ? -1.269  -14.730 -5.782  1.00 128.50 ? 10  LYS A CD  1 
ATOM 29   C CE  . LYS A 1 10  ? -0.875  -16.205 -5.612  1.00 128.00 ? 10  LYS A CE  1 
ATOM 30   N NZ  . LYS A 1 10  ? -0.568  -16.580 -4.201  1.00 127.13 ? 10  LYS A NZ  1 
ATOM 31   N N   . GLN A 1 11  ? 2.763   -11.896 -5.372  1.00 126.30 ? 11  GLN A N   1 
ATOM 32   C CA  . GLN A 1 11  ? 4.161   -11.805 -5.841  1.00 125.44 ? 11  GLN A CA  1 
ATOM 33   C C   . GLN A 1 11  ? 4.674   -13.102 -6.493  1.00 124.52 ? 11  GLN A C   1 
ATOM 34   O O   . GLN A 1 11  ? 4.337   -14.204 -6.062  1.00 124.67 ? 11  GLN A O   1 
ATOM 35   C CB  . GLN A 1 11  ? 5.100   -11.391 -4.689  1.00 125.71 ? 11  GLN A CB  1 
ATOM 36   C CG  . GLN A 1 11  ? 5.974   -12.526 -4.096  1.00 126.07 ? 11  GLN A CG  1 
ATOM 37   C CD  . GLN A 1 11  ? 6.986   -12.052 -3.037  1.00 126.92 ? 11  GLN A CD  1 
ATOM 38   O OE1 . GLN A 1 11  ? 6.961   -10.901 -2.570  1.00 125.76 ? 11  GLN A OE1 1 
ATOM 39   N NE2 . GLN A 1 11  ? 7.881   -12.958 -2.654  1.00 127.29 ? 11  GLN A NE2 1 
ATOM 40   N N   . ARG A 1 12  ? 5.508   -12.956 -7.520  1.00 123.17 ? 12  ARG A N   1 
ATOM 41   C CA  . ARG A 1 12  ? 6.011   -14.092 -8.284  1.00 121.97 ? 12  ARG A CA  1 
ATOM 42   C C   . ARG A 1 12  ? 7.486   -13.880 -8.622  1.00 120.72 ? 12  ARG A C   1 
ATOM 43   O O   . ARG A 1 12  ? 7.902   -12.751 -8.920  1.00 120.28 ? 12  ARG A O   1 
ATOM 44   C CB  . ARG A 1 12  ? 5.192   -14.261 -9.578  1.00 122.18 ? 12  ARG A CB  1 
ATOM 45   C CG  . ARG A 1 12  ? 5.261   -15.660 -10.211 1.00 124.21 ? 12  ARG A CG  1 
ATOM 46   C CD  . ARG A 1 12  ? 5.495   -15.621 -11.750 1.00 127.23 ? 12  ARG A CD  1 
ATOM 47   N NE  . ARG A 1 12  ? 4.302   -15.281 -12.553 1.00 129.84 ? 12  ARG A NE  1 
ATOM 48   C CZ  . ARG A 1 12  ? 4.253   -15.254 -13.900 1.00 130.85 ? 12  ARG A CZ  1 
ATOM 49   N NH1 . ARG A 1 12  ? 5.329   -15.547 -14.638 1.00 131.28 ? 12  ARG A NH1 1 
ATOM 50   N NH2 . ARG A 1 12  ? 3.116   -14.925 -14.525 1.00 130.47 ? 12  ARG A NH2 1 
ATOM 51   N N   . SER A 1 13  ? 8.269   -14.959 -8.553  1.00 119.13 ? 13  SER A N   1 
ATOM 52   C CA  . SER A 1 13  ? 9.617   -14.962 -9.091  1.00 117.73 ? 13  SER A CA  1 
ATOM 53   C C   . SER A 1 13  ? 9.526   -15.067 -10.583 1.00 117.15 ? 13  SER A C   1 
ATOM 54   O O   . SER A 1 13  ? 8.885   -15.973 -11.111 1.00 117.04 ? 13  SER A O   1 
ATOM 55   C CB  . SER A 1 13  ? 10.394  -16.143 -8.580  1.00 117.18 ? 13  SER A CB  1 
ATOM 56   O OG  . SER A 1 13  ? 10.223  -16.209 -7.195  1.00 117.63 ? 13  SER A OG  1 
ATOM 57   N N   . ILE A 1 14  ? 10.143  -14.113 -11.256 1.00 116.41 ? 14  ILE A N   1 
ATOM 58   C CA  . ILE A 1 14  ? 10.309  -14.158 -12.688 1.00 116.31 ? 14  ILE A CA  1 
ATOM 59   C C   . ILE A 1 14  ? 11.682  -13.586 -12.897 1.00 115.91 ? 14  ILE A C   1 
ATOM 60   O O   . ILE A 1 14  ? 12.316  -13.169 -11.940 1.00 115.87 ? 14  ILE A O   1 
ATOM 61   C CB  . ILE A 1 14  ? 9.204   -13.361 -13.461 1.00 116.62 ? 14  ILE A CB  1 
ATOM 62   C CG1 . ILE A 1 14  ? 9.125   -13.800 -14.940 1.00 117.78 ? 14  ILE A CG1 1 
ATOM 63   C CG2 . ILE A 1 14  ? 9.383   -11.845 -13.322 1.00 116.60 ? 14  ILE A CG2 1 
ATOM 64   C CD1 . ILE A 1 14  ? 7.808   -13.391 -15.674 1.00 120.40 ? 14  ILE A CD1 1 
ATOM 65   N N   . LYS A 1 15  ? 12.143  -13.593 -14.138 1.00 115.84 ? 15  LYS A N   1 
ATOM 66   C CA  . LYS A 1 15  ? 13.489  -13.170 -14.487 1.00 116.01 ? 15  LYS A CA  1 
ATOM 67   C C   . LYS A 1 15  ? 13.328  -12.022 -15.465 1.00 115.95 ? 15  LYS A C   1 
ATOM 68   O O   . LYS A 1 15  ? 12.241  -11.829 -16.020 1.00 115.88 ? 15  LYS A O   1 
ATOM 69   C CB  . LYS A 1 15  ? 14.268  -14.344 -15.108 1.00 116.14 ? 15  LYS A CB  1 
ATOM 70   C CG  . LYS A 1 15  ? 14.313  -15.583 -14.186 1.00 116.92 ? 15  LYS A CG  1 
ATOM 71   C CD  . LYS A 1 15  ? 14.349  -16.917 -14.934 1.00 117.66 ? 15  LYS A CD  1 
ATOM 72   C CE  . LYS A 1 15  ? 15.781  -17.454 -15.079 1.00 118.55 ? 15  LYS A CE  1 
ATOM 73   N NZ  . LYS A 1 15  ? 16.429  -17.849 -13.780 1.00 118.35 ? 15  LYS A NZ  1 
ATOM 74   N N   . ALA A 1 16  ? 14.377  -11.237 -15.662 1.00 115.98 ? 16  ALA A N   1 
ATOM 75   C CA  . ALA A 1 16  ? 14.231  -10.041 -16.472 1.00 116.30 ? 16  ALA A CA  1 
ATOM 76   C C   . ALA A 1 16  ? 15.462  -9.737  -17.268 1.00 116.70 ? 16  ALA A C   1 
ATOM 77   O O   . ALA A 1 16  ? 16.535  -10.301 -17.036 1.00 116.47 ? 16  ALA A O   1 
ATOM 78   C CB  . ALA A 1 16  ? 13.861  -8.849  -15.619 1.00 116.39 ? 16  ALA A CB  1 
ATOM 79   N N   . GLU A 1 17  ? 15.279  -8.814  -18.201 1.00 117.28 ? 17  GLU A N   1 
ATOM 80   C CA  . GLU A 1 17  ? 16.273  -8.510  -19.190 1.00 118.15 ? 17  GLU A CA  1 
ATOM 81   C C   . GLU A 1 17  ? 16.621  -7.053  -19.120 1.00 118.62 ? 17  GLU A C   1 
ATOM 82   O O   . GLU A 1 17  ? 15.748  -6.203  -19.054 1.00 118.68 ? 17  GLU A O   1 
ATOM 83   C CB  . GLU A 1 17  ? 15.716  -8.775  -20.588 1.00 118.37 ? 17  GLU A CB  1 
ATOM 84   C CG  . GLU A 1 17  ? 15.718  -10.219 -21.073 1.00 119.17 ? 17  GLU A CG  1 
ATOM 85   C CD  . GLU A 1 17  ? 15.157  -10.318 -22.477 1.00 121.52 ? 17  GLU A CD  1 
ATOM 86   O OE1 . GLU A 1 17  ? 15.301  -9.337  -23.253 1.00 121.96 ? 17  GLU A OE1 1 
ATOM 87   O OE2 . GLU A 1 17  ? 14.555  -11.368 -22.805 1.00 123.46 ? 17  GLU A OE2 1 
ATOM 88   N N   . GLY A 1 18  ? 17.913  -6.772  -19.137 1.00 119.67 ? 18  GLY A N   1 
ATOM 89   C CA  . GLY A 1 18  ? 18.410  -5.462  -19.530 1.00 120.67 ? 18  GLY A CA  1 
ATOM 90   C C   . GLY A 1 18  ? 19.201  -5.659  -20.813 1.00 121.43 ? 18  GLY A C   1 
ATOM 91   O O   . GLY A 1 18  ? 19.815  -6.718  -21.020 1.00 121.11 ? 18  GLY A O   1 
ATOM 92   N N   . ASP A 1 19  ? 19.160  -4.658  -21.684 1.00 122.29 ? 19  ASP A N   1 
ATOM 93   C CA  . ASP A 1 19  ? 20.068  -4.586  -22.812 1.00 123.35 ? 19  ASP A CA  1 
ATOM 94   C C   . ASP A 1 19  ? 21.413  -5.314  -22.511 1.00 123.77 ? 19  ASP A C   1 
ATOM 95   O O   . ASP A 1 19  ? 21.938  -6.054  -23.357 1.00 123.71 ? 19  ASP A O   1 
ATOM 96   C CB  . ASP A 1 19  ? 20.287  -3.118  -23.192 1.00 123.44 ? 19  ASP A CB  1 
ATOM 97   C CG  . ASP A 1 19  ? 21.603  -2.895  -23.910 1.00 124.92 ? 19  ASP A CG  1 
ATOM 98   O OD1 . ASP A 1 19  ? 21.683  -3.185  -25.139 1.00 124.98 ? 19  ASP A OD1 1 
ATOM 99   O OD2 . ASP A 1 19  ? 22.560  -2.447  -23.226 1.00 125.11 ? 19  ASP A OD2 1 
ATOM 100  N N   . GLY A 1 20  ? 21.938  -5.109  -21.299 1.00 124.16 ? 20  GLY A N   1 
ATOM 101  C CA  . GLY A 1 20  ? 23.091  -5.865  -20.759 1.00 124.49 ? 20  GLY A CA  1 
ATOM 102  C C   . GLY A 1 20  ? 23.241  -7.366  -21.049 1.00 124.47 ? 20  GLY A C   1 
ATOM 103  O O   . GLY A 1 20  ? 23.701  -7.684  -22.147 1.00 124.82 ? 20  GLY A O   1 
ATOM 104  N N   . ILE A 1 21  ? 22.915  -8.314  -20.140 1.00 123.96 ? 21  ILE A N   1 
ATOM 105  C CA  . ILE A 1 21  ? 22.341  -8.221  -18.750 1.00 123.55 ? 21  ILE A CA  1 
ATOM 106  C C   . ILE A 1 21  ? 21.089  -9.099  -18.599 1.00 122.80 ? 21  ILE A C   1 
ATOM 107  O O   . ILE A 1 21  ? 20.199  -9.073  -19.444 1.00 122.26 ? 21  ILE A O   1 
ATOM 108  C CB  . ILE A 1 21  ? 22.019  -6.779  -18.172 1.00 123.83 ? 21  ILE A CB  1 
ATOM 109  C CG1 . ILE A 1 21  ? 23.280  -6.010  -17.780 1.00 124.35 ? 21  ILE A CG1 1 
ATOM 110  C CG2 . ILE A 1 21  ? 21.227  -6.878  -16.866 1.00 123.88 ? 21  ILE A CG2 1 
ATOM 111  C CD1 . ILE A 1 21  ? 22.997  -4.556  -17.393 1.00 125.59 ? 21  ILE A CD1 1 
ATOM 112  N N   . VAL A 1 22  ? 21.047  -9.868  -17.517 1.00 122.35 ? 22  VAL A N   1 
ATOM 113  C CA  . VAL A 1 22  ? 19.836  -10.556 -17.071 1.00 122.54 ? 22  VAL A CA  1 
ATOM 114  C C   . VAL A 1 22  ? 19.855  -10.745 -15.548 1.00 122.66 ? 22  VAL A C   1 
ATOM 115  O O   . VAL A 1 22  ? 20.937  -10.844 -14.952 1.00 122.90 ? 22  VAL A O   1 
ATOM 116  C CB  . VAL A 1 22  ? 19.647  -11.914 -17.794 1.00 122.73 ? 22  VAL A CB  1 
ATOM 117  C CG1 . VAL A 1 22  ? 18.928  -12.958 -16.901 1.00 122.51 ? 22  VAL A CG1 1 
ATOM 118  C CG2 . VAL A 1 22  ? 18.904  -11.715 -19.121 1.00 122.43 ? 22  VAL A CG2 1 
ATOM 119  N N   . GLY A 1 23  ? 18.668  -10.788 -14.924 1.00 122.59 ? 23  GLY A N   1 
ATOM 120  C CA  . GLY A 1 23  ? 18.539  -11.033 -13.465 1.00 122.23 ? 23  GLY A CA  1 
ATOM 121  C C   . GLY A 1 23  ? 17.172  -11.486 -12.961 1.00 121.78 ? 23  GLY A C   1 
ATOM 122  O O   . GLY A 1 23  ? 16.155  -10.992 -13.426 1.00 121.69 ? 23  GLY A O   1 
ATOM 123  N N   . GLU A 1 24  ? 17.164  -12.429 -12.012 1.00 121.61 ? 24  GLU A N   1 
ATOM 124  C CA  . GLU A 1 24  ? 15.946  -12.887 -11.300 1.00 121.95 ? 24  GLU A CA  1 
ATOM 125  C C   . GLU A 1 24  ? 15.351  -11.731 -10.467 1.00 121.40 ? 24  GLU A C   1 
ATOM 126  O O   . GLU A 1 24  ? 15.975  -10.665 -10.353 1.00 121.94 ? 24  GLU A O   1 
ATOM 127  C CB  . GLU A 1 24  ? 16.282  -14.098 -10.382 1.00 122.45 ? 24  GLU A CB  1 
ATOM 128  C CG  . GLU A 1 24  ? 15.096  -15.103 -10.058 1.00 124.72 ? 24  GLU A CG  1 
ATOM 129  C CD  . GLU A 1 24  ? 15.118  -16.423 -10.893 1.00 127.54 ? 24  GLU A CD  1 
ATOM 130  O OE1 . GLU A 1 24  ? 16.235  -16.887 -11.257 1.00 128.59 ? 24  GLU A OE1 1 
ATOM 131  O OE2 . GLU A 1 24  ? 14.021  -17.000 -11.173 1.00 127.28 ? 24  GLU A OE2 1 
ATOM 132  N N   . GLY A 1 25  ? 14.160  -11.920 -9.886  1.00 120.39 ? 25  GLY A N   1 
ATOM 133  C CA  . GLY A 1 25  ? 13.574  -10.888 -9.014  1.00 119.02 ? 25  GLY A CA  1 
ATOM 134  C C   . GLY A 1 25  ? 12.184  -11.163 -8.476  1.00 118.07 ? 25  GLY A C   1 
ATOM 135  O O   . GLY A 1 25  ? 11.726  -12.304 -8.482  1.00 118.25 ? 25  GLY A O   1 
ATOM 136  N N   . LYS A 1 26  ? 11.516  -10.113 -8.003  1.00 117.07 ? 26  LYS A N   1 
ATOM 137  C CA  . LYS A 1 26  ? 10.152  -10.247 -7.501  1.00 115.93 ? 26  LYS A CA  1 
ATOM 138  C C   . LYS A 1 26  ? 9.142   -9.387  -8.241  1.00 115.38 ? 26  LYS A C   1 
ATOM 139  O O   . LYS A 1 26  ? 9.162   -8.154  -8.173  1.00 114.99 ? 26  LYS A O   1 
ATOM 140  C CB  . LYS A 1 26  ? 10.092  -9.971  -6.003  1.00 115.87 ? 26  LYS A CB  1 
ATOM 141  C CG  . LYS A 1 26  ? 9.453   -11.092 -5.227  1.00 114.98 ? 26  LYS A CG  1 
ATOM 142  C CD  . LYS A 1 26  ? 10.154  -12.390 -5.572  1.00 115.08 ? 26  LYS A CD  1 
ATOM 143  C CE  . LYS A 1 26  ? 10.158  -13.359 -4.414  1.00 115.74 ? 26  LYS A CE  1 
ATOM 144  N NZ  . LYS A 1 26  ? 10.668  -14.693 -4.820  1.00 115.65 ? 26  LYS A NZ  1 
ATOM 145  N N   . ALA A 1 27  ? 8.263   -10.066 -8.963  1.00 115.02 ? 27  ALA A N   1 
ATOM 146  C CA  . ALA A 1 27  ? 7.187   -9.410  -9.665  1.00 114.94 ? 27  ALA A CA  1 
ATOM 147  C C   . ALA A 1 27  ? 6.003   -9.362  -8.727  1.00 114.99 ? 27  ALA A C   1 
ATOM 148  O O   . ALA A 1 27  ? 5.601   -10.384 -8.197  1.00 114.33 ? 27  ALA A O   1 
ATOM 149  C CB  . ALA A 1 27  ? 6.842   -10.172 -10.926 1.00 114.47 ? 27  ALA A CB  1 
ATOM 150  N N   . LEU A 1 28  ? 5.477   -8.166  -8.492  1.00 115.83 ? 28  LEU A N   1 
ATOM 151  C CA  . LEU A 1 28  ? 4.229   -8.025  -7.765  1.00 116.96 ? 28  LEU A CA  1 
ATOM 152  C C   . LEU A 1 28  ? 3.243   -7.619  -8.808  1.00 118.07 ? 28  LEU A C   1 
ATOM 153  O O   . LEU A 1 28  ? 3.560   -6.777  -9.662  1.00 117.65 ? 28  LEU A O   1 
ATOM 154  C CB  . LEU A 1 28  ? 4.314   -6.963  -6.678  1.00 116.62 ? 28  LEU A CB  1 
ATOM 155  C CG  . LEU A 1 28  ? 5.694   -6.798  -6.045  1.00 116.56 ? 28  LEU A CG  1 
ATOM 156  C CD1 . LEU A 1 28  ? 5.726   -5.573  -5.185  1.00 115.62 ? 28  LEU A CD1 1 
ATOM 157  C CD2 . LEU A 1 28  ? 6.128   -8.019  -5.254  1.00 116.45 ? 28  LEU A CD2 1 
ATOM 158  N N   . TYR A 1 29  ? 2.061   -8.232  -8.736  1.00 119.86 ? 29  TYR A N   1 
ATOM 159  C CA  . TYR A 1 29  ? 1.043   -8.177  -9.797  1.00 122.00 ? 29  TYR A CA  1 
ATOM 160  C C   . TYR A 1 29  ? -0.345  -8.420  -9.223  1.00 123.24 ? 29  TYR A C   1 
ATOM 161  O O   . TYR A 1 29  ? -0.492  -8.786  -8.032  1.00 123.13 ? 29  TYR A O   1 
ATOM 162  C CB  . TYR A 1 29  ? 1.289   -9.289  -10.810 1.00 122.02 ? 29  TYR A CB  1 
ATOM 163  C CG  . TYR A 1 29  ? 1.080   -10.649 -10.185 1.00 123.36 ? 29  TYR A CG  1 
ATOM 164  C CD1 . TYR A 1 29  ? -0.194  -11.208 -10.082 1.00 124.11 ? 29  TYR A CD1 1 
ATOM 165  C CD2 . TYR A 1 29  ? 2.155   -11.359 -9.655  1.00 124.91 ? 29  TYR A CD2 1 
ATOM 166  C CE1 . TYR A 1 29  ? -0.388  -12.436 -9.483  1.00 124.97 ? 29  TYR A CE1 1 
ATOM 167  C CE2 . TYR A 1 29  ? 1.973   -12.594 -9.058  1.00 125.83 ? 29  TYR A CE2 1 
ATOM 168  C CZ  . TYR A 1 29  ? 0.699   -13.130 -8.977  1.00 125.90 ? 29  TYR A CZ  1 
ATOM 169  O OH  . TYR A 1 29  ? 0.520   -14.358 -8.381  1.00 126.94 ? 29  TYR A OH  1 
ATOM 170  N N   . ASN A 1 30  ? -1.349  -8.274  -10.101 1.00 124.89 ? 30  ASN A N   1 
ATOM 171  C CA  . ASN A 1 30  ? -2.758  -8.541  -9.759  1.00 126.51 ? 30  ASN A CA  1 
ATOM 172  C C   . ASN A 1 30  ? -3.626  -8.924  -10.956 1.00 127.76 ? 30  ASN A C   1 
ATOM 173  O O   . ASN A 1 30  ? -3.456  -8.374  -12.053 1.00 127.91 ? 30  ASN A O   1 
ATOM 174  C CB  . ASN A 1 30  ? -3.384  -7.336  -9.053  1.00 126.08 ? 30  ASN A CB  1 
ATOM 175  C CG  . ASN A 1 30  ? -3.951  -7.697  -7.704  1.00 126.86 ? 30  ASN A CG  1 
ATOM 176  O OD1 . ASN A 1 30  ? -4.360  -6.824  -6.937  1.00 127.59 ? 30  ASN A OD1 1 
ATOM 177  N ND2 . ASN A 1 30  ? -3.956  -8.992  -7.388  1.00 127.64 ? 30  ASN A ND2 1 
ATOM 178  N N   . ASN A 1 31  ? -4.571  -9.842  -10.736 1.00 129.42 ? 31  ASN A N   1 
ATOM 179  C CA  . ASN A 1 31  ? -5.521  -10.259 -11.777 1.00 130.78 ? 31  ASN A CA  1 
ATOM 180  C C   . ASN A 1 31  ? -6.941  -9.769  -11.510 1.00 131.94 ? 31  ASN A C   1 
ATOM 181  O O   . ASN A 1 31  ? -7.395  -9.750  -10.359 1.00 131.80 ? 31  ASN A O   1 
ATOM 182  C CB  . ASN A 1 31  ? -5.537  -11.776 -11.905 1.00 130.68 ? 31  ASN A CB  1 
ATOM 183  C CG  . ASN A 1 31  ? -6.207  -12.439 -10.724 1.00 131.23 ? 31  ASN A CG  1 
ATOM 184  O OD1 . ASN A 1 31  ? -7.237  -13.113 -10.868 1.00 132.34 ? 31  ASN A OD1 1 
ATOM 185  N ND2 . ASN A 1 31  ? -5.653  -12.214 -9.537  1.00 130.88 ? 31  ASN A ND2 1 
ATOM 186  N N   . GLU A 1 32  ? -7.624  -9.378  -12.592 1.00 133.74 ? 32  GLU A N   1 
ATOM 187  C CA  . GLU A 1 32  ? -9.047  -8.931  -12.587 1.00 135.58 ? 32  GLU A CA  1 
ATOM 188  C C   . GLU A 1 32  ? -9.754  -9.047  -13.977 1.00 135.77 ? 32  GLU A C   1 
ATOM 189  O O   . GLU A 1 32  ? -9.333  -8.408  -14.960 1.00 135.69 ? 32  GLU A O   1 
ATOM 190  C CB  . GLU A 1 32  ? -9.184  -7.511  -12.018 1.00 136.02 ? 32  GLU A CB  1 
ATOM 191  C CG  . GLU A 1 32  ? -8.075  -6.547  -12.478 1.00 139.07 ? 32  GLU A CG  1 
ATOM 192  C CD  . GLU A 1 32  ? -7.430  -5.757  -11.322 1.00 143.65 ? 32  GLU A CD  1 
ATOM 193  O OE1 . GLU A 1 32  ? -7.892  -5.883  -10.154 1.00 144.83 ? 32  GLU A OE1 1 
ATOM 194  O OE2 . GLU A 1 32  ? -6.456  -5.000  -11.587 1.00 145.22 ? 32  GLU A OE2 1 
ATOM 195  N N   . GLY A 1 33  ? -10.834 -9.837  -14.064 1.00 135.96 ? 33  GLY A N   1 
ATOM 196  C CA  . GLY A 1 33  ? -11.533 -10.456 -12.918 1.00 136.12 ? 33  GLY A CA  1 
ATOM 197  C C   . GLY A 1 33  ? -10.766 -11.466 -12.082 1.00 136.14 ? 33  GLY A C   1 
ATOM 198  O O   . GLY A 1 33  ? -10.761 -11.351 -10.845 1.00 136.17 ? 33  GLY A O   1 
ATOM 199  N N   . GLY A 1 34  ? -10.155 -12.472 -12.731 1.00 135.96 ? 34  GLY A N   1 
ATOM 200  C CA  . GLY A 1 34  ? -10.317 -12.741 -14.183 1.00 135.47 ? 34  GLY A CA  1 
ATOM 201  C C   . GLY A 1 34  ? -9.031  -12.704 -15.008 1.00 135.01 ? 34  GLY A C   1 
ATOM 202  O O   . GLY A 1 34  ? -8.313  -13.708 -15.070 1.00 134.84 ? 34  GLY A O   1 
ATOM 203  N N   . ARG A 1 35  ? -8.751  -11.548 -15.640 1.00 134.55 ? 35  ARG A N   1 
ATOM 204  C CA  . ARG A 1 35  ? -7.540  -11.306 -16.475 1.00 134.09 ? 35  ARG A CA  1 
ATOM 205  C C   . ARG A 1 35  ? -6.345  -10.640 -15.758 1.00 133.06 ? 35  ARG A C   1 
ATOM 206  O O   . ARG A 1 35  ? -6.520  -9.705  -14.974 1.00 132.82 ? 35  ARG A O   1 
ATOM 207  C CB  . ARG A 1 35  ? -7.892  -10.480 -17.721 1.00 134.61 ? 35  ARG A CB  1 
ATOM 208  C CG  . ARG A 1 35  ? -6.702  -10.250 -18.680 1.00 136.38 ? 35  ARG A CG  1 
ATOM 209  C CD  . ARG A 1 35  ? -7.140  -9.516  -19.942 1.00 139.55 ? 35  ARG A CD  1 
ATOM 210  N NE  . ARG A 1 35  ? -6.012  -9.060  -20.753 1.00 141.83 ? 35  ARG A NE  1 
ATOM 211  C CZ  . ARG A 1 35  ? -5.369  -7.910  -20.562 1.00 143.90 ? 35  ARG A CZ  1 
ATOM 212  N NH1 . ARG A 1 35  ? -4.353  -7.580  -21.364 1.00 144.47 ? 35  ARG A NH1 1 
ATOM 213  N NH2 . ARG A 1 35  ? -5.739  -7.092  -19.569 1.00 143.92 ? 35  ARG A NH2 1 
ATOM 214  N N   . THR A 1 36  ? -5.130  -11.082 -16.094 1.00 131.92 ? 36  THR A N   1 
ATOM 215  C CA  . THR A 1 36  ? -3.924  -10.774 -15.294 1.00 130.75 ? 36  THR A CA  1 
ATOM 216  C C   . THR A 1 36  ? -2.991  -9.618  -15.775 1.00 129.60 ? 36  THR A C   1 
ATOM 217  O O   . THR A 1 36  ? -2.658  -9.540  -16.982 1.00 129.41 ? 36  THR A O   1 
ATOM 218  C CB  . THR A 1 36  ? -3.100  -12.062 -15.051 1.00 130.89 ? 36  THR A CB  1 
ATOM 219  O OG1 . THR A 1 36  ? -2.380  -11.946 -13.816 1.00 131.07 ? 36  THR A OG1 1 
ATOM 220  C CG2 . THR A 1 36  ? -2.138  -12.355 -16.236 1.00 130.88 ? 36  THR A CG2 1 
ATOM 221  N N   . PHE A 1 37  ? -2.576  -8.757  -14.815 1.00 127.79 ? 37  PHE A N   1 
ATOM 222  C CA  . PHE A 1 37  ? -1.681  -7.558  -15.041 1.00 125.77 ? 37  PHE A CA  1 
ATOM 223  C C   . PHE A 1 37  ? -0.710  -7.200  -13.862 1.00 123.13 ? 37  PHE A C   1 
ATOM 224  O O   . PHE A 1 37  ? -1.118  -7.035  -12.697 1.00 122.78 ? 37  PHE A O   1 
ATOM 225  C CB  . PHE A 1 37  ? -2.493  -6.305  -15.477 1.00 126.52 ? 37  PHE A CB  1 
ATOM 226  C CG  . PHE A 1 37  ? -2.000  -5.641  -16.781 1.00 128.58 ? 37  PHE A CG  1 
ATOM 227  C CD1 . PHE A 1 37  ? -0.703  -5.101  -16.882 1.00 129.95 ? 37  PHE A CD1 1 
ATOM 228  C CD2 . PHE A 1 37  ? -2.862  -5.535  -17.900 1.00 130.41 ? 37  PHE A CD2 1 
ATOM 229  C CE1 . PHE A 1 37  ? -0.266  -4.478  -18.083 1.00 131.72 ? 37  PHE A CE1 1 
ATOM 230  C CE2 . PHE A 1 37  ? -2.436  -4.912  -19.108 1.00 131.02 ? 37  PHE A CE2 1 
ATOM 231  C CZ  . PHE A 1 37  ? -1.141  -4.384  -19.198 1.00 131.54 ? 37  PHE A CZ  1 
ATOM 232  N N   . MET A 1 38  ? 0.572   -7.055  -14.199 1.00 119.70 ? 38  MET A N   1 
ATOM 233  C CA  . MET A 1 38  ? 1.647   -6.893  -13.218 1.00 116.29 ? 38  MET A CA  1 
ATOM 234  C C   . MET A 1 38  ? 1.883   -5.445  -12.814 1.00 114.21 ? 38  MET A C   1 
ATOM 235  O O   . MET A 1 38  ? 1.875   -4.550  -13.665 1.00 113.32 ? 38  MET A O   1 
ATOM 236  C CB  . MET A 1 38  ? 2.929   -7.476  -13.788 1.00 116.02 ? 38  MET A CB  1 
ATOM 237  C CG  . MET A 1 38  ? 4.164   -7.278  -12.957 1.00 115.03 ? 38  MET A CG  1 
ATOM 238  S SD  . MET A 1 38  ? 5.632   -7.421  -13.999 1.00 112.03 ? 38  MET A SD  1 
ATOM 239  C CE  . MET A 1 38  ? 6.857   -7.482  -12.710 1.00 114.14 ? 38  MET A CE  1 
ATOM 240  N N   . TYR A 1 39  ? 2.136   -5.245  -11.519 1.00 111.60 ? 39  TYR A N   1 
ATOM 241  C CA  . TYR A 1 39  ? 2.274   -3.910  -10.940 1.00 109.40 ? 39  TYR A CA  1 
ATOM 242  C C   . TYR A 1 39  ? 3.721   -3.380  -10.854 1.00 107.55 ? 39  TYR A C   1 
ATOM 243  O O   . TYR A 1 39  ? 3.994   -2.266  -11.306 1.00 107.22 ? 39  TYR A O   1 
ATOM 244  C CB  . TYR A 1 39  ? 1.550   -3.816  -9.571  1.00 109.76 ? 39  TYR A CB  1 
ATOM 245  C CG  . TYR A 1 39  ? 0.012   -3.645  -9.605  1.00 110.26 ? 39  TYR A CG  1 
ATOM 246  C CD1 . TYR A 1 39  ? -0.692  -3.570  -10.814 1.00 111.00 ? 39  TYR A CD1 1 
ATOM 247  C CD2 . TYR A 1 39  ? -0.726  -3.535  -8.421  1.00 110.17 ? 39  TYR A CD2 1 
ATOM 248  C CE1 . TYR A 1 39  ? -2.077  -3.418  -10.841 1.00 111.04 ? 39  TYR A CE1 1 
ATOM 249  C CE2 . TYR A 1 39  ? -2.122  -3.378  -8.439  1.00 110.96 ? 39  TYR A CE2 1 
ATOM 250  C CZ  . TYR A 1 39  ? -2.790  -3.318  -9.659  1.00 111.88 ? 39  TYR A CZ  1 
ATOM 251  O OH  . TYR A 1 39  ? -4.168  -3.153  -9.717  1.00 112.62 ? 39  TYR A OH  1 
ATOM 252  N N   . ALA A 1 40  ? 4.641   -4.146  -10.269 1.00 105.37 ? 40  ALA A N   1 
ATOM 253  C CA  . ALA A 1 40  ? 6.008   -3.646  -10.098 1.00 103.68 ? 40  ALA A CA  1 
ATOM 254  C C   . ALA A 1 40  ? 7.058   -4.738  -10.067 1.00 102.62 ? 40  ALA A C   1 
ATOM 255  O O   . ALA A 1 40  ? 6.766   -5.876  -9.727  1.00 102.70 ? 40  ALA A O   1 
ATOM 256  C CB  . ALA A 1 40  ? 6.109   -2.795  -8.844  1.00 103.18 ? 40  ALA A CB  1 
ATOM 257  N N   . PHE A 1 41  ? 8.289   -4.377  -10.390 1.00 101.27 ? 41  PHE A N   1 
ATOM 258  C CA  . PHE A 1 41  ? 9.368   -5.327  -10.275 1.00 100.71 ? 41  PHE A CA  1 
ATOM 259  C C   . PHE A 1 41  ? 10.454  -4.901  -9.301  1.00 100.07 ? 41  PHE A C   1 
ATOM 260  O O   . PHE A 1 41  ? 10.881  -3.750  -9.291  1.00 99.33  ? 41  PHE A O   1 
ATOM 261  C CB  . PHE A 1 41  ? 9.967   -5.618  -11.648 1.00 101.13 ? 41  PHE A CB  1 
ATOM 262  C CG  . PHE A 1 41  ? 10.908  -6.783  -11.658 1.00 101.09 ? 41  PHE A CG  1 
ATOM 263  C CD1 . PHE A 1 41  ? 10.484  -8.038  -11.238 1.00 101.68 ? 41  PHE A CD1 1 
ATOM 264  C CD2 . PHE A 1 41  ? 12.232  -6.626  -12.084 1.00 101.90 ? 41  PHE A CD2 1 
ATOM 265  C CE1 . PHE A 1 41  ? 11.378  -9.134  -11.234 1.00 103.06 ? 41  PHE A CE1 1 
ATOM 266  C CE2 . PHE A 1 41  ? 13.130  -7.702  -12.084 1.00 101.31 ? 41  PHE A CE2 1 
ATOM 267  C CZ  . PHE A 1 41  ? 12.705  -8.959  -11.663 1.00 102.11 ? 41  PHE A CZ  1 
ATOM 268  N N   . ILE A 1 42  ? 10.886  -5.880  -8.511  1.00 99.74  ? 42  ILE A N   1 
ATOM 269  C CA  . ILE A 1 42  ? 11.887  -5.748  -7.461  1.00 100.11 ? 42  ILE A CA  1 
ATOM 270  C C   . ILE A 1 42  ? 13.067  -6.734  -7.620  1.00 101.36 ? 42  ILE A C   1 
ATOM 271  O O   . ILE A 1 42  ? 12.928  -7.965  -7.429  1.00 101.16 ? 42  ILE A O   1 
ATOM 272  C CB  . ILE A 1 42  ? 11.266  -6.046  -6.102  1.00 99.71  ? 42  ILE A CB  1 
ATOM 273  C CG1 . ILE A 1 42  ? 10.217  -4.995  -5.744  1.00 99.03  ? 42  ILE A CG1 1 
ATOM 274  C CG2 . ILE A 1 42  ? 12.351  -6.132  -5.019  1.00 99.74  ? 42  ILE A CG2 1 
ATOM 275  C CD1 . ILE A 1 42  ? 9.468   -5.304  -4.476  1.00 95.25  ? 42  ILE A CD1 1 
ATOM 276  N N   . SER A 1 43  ? 14.238  -6.178  -7.914  1.00 102.29 ? 43  SER A N   1 
ATOM 277  C CA  . SER A 1 43  ? 15.433  -6.961  -8.187  1.00 103.07 ? 43  SER A CA  1 
ATOM 278  C C   . SER A 1 43  ? 16.648  -6.532  -7.321  1.00 104.10 ? 43  SER A C   1 
ATOM 279  O O   . SER A 1 43  ? 16.649  -5.449  -6.716  1.00 104.69 ? 43  SER A O   1 
ATOM 280  C CB  . SER A 1 43  ? 15.764  -6.819  -9.672  1.00 102.80 ? 43  SER A CB  1 
ATOM 281  O OG  . SER A 1 43  ? 17.075  -7.269  -9.960  1.00 103.17 ? 43  SER A OG  1 
ATOM 282  N N   . ASP A 1 44  ? 17.672  -7.387  -7.277  1.00 104.36 ? 44  ASP A N   1 
ATOM 283  C CA  . ASP A 1 44  ? 18.985  -7.067  -6.717  1.00 104.42 ? 44  ASP A CA  1 
ATOM 284  C C   . ASP A 1 44  ? 19.874  -6.132  -7.551  1.00 103.51 ? 44  ASP A C   1 
ATOM 285  O O   . ASP A 1 44  ? 20.855  -5.621  -7.050  1.00 103.16 ? 44  ASP A O   1 
ATOM 286  C CB  . ASP A 1 44  ? 19.757  -8.371  -6.534  1.00 105.61 ? 44  ASP A CB  1 
ATOM 287  C CG  . ASP A 1 44  ? 19.289  -9.173  -5.321  1.00 109.53 ? 44  ASP A CG  1 
ATOM 288  O OD1 . ASP A 1 44  ? 18.668  -8.565  -4.384  1.00 112.08 ? 44  ASP A OD1 1 
ATOM 289  O OD2 . ASP A 1 44  ? 19.567  -10.411 -5.314  1.00 111.43 ? 44  ASP A OD2 1 
ATOM 290  N N   . LYS A 1 45  ? 19.563  -5.920  -8.821  1.00 102.98 ? 45  LYS A N   1 
ATOM 291  C CA  . LYS A 1 45  ? 20.511  -5.258  -9.730  1.00 102.52 ? 45  LYS A CA  1 
ATOM 292  C C   . LYS A 1 45  ? 19.863  -4.141  -10.534 1.00 102.18 ? 45  LYS A C   1 
ATOM 293  O O   . LYS A 1 45  ? 18.744  -4.301  -10.975 1.00 101.80 ? 45  LYS A O   1 
ATOM 294  C CB  . LYS A 1 45  ? 21.054  -6.272  -10.743 1.00 102.86 ? 45  LYS A CB  1 
ATOM 295  C CG  . LYS A 1 45  ? 20.594  -7.749  -10.565 1.00 102.33 ? 45  LYS A CG  1 
ATOM 296  C CD  . LYS A 1 45  ? 21.144  -8.542  -11.712 1.00 102.46 ? 45  LYS A CD  1 
ATOM 297  C CE  . LYS A 1 45  ? 22.359  -7.807  -12.308 1.00 101.45 ? 45  LYS A CE  1 
ATOM 298  N NZ  . LYS A 1 45  ? 23.230  -8.721  -13.075 1.00 101.79 ? 45  LYS A NZ  1 
ATOM 299  N N   . PRO A 1 46  ? 20.574  -3.027  -10.775 1.00 102.35 ? 46  PRO A N   1 
ATOM 300  C CA  . PRO A 1 46  ? 20.028  -1.931  -11.601 1.00 102.51 ? 46  PRO A CA  1 
ATOM 301  C C   . PRO A 1 46  ? 19.942  -2.277  -13.079 1.00 102.83 ? 46  PRO A C   1 
ATOM 302  O O   . PRO A 1 46  ? 20.273  -3.393  -13.466 1.00 102.85 ? 46  PRO A O   1 
ATOM 303  C CB  . PRO A 1 46  ? 21.080  -0.829  -11.456 1.00 102.27 ? 46  PRO A CB  1 
ATOM 304  C CG  . PRO A 1 46  ? 22.345  -1.576  -11.280 1.00 102.31 ? 46  PRO A CG  1 
ATOM 305  C CD  . PRO A 1 46  ? 21.972  -2.760  -10.388 1.00 102.71 ? 46  PRO A CD  1 
ATOM 306  N N   . ASP A 1 47  ? 19.482  -1.311  -13.874 1.00 103.41 ? 47  ASP A N   1 
ATOM 307  C CA  . ASP A 1 47  ? 19.675  -1.261  -15.348 1.00 104.25 ? 47  ASP A CA  1 
ATOM 308  C C   . ASP A 1 47  ? 18.816  -2.144  -16.293 1.00 104.36 ? 47  ASP A C   1 
ATOM 309  O O   . ASP A 1 47  ? 19.031  -2.148  -17.524 1.00 104.68 ? 47  ASP A O   1 
ATOM 310  C CB  . ASP A 1 47  ? 21.172  -1.333  -15.696 1.00 104.60 ? 47  ASP A CB  1 
ATOM 311  C CG  . ASP A 1 47  ? 21.987  -0.229  -14.997 1.00 106.42 ? 47  ASP A CG  1 
ATOM 312  O OD1 . ASP A 1 47  ? 21.429  0.876   -14.762 1.00 108.21 ? 47  ASP A OD1 1 
ATOM 313  O OD2 . ASP A 1 47  ? 23.179  -0.465  -14.674 1.00 107.93 ? 47  ASP A OD2 1 
ATOM 314  N N   . LEU A 1 48  ? 17.827  -2.837  -15.710 1.00 104.22 ? 48  LEU A N   1 
ATOM 315  C CA  . LEU A 1 48  ? 16.839  -3.662  -16.438 1.00 103.86 ? 48  LEU A CA  1 
ATOM 316  C C   . LEU A 1 48  ? 15.787  -2.814  -17.166 1.00 104.74 ? 48  LEU A C   1 
ATOM 317  O O   . LEU A 1 48  ? 15.481  -1.694  -16.744 1.00 105.38 ? 48  LEU A O   1 
ATOM 318  C CB  . LEU A 1 48  ? 16.198  -4.705  -15.502 1.00 102.86 ? 48  LEU A CB  1 
ATOM 319  C CG  . LEU A 1 48  ? 17.234  -5.505  -14.687 1.00 101.11 ? 48  LEU A CG  1 
ATOM 320  C CD1 . LEU A 1 48  ? 16.665  -6.404  -13.606 1.00 97.11  ? 48  LEU A CD1 1 
ATOM 321  C CD2 . LEU A 1 48  ? 18.074  -6.322  -15.642 1.00 102.39 ? 48  LEU A CD2 1 
ATOM 322  N N   . ARG A 1 49  ? 15.260  -3.334  -18.270 1.00 105.57 ? 49  ARG A N   1 
ATOM 323  C CA  . ARG A 1 49  ? 14.383  -2.553  -19.130 1.00 106.69 ? 49  ARG A CA  1 
ATOM 324  C C   . ARG A 1 49  ? 13.055  -3.259  -19.427 1.00 107.04 ? 49  ARG A C   1 
ATOM 325  O O   . ARG A 1 49  ? 12.105  -2.607  -19.906 1.00 107.61 ? 49  ARG A O   1 
ATOM 326  C CB  . ARG A 1 49  ? 15.088  -2.163  -20.453 1.00 107.09 ? 49  ARG A CB  1 
ATOM 327  C CG  . ARG A 1 49  ? 16.361  -1.285  -20.348 1.00 108.96 ? 49  ARG A CG  1 
ATOM 328  C CD  . ARG A 1 49  ? 16.059  0.188   -20.042 1.00 112.77 ? 49  ARG A CD  1 
ATOM 329  N NE  . ARG A 1 49  ? 15.721  1.002   -21.221 1.00 116.48 ? 49  ARG A NE  1 
ATOM 330  C CZ  . ARG A 1 49  ? 14.477  1.280   -21.643 1.00 118.19 ? 49  ARG A CZ  1 
ATOM 331  N NH1 . ARG A 1 49  ? 13.414  0.783   -21.002 1.00 118.46 ? 49  ARG A NH1 1 
ATOM 332  N NH2 . ARG A 1 49  ? 14.291  2.049   -22.723 1.00 117.05 ? 49  ARG A NH2 1 
ATOM 333  N N   . VAL A 1 50  ? 12.977  -4.566  -19.143 1.00 106.98 ? 50  VAL A N   1 
ATOM 334  C CA  . VAL A 1 50  ? 11.876  -5.416  -19.646 1.00 107.32 ? 50  VAL A CA  1 
ATOM 335  C C   . VAL A 1 50  ? 11.671  -6.735  -18.895 1.00 107.81 ? 50  VAL A C   1 
ATOM 336  O O   . VAL A 1 50  ? 12.639  -7.389  -18.495 1.00 107.43 ? 50  VAL A O   1 
ATOM 337  C CB  . VAL A 1 50  ? 12.037  -5.728  -21.179 1.00 107.31 ? 50  VAL A CB  1 
ATOM 338  C CG1 . VAL A 1 50  ? 11.372  -7.064  -21.555 1.00 107.68 ? 50  VAL A CG1 1 
ATOM 339  C CG2 . VAL A 1 50  ? 11.504  -4.577  -22.055 1.00 106.22 ? 50  VAL A CG2 1 
ATOM 340  N N   . VAL A 1 51  ? 10.399  -7.097  -18.701 1.00 108.80 ? 51  VAL A N   1 
ATOM 341  C CA  . VAL A 1 51  ? 10.010  -8.453  -18.320 1.00 110.12 ? 51  VAL A CA  1 
ATOM 342  C C   . VAL A 1 51  ? 9.131   -9.073  -19.391 1.00 110.96 ? 51  VAL A C   1 
ATOM 343  O O   . VAL A 1 51  ? 8.212   -8.430  -19.907 1.00 110.58 ? 51  VAL A O   1 
ATOM 344  C CB  . VAL A 1 51  ? 9.269   -8.517  -16.966 1.00 110.10 ? 51  VAL A CB  1 
ATOM 345  C CG1 . VAL A 1 51  ? 8.057   -9.443  -17.039 1.00 109.99 ? 51  VAL A CG1 1 
ATOM 346  C CG2 . VAL A 1 51  ? 10.200  -9.001  -15.882 1.00 110.36 ? 51  VAL A CG2 1 
ATOM 347  N N   . LYS A 1 52  ? 9.427   -10.333 -19.712 1.00 112.43 ? 52  LYS A N   1 
ATOM 348  C CA  . LYS A 1 52  ? 8.558   -11.136 -20.582 1.00 113.60 ? 52  LYS A CA  1 
ATOM 349  C C   . LYS A 1 52  ? 7.560   -11.896 -19.699 1.00 113.86 ? 52  LYS A C   1 
ATOM 350  O O   . LYS A 1 52  ? 7.934   -12.553 -18.711 1.00 113.62 ? 52  LYS A O   1 
ATOM 351  C CB  . LYS A 1 52  ? 9.358   -12.071 -21.527 1.00 113.84 ? 52  LYS A CB  1 
ATOM 352  C CG  . LYS A 1 52  ? 10.394  -11.382 -22.461 1.00 115.00 ? 52  LYS A CG  1 
ATOM 353  C CD  . LYS A 1 52  ? 9.793   -10.278 -23.352 1.00 118.38 ? 52  LYS A CD  1 
ATOM 354  C CE  . LYS A 1 52  ? 10.869  -9.636  -24.268 1.00 121.21 ? 52  LYS A CE  1 
ATOM 355  N NZ  . LYS A 1 52  ? 10.345  -8.546  -25.201 1.00 121.66 ? 52  LYS A NZ  1 
ATOM 356  N N   . TRP A 1 53  ? 6.288   -11.786 -20.071 1.00 114.31 ? 53  TRP A N   1 
ATOM 357  C CA  . TRP A 1 53  ? 5.190   -12.097 -19.176 1.00 115.03 ? 53  TRP A CA  1 
ATOM 358  C C   . TRP A 1 53  ? 4.539   -13.482 -19.391 1.00 114.83 ? 53  TRP A C   1 
ATOM 359  O O   . TRP A 1 53  ? 3.766   -13.697 -20.333 1.00 114.48 ? 53  TRP A O   1 
ATOM 360  C CB  . TRP A 1 53  ? 4.178   -10.946 -19.253 1.00 115.39 ? 53  TRP A CB  1 
ATOM 361  C CG  . TRP A 1 53  ? 3.078   -10.991 -18.235 1.00 117.97 ? 53  TRP A CG  1 
ATOM 362  C CD1 . TRP A 1 53  ? 1.733   -10.933 -18.489 1.00 119.38 ? 53  TRP A CD1 1 
ATOM 363  C CD2 . TRP A 1 53  ? 3.212   -11.109 -16.793 1.00 120.42 ? 53  TRP A CD2 1 
ATOM 364  N NE1 . TRP A 1 53  ? 1.019   -10.998 -17.302 1.00 120.79 ? 53  TRP A NE1 1 
ATOM 365  C CE2 . TRP A 1 53  ? 1.894   -11.117 -16.250 1.00 120.52 ? 53  TRP A CE2 1 
ATOM 366  C CE3 . TRP A 1 53  ? 4.313   -11.218 -15.910 1.00 120.50 ? 53  TRP A CE3 1 
ATOM 367  C CZ2 . TRP A 1 53  ? 1.644   -11.229 -14.857 1.00 119.58 ? 53  TRP A CZ2 1 
ATOM 368  C CZ3 . TRP A 1 53  ? 4.061   -11.324 -14.522 1.00 119.46 ? 53  TRP A CZ3 1 
ATOM 369  C CH2 . TRP A 1 53  ? 2.733   -11.332 -14.018 1.00 119.32 ? 53  TRP A CH2 1 
ATOM 370  N N   . GLY A 1 57  ? -2.906  -17.513 -21.016 1.00 129.21 ? 57  GLY A N   1 
ATOM 371  C CA  . GLY A 1 57  ? -2.302  -17.127 -22.293 1.00 129.85 ? 57  GLY A CA  1 
ATOM 372  C C   . GLY A 1 57  ? -1.572  -15.782 -22.288 1.00 130.19 ? 57  GLY A C   1 
ATOM 373  O O   . GLY A 1 57  ? -1.305  -15.213 -21.222 1.00 130.14 ? 57  GLY A O   1 
ATOM 374  N N   . GLY A 1 58  ? -1.233  -15.292 -23.490 1.00 130.23 ? 58  GLY A N   1 
ATOM 375  C CA  . GLY A 1 58  ? -0.487  -14.026 -23.693 1.00 130.09 ? 58  GLY A CA  1 
ATOM 376  C C   . GLY A 1 58  ? 0.972   -13.874 -23.202 1.00 129.98 ? 58  GLY A C   1 
ATOM 377  O O   . GLY A 1 58  ? 1.197   -13.623 -22.001 1.00 130.30 ? 58  GLY A O   1 
ATOM 378  N N   . CYS A 1 59  ? 1.957   -14.017 -24.114 1.00 129.25 ? 59  CYS A N   1 
ATOM 379  C CA  . CYS A 1 59  ? 3.372   -13.591 -23.878 1.00 128.49 ? 59  CYS A CA  1 
ATOM 380  C C   . CYS A 1 59  ? 3.389   -12.085 -23.941 1.00 126.94 ? 59  CYS A C   1 
ATOM 381  O O   . CYS A 1 59  ? 3.048   -11.511 -24.989 1.00 126.49 ? 59  CYS A O   1 
ATOM 382  C CB  . CYS A 1 59  ? 4.348   -14.061 -24.993 1.00 128.86 ? 59  CYS A CB  1 
ATOM 383  S SG  . CYS A 1 59  ? 6.196   -14.148 -24.563 1.00 132.72 ? 59  CYS A SG  1 
ATOM 384  N N   . ASN A 1 60  ? 3.771   -11.428 -22.846 1.00 125.25 ? 60  ASN A N   1 
ATOM 385  C CA  . ASN A 1 60  ? 3.961   -9.980  -22.956 1.00 123.15 ? 60  ASN A CA  1 
ATOM 386  C C   . ASN A 1 60  ? 5.292   -9.291  -22.622 1.00 121.19 ? 60  ASN A C   1 
ATOM 387  O O   . ASN A 1 60  ? 5.905   -9.499  -21.567 1.00 120.06 ? 60  ASN A O   1 
ATOM 388  C CB  . ASN A 1 60  ? 2.699   -9.154  -22.612 1.00 123.62 ? 60  ASN A CB  1 
ATOM 389  C CG  . ASN A 1 60  ? 2.032   -8.544  -23.881 1.00 124.30 ? 60  ASN A CG  1 
ATOM 390  O OD1 . ASN A 1 60  ? 1.509   -7.418  -23.853 1.00 124.89 ? 60  ASN A OD1 1 
ATOM 391  N ND2 . ASN A 1 60  ? 2.090   -9.281  -25.001 1.00 123.58 ? 60  ASN A ND2 1 
ATOM 392  N N   . THR A 1 61  ? 5.715   -8.522  -23.619 1.00 119.37 ? 61  THR A N   1 
ATOM 393  C CA  . THR A 1 61  ? 6.633   -7.398  -23.498 1.00 117.91 ? 61  THR A CA  1 
ATOM 394  C C   . THR A 1 61  ? 6.143   -6.411  -22.425 1.00 116.25 ? 61  THR A C   1 
ATOM 395  O O   . THR A 1 61  ? 5.225   -5.609  -22.682 1.00 116.41 ? 61  THR A O   1 
ATOM 396  C CB  . THR A 1 61  ? 6.662   -6.588  -24.830 1.00 118.14 ? 61  THR A CB  1 
ATOM 397  O OG1 . THR A 1 61  ? 6.834   -7.470  -25.959 1.00 119.20 ? 61  THR A OG1 1 
ATOM 398  C CG2 . THR A 1 61  ? 7.749   -5.481  -24.797 1.00 117.80 ? 61  THR A CG2 1 
ATOM 399  N N   . ILE A 1 62  ? 6.750   -6.464  -21.237 1.00 113.63 ? 62  ILE A N   1 
ATOM 400  C CA  . ILE A 1 62  ? 6.414   -5.533  -20.152 1.00 110.33 ? 62  ILE A CA  1 
ATOM 401  C C   . ILE A 1 62  ? 7.643   -4.719  -19.723 1.00 107.84 ? 62  ILE A C   1 
ATOM 402  O O   . ILE A 1 62  ? 8.613   -5.281  -19.196 1.00 106.97 ? 62  ILE A O   1 
ATOM 403  C CB  . ILE A 1 62  ? 5.703   -6.276  -18.999 1.00 110.61 ? 62  ILE A CB  1 
ATOM 404  C CG1 . ILE A 1 62  ? 4.225   -6.533  -19.376 1.00 110.90 ? 62  ILE A CG1 1 
ATOM 405  C CG2 . ILE A 1 62  ? 5.874   -5.554  -17.652 1.00 110.62 ? 62  ILE A CG2 1 
ATOM 406  C CD1 . ILE A 1 62  ? 3.299   -5.278  -19.503 1.00 111.90 ? 62  ILE A CD1 1 
ATOM 407  N N   . GLU A 1 63  ? 7.572   -3.403  -19.987 1.00 104.67 ? 63  GLU A N   1 
ATOM 408  C CA  . GLU A 1 63  ? 8.684   -2.451  -19.820 1.00 101.96 ? 63  GLU A CA  1 
ATOM 409  C C   . GLU A 1 63  ? 8.673   -1.747  -18.470 1.00 99.73  ? 63  GLU A C   1 
ATOM 410  O O   . GLU A 1 63  ? 7.642   -1.216  -18.061 1.00 98.93  ? 63  GLU A O   1 
ATOM 411  C CB  . GLU A 1 63  ? 8.591   -1.350  -20.862 1.00 102.15 ? 63  GLU A CB  1 
ATOM 412  C CG  . GLU A 1 63  ? 8.464   -1.794  -22.281 1.00 103.08 ? 63  GLU A CG  1 
ATOM 413  C CD  . GLU A 1 63  ? 8.190   -0.616  -23.192 1.00 106.12 ? 63  GLU A CD  1 
ATOM 414  O OE1 . GLU A 1 63  ? 9.158   0.103   -23.576 1.00 106.46 ? 63  GLU A OE1 1 
ATOM 415  O OE2 . GLU A 1 63  ? 6.996   -0.406  -23.511 1.00 107.53 ? 63  GLU A OE2 1 
ATOM 416  N N   . LEU A 1 64  ? 9.829   -1.688  -17.809 1.00 96.86  ? 64  LEU A N   1 
ATOM 417  C CA  . LEU A 1 64  ? 9.894   -1.061  -16.497 1.00 94.20  ? 64  LEU A CA  1 
ATOM 418  C C   . LEU A 1 64  ? 10.317  0.401   -16.564 1.00 93.16  ? 64  LEU A C   1 
ATOM 419  O O   . LEU A 1 64  ? 10.921  0.831   -17.551 1.00 92.22  ? 64  LEU A O   1 
ATOM 420  C CB  . LEU A 1 64  ? 10.825  -1.834  -15.603 1.00 93.65  ? 64  LEU A CB  1 
ATOM 421  C CG  . LEU A 1 64  ? 10.632  -3.323  -15.788 1.00 92.73  ? 64  LEU A CG  1 
ATOM 422  C CD1 . LEU A 1 64  ? 11.936  -4.070  -15.620 1.00 91.95  ? 64  LEU A CD1 1 
ATOM 423  C CD2 . LEU A 1 64  ? 9.595   -3.820  -14.818 1.00 93.53  ? 64  LEU A CD2 1 
ATOM 424  N N   . GLU A 1 65  ? 9.938   1.157   -15.524 1.00 92.25  ? 65  GLU A N   1 
ATOM 425  C CA  . GLU A 1 65  ? 10.440  2.520   -15.268 1.00 91.29  ? 65  GLU A CA  1 
ATOM 426  C C   . GLU A 1 65  ? 11.865  2.336   -14.811 1.00 90.06  ? 65  GLU A C   1 
ATOM 427  O O   . GLU A 1 65  ? 12.215  1.249   -14.310 1.00 88.91  ? 65  GLU A O   1 
ATOM 428  C CB  . GLU A 1 65  ? 9.709   3.214   -14.073 1.00 91.84  ? 65  GLU A CB  1 
ATOM 429  C CG  . GLU A 1 65  ? 8.184   3.386   -14.078 1.00 93.33  ? 65  GLU A CG  1 
ATOM 430  C CD  . GLU A 1 65  ? 7.680   4.489   -15.010 1.00 96.57  ? 65  GLU A CD  1 
ATOM 431  O OE1 . GLU A 1 65  ? 6.541   4.986   -14.805 1.00 95.37  ? 65  GLU A OE1 1 
ATOM 432  O OE2 . GLU A 1 65  ? 8.406   4.840   -15.969 1.00 98.42  ? 65  GLU A OE2 1 
ATOM 433  N N   . PRO A 1 66  ? 12.692  3.393   -14.931 1.00 89.54  ? 66  PRO A N   1 
ATOM 434  C CA  . PRO A 1 66  ? 13.968  3.367   -14.208 1.00 89.84  ? 66  PRO A CA  1 
ATOM 435  C C   . PRO A 1 66  ? 13.709  3.109   -12.728 1.00 90.45  ? 66  PRO A C   1 
ATOM 436  O O   . PRO A 1 66  ? 12.780  3.693   -12.141 1.00 89.94  ? 66  PRO A O   1 
ATOM 437  C CB  . PRO A 1 66  ? 14.546  4.756   -14.434 1.00 89.34  ? 66  PRO A CB  1 
ATOM 438  C CG  . PRO A 1 66  ? 13.913  5.216   -15.681 1.00 89.12  ? 66  PRO A CG  1 
ATOM 439  C CD  . PRO A 1 66  ? 12.552  4.598   -15.757 1.00 89.35  ? 66  PRO A CD  1 
ATOM 440  N N   . PRO A 1 67  ? 14.494  2.196   -12.137 1.00 91.34  ? 67  PRO A N   1 
ATOM 441  C CA  . PRO A 1 67  ? 14.186  1.693   -10.819 1.00 92.50  ? 67  PRO A CA  1 
ATOM 442  C C   . PRO A 1 67  ? 14.316  2.802   -9.843  1.00 93.81  ? 67  PRO A C   1 
ATOM 443  O O   . PRO A 1 67  ? 14.964  3.801   -10.143 1.00 93.99  ? 67  PRO A O   1 
ATOM 444  C CB  . PRO A 1 67  ? 15.300  0.670   -10.561 1.00 92.15  ? 67  PRO A CB  1 
ATOM 445  C CG  . PRO A 1 67  ? 16.402  1.085   -11.394 1.00 90.89  ? 67  PRO A CG  1 
ATOM 446  C CD  . PRO A 1 67  ? 15.782  1.675   -12.622 1.00 91.41  ? 67  PRO A CD  1 
ATOM 447  N N   . ARG A 1 68  ? 13.691  2.632   -8.693  1.00 95.76  ? 68  ARG A N   1 
ATOM 448  C CA  . ARG A 1 68  ? 13.852  3.554   -7.581  1.00 98.00  ? 68  ARG A CA  1 
ATOM 449  C C   . ARG A 1 68  ? 14.519  2.704   -6.485  1.00 98.50  ? 68  ARG A C   1 
ATOM 450  O O   . ARG A 1 68  ? 13.987  1.674   -6.103  1.00 99.03  ? 68  ARG A O   1 
ATOM 451  C CB  . ARG A 1 68  ? 12.472  4.161   -7.199  1.00 98.19  ? 68  ARG A CB  1 
ATOM 452  C CG  . ARG A 1 68  ? 12.313  4.682   -5.756  1.00 102.01 ? 68  ARG A CG  1 
ATOM 453  C CD  . ARG A 1 68  ? 12.696  6.175   -5.610  1.00 109.08 ? 68  ARG A CD  1 
ATOM 454  N NE  . ARG A 1 68  ? 13.680  6.396   -4.526  1.00 113.70 ? 68  ARG A NE  1 
ATOM 455  C CZ  . ARG A 1 68  ? 15.016  6.246   -4.636  1.00 116.03 ? 68  ARG A CZ  1 
ATOM 456  N NH1 . ARG A 1 68  ? 15.593  5.855   -5.786  1.00 114.86 ? 68  ARG A NH1 1 
ATOM 457  N NH2 . ARG A 1 68  ? 15.800  6.492   -3.580  1.00 117.72 ? 68  ARG A NH2 1 
ATOM 458  N N   . LYS A 1 69  ? 15.707  3.091   -6.027  1.00 99.45  ? 69  LYS A N   1 
ATOM 459  C CA  . LYS A 1 69  ? 16.485  2.254   -5.089  1.00 100.61 ? 69  LYS A CA  1 
ATOM 460  C C   . LYS A 1 69  ? 15.959  2.282   -3.654  1.00 101.01 ? 69  LYS A C   1 
ATOM 461  O O   . LYS A 1 69  ? 15.376  3.275   -3.229  1.00 101.03 ? 69  LYS A O   1 
ATOM 462  C CB  . LYS A 1 69  ? 17.932  2.719   -5.069  1.00 100.50 ? 69  LYS A CB  1 
ATOM 463  C CG  . LYS A 1 69  ? 18.469  3.054   -6.435  1.00 102.78 ? 69  LYS A CG  1 
ATOM 464  C CD  . LYS A 1 69  ? 19.706  3.941   -6.336  1.00 106.07 ? 69  LYS A CD  1 
ATOM 465  C CE  . LYS A 1 69  ? 19.360  5.426   -6.449  1.00 107.87 ? 69  LYS A CE  1 
ATOM 466  N NZ  . LYS A 1 69  ? 20.433  6.136   -7.231  1.00 110.19 ? 69  LYS A NZ  1 
ATOM 467  N N   . PHE A 1 70  ? 16.178  1.214   -2.898  1.00 101.78 ? 70  PHE A N   1 
ATOM 468  C CA  . PHE A 1 70  ? 15.905  1.287   -1.471  1.00 103.10 ? 70  PHE A CA  1 
ATOM 469  C C   . PHE A 1 70  ? 16.561  0.234   -0.607  1.00 105.06 ? 70  PHE A C   1 
ATOM 470  O O   . PHE A 1 70  ? 16.741  -0.906  -1.013  1.00 105.06 ? 70  PHE A O   1 
ATOM 471  C CB  . PHE A 1 70  ? 14.403  1.349   -1.184  1.00 102.46 ? 70  PHE A CB  1 
ATOM 472  C CG  . PHE A 1 70  ? 13.679  0.040   -1.360  1.00 99.88  ? 70  PHE A CG  1 
ATOM 473  C CD1 . PHE A 1 70  ? 13.245  -0.372  -2.621  1.00 97.12  ? 70  PHE A CD1 1 
ATOM 474  C CD2 . PHE A 1 70  ? 13.392  -0.755  -0.259  1.00 97.46  ? 70  PHE A CD2 1 
ATOM 475  C CE1 . PHE A 1 70  ? 12.562  -1.550  -2.780  1.00 95.05  ? 70  PHE A CE1 1 
ATOM 476  C CE2 . PHE A 1 70  ? 12.692  -1.942  -0.406  1.00 96.00  ? 70  PHE A CE2 1 
ATOM 477  C CZ  . PHE A 1 70  ? 12.283  -2.345  -1.674  1.00 95.63  ? 70  PHE A CZ  1 
ATOM 478  N N   . LEU A 1 71  ? 16.876  0.654   0.611   1.00 107.53 ? 71  LEU A N   1 
ATOM 479  C CA  . LEU A 1 71  ? 17.565  -0.155  1.582   1.00 110.21 ? 71  LEU A CA  1 
ATOM 480  C C   . LEU A 1 71  ? 16.620  -1.174  2.147   1.00 111.95 ? 71  LEU A C   1 
ATOM 481  O O   . LEU A 1 71  ? 15.454  -0.871  2.348   1.00 112.56 ? 71  LEU A O   1 
ATOM 482  C CB  . LEU A 1 71  ? 18.022  0.739   2.722   1.00 110.33 ? 71  LEU A CB  1 
ATOM 483  C CG  . LEU A 1 71  ? 19.033  1.807   2.328   1.00 111.35 ? 71  LEU A CG  1 
ATOM 484  C CD1 . LEU A 1 71  ? 18.746  3.143   3.026   1.00 112.23 ? 71  LEU A CD1 1 
ATOM 485  C CD2 . LEU A 1 71  ? 20.441  1.312   2.589   1.00 110.98 ? 71  LEU A CD2 1 
ATOM 486  N N   . VAL A 1 72  ? 17.130  -2.371  2.413   1.00 114.29 ? 72  VAL A N   1 
ATOM 487  C CA  . VAL A 1 72  ? 16.365  -3.430  3.074   1.00 116.95 ? 72  VAL A CA  1 
ATOM 488  C C   . VAL A 1 72  ? 17.247  -4.357  3.922   1.00 118.74 ? 72  VAL A C   1 
ATOM 489  O O   . VAL A 1 72  ? 18.414  -4.619  3.585   1.00 119.13 ? 72  VAL A O   1 
ATOM 490  C CB  . VAL A 1 72  ? 15.469  -4.236  2.073   1.00 117.13 ? 72  VAL A CB  1 
ATOM 491  C CG1 . VAL A 1 72  ? 15.668  -5.785  2.184   1.00 116.93 ? 72  VAL A CG1 1 
ATOM 492  C CG2 . VAL A 1 72  ? 13.991  -3.832  2.251   1.00 117.46 ? 72  VAL A CG2 1 
ATOM 493  N N   . ASP A 1 73  ? 16.669  -4.875  5.003   1.00 120.52 ? 73  ASP A N   1 
ATOM 494  C CA  . ASP A 1 73  ? 17.471  -5.465  6.060   1.00 122.32 ? 73  ASP A CA  1 
ATOM 495  C C   . ASP A 1 73  ? 17.449  -7.000  6.135   1.00 123.11 ? 73  ASP A C   1 
ATOM 496  O O   . ASP A 1 73  ? 16.547  -7.588  6.753   1.00 123.73 ? 73  ASP A O   1 
ATOM 497  C CB  . ASP A 1 73  ? 17.090  -4.823  7.404   1.00 122.62 ? 73  ASP A CB  1 
ATOM 498  C CG  . ASP A 1 73  ? 18.298  -4.207  8.117   1.00 124.19 ? 73  ASP A CG  1 
ATOM 499  O OD1 . ASP A 1 73  ? 19.351  -4.900  8.192   1.00 125.34 ? 73  ASP A OD1 1 
ATOM 500  O OD2 . ASP A 1 73  ? 18.193  -3.038  8.587   1.00 124.40 ? 73  ASP A OD2 1 
ATOM 501  N N   . SER A 1 74  ? 18.443  -7.639  5.512   1.00 123.67 ? 74  SER A N   1 
ATOM 502  C CA  . SER A 1 74  ? 18.657  -9.080  5.676   1.00 124.04 ? 74  SER A CA  1 
ATOM 503  C C   . SER A 1 74  ? 19.745  -9.311  6.729   1.00 124.64 ? 74  SER A C   1 
ATOM 504  O O   . SER A 1 74  ? 20.719  -8.538  6.784   1.00 124.67 ? 74  SER A O   1 
ATOM 505  C CB  . SER A 1 74  ? 19.069  -9.732  4.356   1.00 123.78 ? 74  SER A CB  1 
ATOM 506  O OG  . SER A 1 74  ? 20.378  -9.336  4.007   1.00 122.80 ? 74  SER A OG  1 
ATOM 507  N N   . PRO A 1 75  ? 19.573  -10.354 7.586   1.00 125.10 ? 75  PRO A N   1 
ATOM 508  C CA  . PRO A 1 75  ? 20.652  -10.765 8.544   1.00 124.91 ? 75  PRO A CA  1 
ATOM 509  C C   . PRO A 1 75  ? 21.938  -11.331 7.863   1.00 124.56 ? 75  PRO A C   1 
ATOM 510  O O   . PRO A 1 75  ? 22.305  -12.505 8.037   1.00 124.55 ? 75  PRO A O   1 
ATOM 511  C CB  . PRO A 1 75  ? 19.952  -11.789 9.465   1.00 124.88 ? 75  PRO A CB  1 
ATOM 512  C CG  . PRO A 1 75  ? 18.443  -11.488 9.324   1.00 124.90 ? 75  PRO A CG  1 
ATOM 513  C CD  . PRO A 1 75  ? 18.280  -11.021 7.884   1.00 125.16 ? 75  PRO A CD  1 
ATOM 514  N N   . ASN A 1 76  ? 22.587  -10.463 7.081   1.00 123.88 ? 76  ASN A N   1 
ATOM 515  C CA  . ASN A 1 76  ? 23.866  -10.698 6.383   1.00 122.85 ? 76  ASN A CA  1 
ATOM 516  C C   . ASN A 1 76  ? 24.253  -9.326  5.819   1.00 121.58 ? 76  ASN A C   1 
ATOM 517  O O   . ASN A 1 76  ? 24.777  -9.173  4.703   1.00 121.17 ? 76  ASN A O   1 
ATOM 518  C CB  . ASN A 1 76  ? 23.749  -11.785 5.294   1.00 123.21 ? 76  ASN A CB  1 
ATOM 519  C CG  . ASN A 1 76  ? 22.671  -11.480 4.257   1.00 124.32 ? 76  ASN A CG  1 
ATOM 520  O OD1 . ASN A 1 76  ? 21.545  -11.988 4.344   1.00 125.59 ? 76  ASN A OD1 1 
ATOM 521  N ND2 . ASN A 1 76  ? 23.010  -10.640 3.272   1.00 125.30 ? 76  ASN A ND2 1 
ATOM 522  N N   . GLY A 1 77  ? 23.950  -8.319  6.631   1.00 120.19 ? 77  GLY A N   1 
ATOM 523  C CA  . GLY A 1 77  ? 24.052  -6.944  6.226   1.00 118.63 ? 77  GLY A CA  1 
ATOM 524  C C   . GLY A 1 77  ? 22.816  -6.540  5.442   1.00 117.59 ? 77  GLY A C   1 
ATOM 525  O O   . GLY A 1 77  ? 22.184  -7.367  4.762   1.00 117.80 ? 77  GLY A O   1 
ATOM 526  N N   . ALA A 1 78  ? 22.468  -5.258  5.568   1.00 115.98 ? 78  ALA A N   1 
ATOM 527  C CA  . ALA A 1 78  ? 21.493  -4.603  4.717   1.00 113.97 ? 78  ALA A CA  1 
ATOM 528  C C   . ALA A 1 78  ? 21.974  -4.684  3.280   1.00 112.88 ? 78  ALA A C   1 
ATOM 529  O O   . ALA A 1 78  ? 23.104  -4.308  2.975   1.00 112.61 ? 78  ALA A O   1 
ATOM 530  C CB  . ALA A 1 78  ? 21.343  -3.160  5.126   1.00 113.77 ? 78  ALA A CB  1 
ATOM 531  N N   . GLN A 1 79  ? 21.120  -5.209  2.408   1.00 111.36 ? 79  GLN A N   1 
ATOM 532  C CA  . GLN A 1 79  ? 21.367  -5.168  0.971   1.00 109.60 ? 79  GLN A CA  1 
ATOM 533  C C   . GLN A 1 79  ? 20.566  -3.998  0.394   1.00 107.61 ? 79  GLN A C   1 
ATOM 534  O O   . GLN A 1 79  ? 19.592  -3.542  1.000   1.00 107.63 ? 79  GLN A O   1 
ATOM 535  C CB  . GLN A 1 79  ? 20.951  -6.489  0.312   1.00 109.90 ? 79  GLN A CB  1 
ATOM 536  C CG  . GLN A 1 79  ? 21.483  -7.751  0.987   1.00 111.66 ? 79  GLN A CG  1 
ATOM 537  C CD  . GLN A 1 79  ? 20.473  -8.899  0.895   1.00 115.69 ? 79  GLN A CD  1 
ATOM 538  O OE1 . GLN A 1 79  ? 19.292  -8.680  0.561   1.00 115.88 ? 79  GLN A OE1 1 
ATOM 539  N NE2 . GLN A 1 79  ? 20.926  -10.130 1.197   1.00 116.14 ? 79  GLN A NE2 1 
ATOM 540  N N   . ILE A 1 80  ? 20.970  -3.489  -0.757  1.00 104.86 ? 80  ILE A N   1 
ATOM 541  C CA  . ILE A 1 80  ? 20.126  -2.520  -1.399  1.00 102.77 ? 80  ILE A CA  1 
ATOM 542  C C   . ILE A 1 80  ? 19.308  -3.219  -2.508  1.00 101.53 ? 80  ILE A C   1 
ATOM 543  O O   . ILE A 1 80  ? 19.858  -4.016  -3.284  1.00 101.62 ? 80  ILE A O   1 
ATOM 544  C CB  . ILE A 1 80  ? 20.919  -1.260  -1.839  1.00 103.04 ? 80  ILE A CB  1 
ATOM 545  C CG1 . ILE A 1 80  ? 21.346  -1.311  -3.311  1.00 103.29 ? 80  ILE A CG1 1 
ATOM 546  C CG2 . ILE A 1 80  ? 22.107  -0.981  -0.877  1.00 102.50 ? 80  ILE A CG2 1 
ATOM 547  C CD1 . ILE A 1 80  ? 22.375  -0.234  -3.667  1.00 104.62 ? 80  ILE A CD1 1 
ATOM 548  N N   . LYS A 1 81  ? 17.989  -2.973  -2.524  1.00 99.22  ? 81  LYS A N   1 
ATOM 549  C CA  . LYS A 1 81  ? 17.084  -3.504  -3.547  1.00 96.83  ? 81  LYS A CA  1 
ATOM 550  C C   . LYS A 1 81  ? 16.681  -2.369  -4.488  1.00 95.36  ? 81  LYS A C   1 
ATOM 551  O O   . LYS A 1 81  ? 16.776  -1.195  -4.121  1.00 95.03  ? 81  LYS A O   1 
ATOM 552  C CB  . LYS A 1 81  ? 15.822  -4.163  -2.944  1.00 97.23  ? 81  LYS A CB  1 
ATOM 553  C CG  . LYS A 1 81  ? 16.004  -5.298  -1.874  1.00 98.10  ? 81  LYS A CG  1 
ATOM 554  C CD  . LYS A 1 81  ? 16.459  -6.655  -2.410  1.00 99.30  ? 81  LYS A CD  1 
ATOM 555  C CE  . LYS A 1 81  ? 15.320  -7.386  -3.128  1.00 103.07 ? 81  LYS A CE  1 
ATOM 556  N NZ  . LYS A 1 81  ? 14.814  -8.648  -2.472  1.00 103.71 ? 81  LYS A NZ  1 
ATOM 557  N N   . TYR A 1 82  ? 16.247  -2.734  -5.703  1.00 93.79  ? 82  TYR A N   1 
ATOM 558  C CA  . TYR A 1 82  ? 15.854  -1.787  -6.778  1.00 92.06  ? 82  TYR A CA  1 
ATOM 559  C C   . TYR A 1 82  ? 14.419  -2.030  -7.178  1.00 90.37  ? 82  TYR A C   1 
ATOM 560  O O   . TYR A 1 82  ? 14.012  -3.181  -7.378  1.00 89.89  ? 82  TYR A O   1 
ATOM 561  C CB  . TYR A 1 82  ? 16.757  -1.920  -8.011  1.00 92.16  ? 82  TYR A CB  1 
ATOM 562  C CG  . TYR A 1 82  ? 18.222  -1.657  -7.714  1.00 93.99  ? 82  TYR A CG  1 
ATOM 563  C CD1 . TYR A 1 82  ? 18.958  -2.558  -6.940  1.00 95.75  ? 82  TYR A CD1 1 
ATOM 564  C CD2 . TYR A 1 82  ? 18.874  -0.516  -8.203  1.00 96.08  ? 82  TYR A CD2 1 
ATOM 565  C CE1 . TYR A 1 82  ? 20.291  -2.334  -6.632  1.00 98.47  ? 82  TYR A CE1 1 
ATOM 566  C CE2 . TYR A 1 82  ? 20.234  -0.287  -7.918  1.00 98.64  ? 82  TYR A CE2 1 
ATOM 567  C CZ  . TYR A 1 82  ? 20.930  -1.211  -7.121  1.00 99.89  ? 82  TYR A CZ  1 
ATOM 568  O OH  . TYR A 1 82  ? 22.264  -1.043  -6.800  1.00 102.04 ? 82  TYR A OH  1 
ATOM 569  N N   . LEU A 1 83  ? 13.656  -0.944  -7.283  1.00 88.72  ? 83  LEU A N   1 
ATOM 570  C CA  . LEU A 1 83  ? 12.221  -1.038  -7.476  1.00 87.59  ? 83  LEU A CA  1 
ATOM 571  C C   . LEU A 1 83  ? 11.746  -0.427  -8.782  1.00 87.00  ? 83  LEU A C   1 
ATOM 572  O O   . LEU A 1 83  ? 11.898  0.789   -9.032  1.00 86.31  ? 83  LEU A O   1 
ATOM 573  C CB  . LEU A 1 83  ? 11.459  -0.422  -6.313  1.00 87.55  ? 83  LEU A CB  1 
ATOM 574  C CG  . LEU A 1 83  ? 9.959   -0.513  -6.623  1.00 88.26  ? 83  LEU A CG  1 
ATOM 575  C CD1 . LEU A 1 83  ? 9.383   -1.895  -6.196  1.00 88.74  ? 83  LEU A CD1 1 
ATOM 576  C CD2 . LEU A 1 83  ? 9.194   0.618   -5.998  1.00 85.49  ? 83  LEU A CD2 1 
ATOM 577  N N   . TYR A 1 84  ? 11.142  -1.289  -9.600  1.00 86.16  ? 84  TYR A N   1 
ATOM 578  C CA  . TYR A 1 84  ? 10.779  -0.889  -10.939 1.00 86.25  ? 84  TYR A CA  1 
ATOM 579  C C   . TYR A 1 84  ? 9.320   -0.937  -11.120 1.00 85.57  ? 84  TYR A C   1 
ATOM 580  O O   . TYR A 1 84  ? 8.708   -2.013  -11.049 1.00 85.43  ? 84  TYR A O   1 
ATOM 581  C CB  . TYR A 1 84  ? 11.297  -1.869  -11.959 1.00 87.11  ? 84  TYR A CB  1 
ATOM 582  C CG  . TYR A 1 84  ? 12.753  -2.093  -11.966 1.00 86.98  ? 84  TYR A CG  1 
ATOM 583  C CD1 . TYR A 1 84  ? 13.351  -2.914  -11.001 1.00 86.14  ? 84  TYR A CD1 1 
ATOM 584  C CD2 . TYR A 1 84  ? 13.537  -1.541  -12.971 1.00 86.65  ? 84  TYR A CD2 1 
ATOM 585  C CE1 . TYR A 1 84  ? 14.708  -3.157  -11.025 1.00 85.84  ? 84  TYR A CE1 1 
ATOM 586  C CE2 . TYR A 1 84  ? 14.899  -1.775  -13.009 1.00 86.52  ? 84  TYR A CE2 1 
ATOM 587  C CZ  . TYR A 1 84  ? 15.473  -2.588  -12.038 1.00 86.33  ? 84  TYR A CZ  1 
ATOM 588  O OH  . TYR A 1 84  ? 16.821  -2.818  -12.084 1.00 87.79  ? 84  TYR A OH  1 
ATOM 589  N N   . PHE A 1 85  ? 8.763   0.213   -11.422 1.00 84.63  ? 85  PHE A N   1 
ATOM 590  C CA  . PHE A 1 85  ? 7.359   0.231   -11.652 1.00 85.16  ? 85  PHE A CA  1 
ATOM 591  C C   . PHE A 1 85  ? 7.169   -0.046  -13.115 1.00 85.14  ? 85  PHE A C   1 
ATOM 592  O O   . PHE A 1 85  ? 7.941   0.448   -13.935 1.00 85.03  ? 85  PHE A O   1 
ATOM 593  C CB  . PHE A 1 85  ? 6.791   1.606   -11.336 1.00 85.06  ? 85  PHE A CB  1 
ATOM 594  C CG  . PHE A 1 85  ? 6.656   1.902   -9.862  1.00 84.28  ? 85  PHE A CG  1 
ATOM 595  C CD1 . PHE A 1 85  ? 5.778   1.163   -9.052  1.00 82.86  ? 85  PHE A CD1 1 
ATOM 596  C CD2 . PHE A 1 85  ? 7.355   2.970   -9.292  1.00 83.77  ? 85  PHE A CD2 1 
ATOM 597  C CE1 . PHE A 1 85  ? 5.613   1.459   -7.695  1.00 79.48  ? 85  PHE A CE1 1 
ATOM 598  C CE2 . PHE A 1 85  ? 7.200   3.278   -7.924  1.00 82.58  ? 85  PHE A CE2 1 
ATOM 599  C CZ  . PHE A 1 85  ? 6.324   2.526   -7.133  1.00 80.41  ? 85  PHE A CZ  1 
ATOM 600  N N   . VAL A 1 86  ? 6.128   -0.789  -13.465 1.00 84.96  ? 86  VAL A N   1 
ATOM 601  C CA  . VAL A 1 86  ? 5.802   -0.883  -14.886 1.00 85.54  ? 86  VAL A CA  1 
ATOM 602  C C   . VAL A 1 86  ? 5.372   0.484   -15.421 1.00 86.01  ? 86  VAL A C   1 
ATOM 603  O O   . VAL A 1 86  ? 4.841   1.306   -14.681 1.00 86.46  ? 86  VAL A O   1 
ATOM 604  C CB  . VAL A 1 86  ? 4.740   -1.930  -15.195 1.00 85.25  ? 86  VAL A CB  1 
ATOM 605  C CG1 . VAL A 1 86  ? 4.830   -3.114  -14.197 1.00 83.49  ? 86  VAL A CG1 1 
ATOM 606  C CG2 . VAL A 1 86  ? 3.367   -1.279  -15.225 1.00 85.51  ? 86  VAL A CG2 1 
ATOM 607  N N   . ARG A 1 87  ? 5.611   0.728   -16.698 1.00 86.75  ? 87  ARG A N   1 
ATOM 608  C CA  . ARG A 1 87  ? 5.319   2.029   -17.277 1.00 87.44  ? 87  ARG A CA  1 
ATOM 609  C C   . ARG A 1 87  ? 3.869   2.384   -17.101 1.00 87.48  ? 87  ARG A C   1 
ATOM 610  O O   . ARG A 1 87  ? 3.005   1.504   -17.055 1.00 86.88  ? 87  ARG A O   1 
ATOM 611  C CB  . ARG A 1 87  ? 5.652   2.046   -18.758 1.00 87.63  ? 87  ARG A CB  1 
ATOM 612  C CG  . ARG A 1 87  ? 7.132   2.007   -19.036 1.00 89.19  ? 87  ARG A CG  1 
ATOM 613  C CD  . ARG A 1 87  ? 7.354   2.301   -20.507 1.00 93.19  ? 87  ARG A CD  1 
ATOM 614  N NE  . ARG A 1 87  ? 6.696   3.530   -20.964 1.00 92.67  ? 87  ARG A NE  1 
ATOM 615  C CZ  . ARG A 1 87  ? 7.174   4.741   -20.722 1.00 93.95  ? 87  ARG A CZ  1 
ATOM 616  N NH1 . ARG A 1 87  ? 8.294   4.873   -20.000 1.00 93.52  ? 87  ARG A NH1 1 
ATOM 617  N NH2 . ARG A 1 87  ? 6.529   5.813   -21.184 1.00 94.88  ? 87  ARG A NH2 1 
ATOM 618  N N   . ASN A 1 88  ? 3.625   3.691   -16.986 1.00 88.31  ? 88  ASN A N   1 
ATOM 619  C CA  . ASN A 1 88  ? 2.270   4.262   -16.978 1.00 88.61  ? 88  ASN A CA  1 
ATOM 620  C C   . ASN A 1 88  ? 1.372   3.635   -15.940 1.00 88.86  ? 88  ASN A C   1 
ATOM 621  O O   . ASN A 1 88  ? 0.159   3.594   -16.155 1.00 89.68  ? 88  ASN A O   1 
ATOM 622  C CB  . ASN A 1 88  ? 1.562   4.095   -18.344 1.00 88.66  ? 88  ASN A CB  1 
ATOM 623  C CG  . ASN A 1 88  ? 2.248   4.832   -19.460 1.00 90.04  ? 88  ASN A CG  1 
ATOM 624  O OD1 . ASN A 1 88  ? 2.616   5.998   -19.307 1.00 91.94  ? 88  ASN A OD1 1 
ATOM 625  N ND2 . ASN A 1 88  ? 2.442   4.153   -20.599 1.00 89.67  ? 88  ASN A ND2 1 
ATOM 626  N N   . LEU A 1 89  ? 1.924   3.102   -14.846 1.00 88.42  ? 89  LEU A N   1 
ATOM 627  C CA  . LEU A 1 89  ? 1.063   2.607   -13.759 1.00 87.92  ? 89  LEU A CA  1 
ATOM 628  C C   . LEU A 1 89  ? 0.331   3.841   -13.192 1.00 88.18  ? 89  LEU A C   1 
ATOM 629  O O   . LEU A 1 89  ? 0.971   4.898   -13.103 1.00 88.62  ? 89  LEU A O   1 
ATOM 630  C CB  . LEU A 1 89  ? 1.951   1.960   -12.715 1.00 87.13  ? 89  LEU A CB  1 
ATOM 631  C CG  . LEU A 1 89  ? 1.386   1.262   -11.487 1.00 86.51  ? 89  LEU A CG  1 
ATOM 632  C CD1 . LEU A 1 89  ? 0.448   0.120   -11.848 1.00 84.79  ? 89  LEU A CD1 1 
ATOM 633  C CD2 . LEU A 1 89  ? 2.564   0.742   -10.664 1.00 85.17  ? 89  LEU A CD2 1 
ATOM 634  N N   . ASN A 1 90  ? -0.972  3.783   -12.862 1.00 88.06  ? 90  ASN A N   1 
ATOM 635  C CA  . ASN A 1 90  ? -1.627  4.997   -12.209 1.00 88.07  ? 90  ASN A CA  1 
ATOM 636  C C   . ASN A 1 90  ? -1.144  5.231   -10.747 1.00 87.67  ? 90  ASN A C   1 
ATOM 637  O O   . ASN A 1 90  ? -0.748  4.271   -10.033 1.00 87.38  ? 90  ASN A O   1 
ATOM 638  C CB  . ASN A 1 90  ? -3.164  5.042   -12.332 1.00 87.36  ? 90  ASN A CB  1 
ATOM 639  C CG  . ASN A 1 90  ? -3.854  4.065   -11.387 1.00 90.10  ? 90  ASN A CG  1 
ATOM 640  O OD1 . ASN A 1 90  ? -3.199  3.208   -10.760 1.00 90.36  ? 90  ASN A OD1 1 
ATOM 641  N ND2 . ASN A 1 90  ? -5.190  4.180   -11.270 1.00 91.87  ? 90  ASN A ND2 1 
ATOM 642  N N   . THR A 1 91  ? -1.145  6.493   -10.316 1.00 86.88  ? 91  THR A N   1 
ATOM 643  C CA  . THR A 1 91  ? -0.493  6.855   -9.049  1.00 86.53  ? 91  THR A CA  1 
ATOM 644  C C   . THR A 1 91  ? -1.073  6.008   -7.959  1.00 86.57  ? 91  THR A C   1 
ATOM 645  O O   . THR A 1 91  ? -0.348  5.526   -7.085  1.00 86.60  ? 91  THR A O   1 
ATOM 646  C CB  . THR A 1 91  ? -0.709  8.307   -8.719  1.00 85.89  ? 91  THR A CB  1 
ATOM 647  O OG1 . THR A 1 91  ? -1.597  8.812   -9.698  1.00 88.79  ? 91  THR A OG1 1 
ATOM 648  C CG2 . THR A 1 91  ? 0.563   9.130   -8.869  1.00 86.59  ? 91  THR A CG2 1 
ATOM 649  N N   . LEU A 1 92  ? -2.382  5.781   -8.046  1.00 86.27  ? 92  LEU A N   1 
ATOM 650  C CA  . LEU A 1 92  ? -3.090  4.971   -7.065  1.00 85.86  ? 92  LEU A CA  1 
ATOM 651  C C   . LEU A 1 92  ? -2.407  3.621   -6.831  1.00 85.99  ? 92  LEU A C   1 
ATOM 652  O O   . LEU A 1 92  ? -1.954  3.344   -5.729  1.00 85.34  ? 92  LEU A O   1 
ATOM 653  C CB  . LEU A 1 92  ? -4.528  4.820   -7.530  1.00 86.13  ? 92  LEU A CB  1 
ATOM 654  C CG  . LEU A 1 92  ? -5.653  4.057   -6.819  1.00 87.34  ? 92  LEU A CG  1 
ATOM 655  C CD1 . LEU A 1 92  ? -5.942  4.612   -5.435  1.00 86.22  ? 92  LEU A CD1 1 
ATOM 656  C CD2 . LEU A 1 92  ? -6.950  4.033   -7.724  1.00 88.20  ? 92  LEU A CD2 1 
ATOM 657  N N   . ARG A 1 93  ? -2.284  2.801   -7.878  1.00 86.72  ? 93  ARG A N   1 
ATOM 658  C CA  . ARG A 1 93  ? -1.580  1.512   -7.767  1.00 86.62  ? 93  ARG A CA  1 
ATOM 659  C C   . ARG A 1 93  ? -0.095  1.673   -7.412  1.00 85.95  ? 93  ARG A C   1 
ATOM 660  O O   . ARG A 1 93  ? 0.429   0.904   -6.601  1.00 85.67  ? 93  ARG A O   1 
ATOM 661  C CB  . ARG A 1 93  ? -1.756  0.686   -9.024  1.00 87.06  ? 93  ARG A CB  1 
ATOM 662  C CG  . ARG A 1 93  ? -3.163  0.069   -9.182  1.00 92.25  ? 93  ARG A CG  1 
ATOM 663  C CD  . ARG A 1 93  ? -4.213  1.027   -9.846  1.00 100.11 ? 93  ARG A CD  1 
ATOM 664  N NE  . ARG A 1 93  ? -4.456  0.752   -11.281 1.00 105.45 ? 93  ARG A NE  1 
ATOM 665  C CZ  . ARG A 1 93  ? -5.444  -0.030  -11.745 1.00 107.95 ? 93  ARG A CZ  1 
ATOM 666  N NH1 . ARG A 1 93  ? -5.592  -0.233  -13.061 1.00 107.80 ? 93  ARG A NH1 1 
ATOM 667  N NH2 . ARG A 1 93  ? -6.285  -0.613  -10.884 1.00 107.09 ? 93  ARG A NH2 1 
ATOM 668  N N   . ARG A 1 94  ? 0.585   2.678   -7.969  1.00 85.15  ? 94  ARG A N   1 
ATOM 669  C CA  . ARG A 1 94  ? 1.924   2.986   -7.479  1.00 85.15  ? 94  ARG A CA  1 
ATOM 670  C C   . ARG A 1 94  ? 1.867   2.933   -5.939  1.00 85.68  ? 94  ARG A C   1 
ATOM 671  O O   . ARG A 1 94  ? 2.465   2.051   -5.287  1.00 85.24  ? 94  ARG A O   1 
ATOM 672  C CB  . ARG A 1 94  ? 2.366   4.373   -7.910  1.00 85.16  ? 94  ARG A CB  1 
ATOM 673  C CG  . ARG A 1 94  ? 2.644   4.520   -9.375  1.00 86.55  ? 94  ARG A CG  1 
ATOM 674  C CD  . ARG A 1 94  ? 3.146   5.945   -9.718  1.00 87.45  ? 94  ARG A CD  1 
ATOM 675  N NE  . ARG A 1 94  ? 4.435   5.845   -10.391 1.00 88.13  ? 94  ARG A NE  1 
ATOM 676  C CZ  . ARG A 1 94  ? 4.600   5.491   -11.661 1.00 89.44  ? 94  ARG A CZ  1 
ATOM 677  N NH1 . ARG A 1 94  ? 3.558   5.237   -12.452 1.00 88.01  ? 94  ARG A NH1 1 
ATOM 678  N NH2 . ARG A 1 94  ? 5.830   5.380   -12.142 1.00 92.22  ? 94  ARG A NH2 1 
ATOM 679  N N   . GLY A 1 95  ? 1.093   3.866   -5.366  1.00 85.91  ? 95  GLY A N   1 
ATOM 680  C CA  . GLY A 1 95  ? 0.843   3.914   -3.935  1.00 85.23  ? 95  GLY A CA  1 
ATOM 681  C C   . GLY A 1 95  ? 0.630   2.529   -3.361  1.00 85.95  ? 95  GLY A C   1 
ATOM 682  O O   . GLY A 1 95  ? 1.364   2.106   -2.426  1.00 86.43  ? 95  GLY A O   1 
ATOM 683  N N   . ALA A 1 96  ? -0.343  1.797   -3.915  1.00 85.49  ? 96  ALA A N   1 
ATOM 684  C CA  . ALA A 1 96  ? -0.644  0.467   -3.382  1.00 85.78  ? 96  ALA A CA  1 
ATOM 685  C C   . ALA A 1 96  ? 0.665   -0.353  -3.176  1.00 86.36  ? 96  ALA A C   1 
ATOM 686  O O   . ALA A 1 96  ? 0.884   -0.959  -2.091  1.00 84.88  ? 96  ALA A O   1 
ATOM 687  C CB  . ALA A 1 96  ? -1.631  -0.244  -4.289  1.00 85.67  ? 96  ALA A CB  1 
ATOM 688  N N   . VAL A 1 97  ? 1.549   -0.287  -4.192  1.00 86.92  ? 97  VAL A N   1 
ATOM 689  C CA  . VAL A 1 97  ? 2.832   -0.978  -4.159  1.00 88.32  ? 97  VAL A CA  1 
ATOM 690  C C   . VAL A 1 97  ? 3.583   -0.608  -2.893  1.00 89.23  ? 97  VAL A C   1 
ATOM 691  O O   . VAL A 1 97  ? 3.598   -1.381  -1.941  1.00 89.77  ? 97  VAL A O   1 
ATOM 692  C CB  . VAL A 1 97  ? 3.702   -0.667  -5.388  1.00 88.47  ? 97  VAL A CB  1 
ATOM 693  C CG1 . VAL A 1 97  ? 4.846   -1.628  -5.460  1.00 88.94  ? 97  VAL A CG1 1 
ATOM 694  C CG2 . VAL A 1 97  ? 2.901   -0.773  -6.665  1.00 88.58  ? 97  VAL A CG2 1 
ATOM 695  N N   . LEU A 1 98  ? 4.179   0.582   -2.885  1.00 90.36  ? 98  LEU A N   1 
ATOM 696  C CA  . LEU A 1 98  ? 4.802   1.169   -1.694  1.00 91.38  ? 98  LEU A CA  1 
ATOM 697  C C   . LEU A 1 98  ? 4.141   0.731   -0.422  1.00 93.20  ? 98  LEU A C   1 
ATOM 698  O O   . LEU A 1 98  ? 4.812   0.254   0.488   1.00 93.82  ? 98  LEU A O   1 
ATOM 699  C CB  . LEU A 1 98  ? 4.680   2.669   -1.755  1.00 90.03  ? 98  LEU A CB  1 
ATOM 700  C CG  . LEU A 1 98  ? 5.326   3.079   -3.054  1.00 89.67  ? 98  LEU A CG  1 
ATOM 701  C CD1 . LEU A 1 98  ? 5.014   4.502   -3.400  1.00 87.17  ? 98  LEU A CD1 1 
ATOM 702  C CD2 . LEU A 1 98  ? 6.832   2.858   -2.916  1.00 88.53  ? 98  LEU A CD2 1 
ATOM 703  N N   . GLY A 1 99  ? 2.824   0.906   -0.364  1.00 94.78  ? 99  GLY A N   1 
ATOM 704  C CA  . GLY A 1 99  ? 2.044   0.468   0.768   1.00 96.95  ? 99  GLY A CA  1 
ATOM 705  C C   . GLY A 1 99  ? 2.414   -0.944  1.167   1.00 98.61  ? 99  GLY A C   1 
ATOM 706  O O   . GLY A 1 99  ? 2.950   -1.168  2.272   1.00 98.98  ? 99  GLY A O   1 
ATOM 707  N N   . TYR A 1 100 ? 2.143   -1.892  0.275   1.00 99.70  ? 100 TYR A N   1 
ATOM 708  C CA  . TYR A 1 100 ? 2.541   -3.274  0.506   1.00 101.43 ? 100 TYR A CA  1 
ATOM 709  C C   . TYR A 1 100 ? 4.058   -3.425  0.793   1.00 101.69 ? 100 TYR A C   1 
ATOM 710  O O   . TYR A 1 100 ? 4.436   -4.059  1.767   1.00 101.39 ? 100 TYR A O   1 
ATOM 711  C CB  . TYR A 1 100 ? 2.086   -4.125  -0.669  1.00 101.82 ? 100 TYR A CB  1 
ATOM 712  C CG  . TYR A 1 100 ? 2.656   -5.526  -0.757  1.00 105.57 ? 100 TYR A CG  1 
ATOM 713  C CD1 . TYR A 1 100 ? 3.975   -5.795  -0.390  1.00 109.35 ? 100 TYR A CD1 1 
ATOM 714  C CD2 . TYR A 1 100 ? 1.886   -6.583  -1.278  1.00 109.61 ? 100 TYR A CD2 1 
ATOM 715  C CE1 . TYR A 1 100 ? 4.519   -7.089  -0.486  1.00 112.53 ? 100 TYR A CE1 1 
ATOM 716  C CE2 . TYR A 1 100 ? 2.411   -7.886  -1.391  1.00 111.58 ? 100 TYR A CE2 1 
ATOM 717  C CZ  . TYR A 1 100 ? 3.740   -8.128  -0.996  1.00 113.84 ? 100 TYR A CZ  1 
ATOM 718  O OH  . TYR A 1 100 ? 4.309   -9.392  -1.108  1.00 116.02 ? 100 TYR A OH  1 
ATOM 719  N N   . ILE A 1 101 ? 4.915   -2.843  -0.038  1.00 102.76 ? 101 ILE A N   1 
ATOM 720  C CA  . ILE A 1 101 ? 6.368   -2.995  0.133   1.00 104.13 ? 101 ILE A CA  1 
ATOM 721  C C   . ILE A 1 101 ? 6.792   -2.846  1.590   1.00 105.46 ? 101 ILE A C   1 
ATOM 722  O O   . ILE A 1 101 ? 7.049   -3.846  2.262   1.00 105.71 ? 101 ILE A O   1 
ATOM 723  C CB  . ILE A 1 101 ? 7.200   -1.955  -0.686  1.00 104.24 ? 101 ILE A CB  1 
ATOM 724  C CG1 . ILE A 1 101 ? 6.833   -1.944  -2.180  1.00 103.21 ? 101 ILE A CG1 1 
ATOM 725  C CG2 . ILE A 1 101 ? 8.708   -2.146  -0.426  1.00 102.94 ? 101 ILE A CG2 1 
ATOM 726  C CD1 . ILE A 1 101 ? 6.799   -3.289  -2.822  1.00 101.47 ? 101 ILE A CD1 1 
ATOM 727  N N   . GLY A 1 102 ? 6.860   -1.596  2.061   1.00 106.75 ? 102 GLY A N   1 
ATOM 728  C CA  . GLY A 1 102 ? 7.281   -1.272  3.423   1.00 108.89 ? 102 GLY A CA  1 
ATOM 729  C C   . GLY A 1 102 ? 6.427   -1.958  4.488   1.00 110.40 ? 102 GLY A C   1 
ATOM 730  O O   . GLY A 1 102 ? 6.721   -1.840  5.690   1.00 110.74 ? 102 GLY A O   1 
ATOM 731  N N   . ALA A 1 103 ? 5.369   -2.657  4.043   1.00 111.36 ? 103 ALA A N   1 
ATOM 732  C CA  . ALA A 1 103 ? 4.523   -3.522  4.900   1.00 112.15 ? 103 ALA A CA  1 
ATOM 733  C C   . ALA A 1 103 ? 5.042   -4.957  5.070   1.00 112.57 ? 103 ALA A C   1 
ATOM 734  O O   . ALA A 1 103 ? 4.492   -5.688  5.891   1.00 112.86 ? 103 ALA A O   1 
ATOM 735  C CB  . ALA A 1 103 ? 3.043   -3.557  4.403   1.00 112.01 ? 103 ALA A CB  1 
ATOM 736  N N   . THR A 1 104 ? 6.062   -5.371  4.307   1.00 112.80 ? 104 THR A N   1 
ATOM 737  C CA  . THR A 1 104 ? 6.702   -6.676  4.547   1.00 112.81 ? 104 THR A CA  1 
ATOM 738  C C   . THR A 1 104 ? 7.923   -6.528  5.471   1.00 112.92 ? 104 THR A C   1 
ATOM 739  O O   . THR A 1 104 ? 9.060   -6.280  5.026   1.00 112.54 ? 104 THR A O   1 
ATOM 740  C CB  . THR A 1 104 ? 6.973   -7.453  3.240   1.00 113.07 ? 104 THR A CB  1 
ATOM 741  O OG1 . THR A 1 104 ? 5.754   -7.514  2.469   1.00 112.03 ? 104 THR A OG1 1 
ATOM 742  C CG2 . THR A 1 104 ? 7.488   -8.890  3.548   1.00 113.21 ? 104 THR A CG2 1 
ATOM 743  N N   . VAL A 1 105 ? 7.620   -6.681  6.770   1.00 113.24 ? 105 VAL A N   1 
ATOM 744  C CA  . VAL A 1 105 ? 8.490   -6.388  7.931   1.00 113.20 ? 105 VAL A CA  1 
ATOM 745  C C   . VAL A 1 105 ? 8.232   -7.415  9.047   1.00 113.28 ? 105 VAL A C   1 
ATOM 746  O O   . VAL A 1 105 ? 8.662   -8.576  8.974   1.00 113.28 ? 105 VAL A O   1 
ATOM 747  C CB  . VAL A 1 105 ? 8.241   -4.920  8.482   1.00 113.35 ? 105 VAL A CB  1 
ATOM 748  C CG1 . VAL A 1 105 ? 8.472   -4.810  10.012  1.00 113.08 ? 105 VAL A CG1 1 
ATOM 749  C CG2 . VAL A 1 105 ? 9.087   -3.883  7.710   1.00 112.76 ? 105 VAL A CG2 1 
ATOM 750  N N   . GLY B 1 7   ? 5.427   5.247   2.000   1.00 126.83 ? 7   GLY B N   1 
ATOM 751  C CA  . GLY B 1 7   ? 5.385   3.739   1.927   1.00 126.81 ? 7   GLY B CA  1 
ATOM 752  C C   . GLY B 1 7   ? 5.243   2.998   3.255   1.00 126.78 ? 7   GLY B C   1 
ATOM 753  O O   . GLY B 1 7   ? 4.681   1.879   3.315   1.00 126.30 ? 7   GLY B O   1 
ATOM 754  N N   . LYS B 1 8   ? 5.762   3.636   4.314   1.00 126.91 ? 8   LYS B N   1 
ATOM 755  C CA  . LYS B 1 8   ? 5.784   3.082   5.693   1.00 126.93 ? 8   LYS B CA  1 
ATOM 756  C C   . LYS B 1 8   ? 4.745   3.723   6.646   1.00 126.75 ? 8   LYS B C   1 
ATOM 757  O O   . LYS B 1 8   ? 4.776   4.937   6.884   1.00 126.56 ? 8   LYS B O   1 
ATOM 758  C CB  . LYS B 1 8   ? 7.199   3.172   6.307   1.00 126.66 ? 8   LYS B CB  1 
ATOM 759  C CG  . LYS B 1 8   ? 7.289   2.596   7.720   1.00 126.57 ? 8   LYS B CG  1 
ATOM 760  C CD  . LYS B 1 8   ? 6.864   1.132   7.745   1.00 125.24 ? 8   LYS B CD  1 
ATOM 761  C CE  . LYS B 1 8   ? 6.405   0.725   9.118   1.00 124.55 ? 8   LYS B CE  1 
ATOM 762  N NZ  . LYS B 1 8   ? 5.671   -0.579  9.075   1.00 125.32 ? 8   LYS B NZ  1 
ATOM 763  N N   . LEU B 1 9   ? 3.844   2.891   7.185   1.00 126.31 ? 9   LEU B N   1 
ATOM 764  C CA  . LEU B 1 9   ? 2.758   3.367   8.043   1.00 125.67 ? 9   LEU B CA  1 
ATOM 765  C C   . LEU B 1 9   ? 2.785   2.699   9.382   1.00 125.52 ? 9   LEU B C   1 
ATOM 766  O O   . LEU B 1 9   ? 3.286   1.596   9.538   1.00 125.36 ? 9   LEU B O   1 
ATOM 767  C CB  . LEU B 1 9   ? 1.389   3.106   7.420   1.00 125.60 ? 9   LEU B CB  1 
ATOM 768  C CG  . LEU B 1 9   ? 0.785   3.985   6.334   1.00 125.00 ? 9   LEU B CG  1 
ATOM 769  C CD1 . LEU B 1 9   ? 1.284   3.595   4.956   1.00 125.08 ? 9   LEU B CD1 1 
ATOM 770  C CD2 . LEU B 1 9   ? -0.708  3.815   6.400   1.00 125.21 ? 9   LEU B CD2 1 
ATOM 771  N N   . LYS B 1 10  ? 2.188   3.385   10.340  1.00 125.68 ? 10  LYS B N   1 
ATOM 772  C CA  . LYS B 1 10  ? 2.180   2.991   11.734  1.00 125.80 ? 10  LYS B CA  1 
ATOM 773  C C   . LYS B 1 10  ? 0.744   3.215   12.210  1.00 125.43 ? 10  LYS B C   1 
ATOM 774  O O   . LYS B 1 10  ? 0.023   4.023   11.624  1.00 125.53 ? 10  LYS B O   1 
ATOM 775  C CB  . LYS B 1 10  ? 3.163   3.876   12.528  1.00 126.27 ? 10  LYS B CB  1 
ATOM 776  C CG  . LYS B 1 10  ? 4.629   4.012   11.943  1.00 127.04 ? 10  LYS B CG  1 
ATOM 777  C CD  . LYS B 1 10  ? 5.479   5.069   12.689  1.00 126.51 ? 10  LYS B CD  1 
ATOM 778  C CE  . LYS B 1 10  ? 5.532   4.779   14.198  1.00 127.09 ? 10  LYS B CE  1 
ATOM 779  N NZ  . LYS B 1 10  ? 6.324   5.762   15.000  1.00 128.07 ? 10  LYS B NZ  1 
ATOM 780  N N   . GLN B 1 11  ? 0.309   2.506   13.249  1.00 125.03 ? 11  GLN B N   1 
ATOM 781  C CA  . GLN B 1 11  ? -1.098  2.619   13.695  1.00 124.30 ? 11  GLN B CA  1 
ATOM 782  C C   . GLN B 1 11  ? -1.293  2.800   15.204  1.00 123.61 ? 11  GLN B C   1 
ATOM 783  O O   . GLN B 1 11  ? -0.330  2.729   15.987  1.00 123.77 ? 11  GLN B O   1 
ATOM 784  C CB  . GLN B 1 11  ? -1.969  1.480   13.143  1.00 124.37 ? 11  GLN B CB  1 
ATOM 785  C CG  . GLN B 1 11  ? -1.311  0.108   13.171  1.00 124.54 ? 11  GLN B CG  1 
ATOM 786  C CD  . GLN B 1 11  ? -2.229  -0.996  12.658  1.00 124.35 ? 11  GLN B CD  1 
ATOM 787  O OE1 . GLN B 1 11  ? -3.220  -1.364  13.310  1.00 124.44 ? 11  GLN B OE1 1 
ATOM 788  N NE2 . GLN B 1 11  ? -1.894  -1.540  11.492  1.00 122.35 ? 11  GLN B NE2 1 
ATOM 789  N N   . ARG B 1 12  ? -2.547  3.037   15.593  1.00 122.42 ? 12  ARG B N   1 
ATOM 790  C CA  . ARG B 1 12  ? -2.876  3.546   16.921  1.00 121.22 ? 12  ARG B CA  1 
ATOM 791  C C   . ARG B 1 12  ? -4.380  3.534   17.166  1.00 119.82 ? 12  ARG B C   1 
ATOM 792  O O   . ARG B 1 12  ? -5.148  4.013   16.331  1.00 119.37 ? 12  ARG B O   1 
ATOM 793  C CB  . ARG B 1 12  ? -2.350  4.987   17.056  1.00 121.54 ? 12  ARG B CB  1 
ATOM 794  C CG  . ARG B 1 12  ? -2.868  5.767   18.272  1.00 123.59 ? 12  ARG B CG  1 
ATOM 795  C CD  . ARG B 1 12  ? -2.631  7.270   18.130  1.00 126.05 ? 12  ARG B CD  1 
ATOM 796  N NE  . ARG B 1 12  ? -1.203  7.580   18.112  1.00 128.82 ? 12  ARG B NE  1 
ATOM 797  C CZ  . ARG B 1 12  ? -0.677  8.768   17.807  1.00 130.32 ? 12  ARG B CZ  1 
ATOM 798  N NH1 . ARG B 1 12  ? -1.453  9.809   17.490  1.00 129.92 ? 12  ARG B NH1 1 
ATOM 799  N NH2 . ARG B 1 12  ? 0.644   8.917   17.824  1.00 130.00 ? 12  ARG B NH2 1 
ATOM 800  N N   . SER B 1 13  ? -4.784  3.004   18.321  1.00 118.28 ? 13  SER B N   1 
ATOM 801  C CA  . SER B 1 13  ? -6.168  3.088   18.782  1.00 116.80 ? 13  SER B CA  1 
ATOM 802  C C   . SER B 1 13  ? -6.507  4.503   19.141  1.00 115.99 ? 13  SER B C   1 
ATOM 803  O O   . SER B 1 13  ? -5.813  5.123   19.935  1.00 115.80 ? 13  SER B O   1 
ATOM 804  C CB  . SER B 1 13  ? -6.361  2.226   20.004  1.00 116.37 ? 13  SER B CB  1 
ATOM 805  O OG  . SER B 1 13  ? -6.032  0.908   19.667  1.00 116.24 ? 13  SER B OG  1 
ATOM 806  N N   . ILE B 1 14  ? -7.580  5.008   18.557  1.00 115.12 ? 14  ILE B N   1 
ATOM 807  C CA  . ILE B 1 14  ? -8.019  6.356   18.840  1.00 114.91 ? 14  ILE B CA  1 
ATOM 808  C C   . ILE B 1 14  ? -9.527  6.340   18.737  1.00 114.58 ? 14  ILE B C   1 
ATOM 809  O O   . ILE B 1 14  ? -10.088 5.315   18.391  1.00 114.41 ? 14  ILE B O   1 
ATOM 810  C CB  . ILE B 1 14  ? -7.361  7.391   17.893  1.00 114.96 ? 14  ILE B CB  1 
ATOM 811  C CG1 . ILE B 1 14  ? -7.229  8.753   18.592  1.00 116.07 ? 14  ILE B CG1 1 
ATOM 812  C CG2 . ILE B 1 14  ? -8.107  7.480   16.566  1.00 115.49 ? 14  ILE B CG2 1 
ATOM 813  C CD1 . ILE B 1 14  ? -6.605  9.862   17.740  1.00 116.50 ? 14  ILE B CD1 1 
ATOM 814  N N   . LYS B 1 15  ? -10.176 7.453   19.065  1.00 114.88 ? 15  LYS B N   1 
ATOM 815  C CA  . LYS B 1 15  ? -11.636 7.510   19.188  1.00 115.58 ? 15  LYS B CA  1 
ATOM 816  C C   . LYS B 1 15  ? -12.223 8.652   18.377  1.00 115.43 ? 15  LYS B C   1 
ATOM 817  O O   . LYS B 1 15  ? -11.618 9.722   18.233  1.00 115.18 ? 15  LYS B O   1 
ATOM 818  C CB  . LYS B 1 15  ? -12.060 7.647   20.658  1.00 115.93 ? 15  LYS B CB  1 
ATOM 819  C CG  . LYS B 1 15  ? -12.035 6.345   21.491  1.00 118.24 ? 15  LYS B CG  1 
ATOM 820  C CD  . LYS B 1 15  ? -10.636 5.633   21.610  1.00 121.54 ? 15  LYS B CD  1 
ATOM 821  C CE  . LYS B 1 15  ? -9.510  6.477   22.263  1.00 123.14 ? 15  LYS B CE  1 
ATOM 822  N NZ  . LYS B 1 15  ? -9.785  6.840   23.682  1.00 124.18 ? 15  LYS B NZ  1 
ATOM 823  N N   . ALA B 1 16  ? -13.423 8.428   17.872  1.00 115.72 ? 16  ALA B N   1 
ATOM 824  C CA  . ALA B 1 16  ? -13.981 9.318   16.873  1.00 116.56 ? 16  ALA B CA  1 
ATOM 825  C C   . ALA B 1 16  ? -15.402 9.728   17.178  1.00 117.09 ? 16  ALA B C   1 
ATOM 826  O O   . ALA B 1 16  ? -16.150 8.997   17.840  1.00 117.27 ? 16  ALA B O   1 
ATOM 827  C CB  . ALA B 1 16  ? -13.927 8.664   15.513  1.00 116.84 ? 16  ALA B CB  1 
ATOM 828  N N   . GLU B 1 17  ? -15.772 10.892  16.651  1.00 117.49 ? 17  GLU B N   1 
ATOM 829  C CA  . GLU B 1 17  ? -17.082 11.474  16.859  1.00 118.10 ? 17  GLU B CA  1 
ATOM 830  C C   . GLU B 1 17  ? -17.829 11.580  15.539  1.00 118.39 ? 17  GLU B C   1 
ATOM 831  O O   . GLU B 1 17  ? -17.218 11.696  14.478  1.00 118.31 ? 17  GLU B O   1 
ATOM 832  C CB  . GLU B 1 17  ? -16.939 12.874  17.490  1.00 118.29 ? 17  GLU B CB  1 
ATOM 833  C CG  . GLU B 1 17  ? -16.537 12.880  18.984  1.00 119.26 ? 17  GLU B CG  1 
ATOM 834  C CD  . GLU B 1 17  ? -15.964 14.217  19.474  1.00 121.11 ? 17  GLU B CD  1 
ATOM 835  O OE1 . GLU B 1 17  ? -16.132 15.272  18.807  1.00 122.12 ? 17  GLU B OE1 1 
ATOM 836  O OE2 . GLU B 1 17  ? -15.335 14.210  20.550  1.00 121.84 ? 17  GLU B OE2 1 
ATOM 837  N N   . GLY B 1 18  ? -19.154 11.534  15.617  1.00 119.12 ? 18  GLY B N   1 
ATOM 838  C CA  . GLY B 1 18  ? -20.025 11.926  14.507  1.00 120.05 ? 18  GLY B CA  1 
ATOM 839  C C   . GLY B 1 18  ? -21.200 12.747  15.022  1.00 120.77 ? 18  GLY B C   1 
ATOM 840  O O   . GLY B 1 18  ? -21.549 12.646  16.204  1.00 120.51 ? 18  GLY B O   1 
ATOM 841  N N   . ASP B 1 19  ? -21.796 13.563  14.141  1.00 121.48 ? 19  ASP B N   1 
ATOM 842  C CA  . ASP B 1 19  ? -23.012 14.322  14.460  1.00 122.09 ? 19  ASP B CA  1 
ATOM 843  C C   . ASP B 1 19  ? -24.079 13.430  15.103  1.00 122.24 ? 19  ASP B C   1 
ATOM 844  O O   . ASP B 1 19  ? -24.781 13.868  16.016  1.00 122.32 ? 19  ASP B O   1 
ATOM 845  C CB  . ASP B 1 19  ? -23.565 15.029  13.218  1.00 122.24 ? 19  ASP B CB  1 
ATOM 846  C CG  . ASP B 1 19  ? -24.769 15.951  13.531  1.00 123.30 ? 19  ASP B CG  1 
ATOM 847  O OD1 . ASP B 1 19  ? -25.016 16.330  14.719  1.00 122.07 ? 19  ASP B OD1 1 
ATOM 848  O OD2 . ASP B 1 19  ? -25.473 16.305  12.551  1.00 123.98 ? 19  ASP B OD2 1 
ATOM 849  N N   . GLY B 1 20  ? -24.190 12.188  14.639  1.00 122.44 ? 20  GLY B N   1 
ATOM 850  C CA  . GLY B 1 20  ? -24.947 11.172  15.376  1.00 123.09 ? 20  GLY B CA  1 
ATOM 851  C C   . GLY B 1 20  ? -24.452 11.005  16.823  1.00 123.33 ? 20  GLY B C   1 
ATOM 852  O O   . GLY B 1 20  ? -25.079 11.523  17.762  1.00 123.05 ? 20  GLY B O   1 
ATOM 853  N N   . ILE B 1 21  ? -23.319 10.295  16.985  1.00 123.43 ? 21  ILE B N   1 
ATOM 854  C CA  . ILE B 1 21  ? -22.739 9.929   18.303  1.00 123.03 ? 21  ILE B CA  1 
ATOM 855  C C   . ILE B 1 21  ? -21.220 9.689   18.281  1.00 122.66 ? 21  ILE B C   1 
ATOM 856  O O   . ILE B 1 21  ? -20.478 10.510  17.740  1.00 122.56 ? 21  ILE B O   1 
ATOM 857  C CB  . ILE B 1 21  ? -23.434 8.679   18.952  1.00 123.36 ? 21  ILE B CB  1 
ATOM 858  C CG1 . ILE B 1 21  ? -23.915 7.654   17.879  1.00 123.69 ? 21  ILE B CG1 1 
ATOM 859  C CG2 . ILE B 1 21  ? -24.543 9.129   19.929  1.00 122.17 ? 21  ILE B CG2 1 
ATOM 860  C CD1 . ILE B 1 21  ? -22.812 6.844   17.136  1.00 122.85 ? 21  ILE B CD1 1 
ATOM 861  N N   . VAL B 1 22  ? -20.779 8.568   18.876  1.00 122.00 ? 22  VAL B N   1 
ATOM 862  C CA  . VAL B 1 22  ? -19.359 8.274   19.112  1.00 121.60 ? 22  VAL B CA  1 
ATOM 863  C C   . VAL B 1 22  ? -18.983 6.800   18.969  1.00 121.51 ? 22  VAL B C   1 
ATOM 864  O O   . VAL B 1 22  ? -19.827 5.911   19.112  1.00 121.62 ? 22  VAL B O   1 
ATOM 865  C CB  . VAL B 1 22  ? -18.921 8.752   20.512  1.00 121.68 ? 22  VAL B CB  1 
ATOM 866  C CG1 . VAL B 1 22  ? -17.743 7.911   21.074  1.00 121.25 ? 22  VAL B CG1 1 
ATOM 867  C CG2 . VAL B 1 22  ? -18.575 10.237  20.477  1.00 121.64 ? 22  VAL B CG2 1 
ATOM 868  N N   . GLY B 1 23  ? -17.695 6.562   18.708  1.00 121.18 ? 23  GLY B N   1 
ATOM 869  C CA  . GLY B 1 23  ? -17.159 5.213   18.523  1.00 120.69 ? 23  GLY B CA  1 
ATOM 870  C C   . GLY B 1 23  ? -15.658 5.134   18.280  1.00 120.30 ? 23  GLY B C   1 
ATOM 871  O O   . GLY B 1 23  ? -15.002 6.130   17.965  1.00 120.46 ? 23  GLY B O   1 
ATOM 872  N N   . GLU B 1 24  ? -15.139 3.914   18.378  1.00 119.79 ? 24  GLU B N   1 
ATOM 873  C CA  . GLU B 1 24  ? -13.724 3.629   18.526  1.00 119.26 ? 24  GLU B CA  1 
ATOM 874  C C   . GLU B 1 24  ? -13.177 2.831   17.343  1.00 118.40 ? 24  GLU B C   1 
ATOM 875  O O   . GLU B 1 24  ? -13.933 2.103   16.680  1.00 118.63 ? 24  GLU B O   1 
ATOM 876  C CB  . GLU B 1 24  ? -13.600 2.771   19.763  1.00 119.70 ? 24  GLU B CB  1 
ATOM 877  C CG  . GLU B 1 24  ? -12.236 2.687   20.369  1.00 122.68 ? 24  GLU B CG  1 
ATOM 878  C CD  . GLU B 1 24  ? -12.326 2.450   21.866  1.00 125.65 ? 24  GLU B CD  1 
ATOM 879  O OE1 . GLU B 1 24  ? -13.311 1.784   22.285  1.00 125.98 ? 24  GLU B OE1 1 
ATOM 880  O OE2 . GLU B 1 24  ? -11.429 2.939   22.609  1.00 126.65 ? 24  GLU B OE2 1 
ATOM 881  N N   . GLY B 1 25  ? -11.871 2.938   17.101  1.00 117.06 ? 25  GLY B N   1 
ATOM 882  C CA  . GLY B 1 25  ? -11.214 2.165   16.049  1.00 115.44 ? 25  GLY B CA  1 
ATOM 883  C C   . GLY B 1 25  ? -9.714  2.363   15.985  1.00 114.52 ? 25  GLY B C   1 
ATOM 884  O O   . GLY B 1 25  ? -9.095  2.817   16.961  1.00 114.50 ? 25  GLY B O   1 
ATOM 885  N N   . LYS B 1 26  ? -9.141  2.025   14.825  1.00 113.44 ? 26  LYS B N   1 
ATOM 886  C CA  . LYS B 1 26  ? -7.698  2.083   14.596  1.00 112.59 ? 26  LYS B CA  1 
ATOM 887  C C   . LYS B 1 26  ? -7.320  3.148   13.552  1.00 111.88 ? 26  LYS B C   1 
ATOM 888  O O   . LYS B 1 26  ? -7.798  3.125   12.430  1.00 111.48 ? 26  LYS B O   1 
ATOM 889  C CB  . LYS B 1 26  ? -7.179  0.697   14.178  1.00 112.64 ? 26  LYS B CB  1 
ATOM 890  C CG  . LYS B 1 26  ? -5.698  0.429   14.483  1.00 113.18 ? 26  LYS B CG  1 
ATOM 891  C CD  . LYS B 1 26  ? -5.441  0.001   15.954  1.00 115.64 ? 26  LYS B CD  1 
ATOM 892  C CE  . LYS B 1 26  ? -3.957  -0.393  16.181  1.00 117.05 ? 26  LYS B CE  1 
ATOM 893  N NZ  . LYS B 1 26  ? -3.437  -0.048  17.540  1.00 116.74 ? 26  LYS B NZ  1 
ATOM 894  N N   . ALA B 1 27  ? -6.465  4.087   13.940  1.00 111.44 ? 27  ALA B N   1 
ATOM 895  C CA  . ALA B 1 27  ? -5.964  5.104   13.024  1.00 111.10 ? 27  ALA B CA  1 
ATOM 896  C C   . ALA B 1 27  ? -4.648  4.691   12.377  1.00 111.15 ? 27  ALA B C   1 
ATOM 897  O O   . ALA B 1 27  ? -3.738  4.197   13.039  1.00 110.71 ? 27  ALA B O   1 
ATOM 898  C CB  . ALA B 1 27  ? -5.802  6.416   13.731  1.00 110.69 ? 27  ALA B CB  1 
ATOM 899  N N   . LEU B 1 28  ? -4.576  4.894   11.066  1.00 111.75 ? 28  LEU B N   1 
ATOM 900  C CA  . LEU B 1 28  ? -3.393  4.607   10.269  1.00 112.46 ? 28  LEU B CA  1 
ATOM 901  C C   . LEU B 1 28  ? -2.805  5.938   9.930   1.00 113.19 ? 28  LEU B C   1 
ATOM 902  O O   . LEU B 1 28  ? -3.451  6.793   9.322   1.00 112.76 ? 28  LEU B O   1 
ATOM 903  C CB  . LEU B 1 28  ? -3.744  3.865   8.980   1.00 112.22 ? 28  LEU B CB  1 
ATOM 904  C CG  . LEU B 1 28  ? -4.435  2.515   9.147   1.00 111.67 ? 28  LEU B CG  1 
ATOM 905  C CD1 . LEU B 1 28  ? -5.142  2.109   7.882   1.00 110.69 ? 28  LEU B CD1 1 
ATOM 906  C CD2 . LEU B 1 28  ? -3.424  1.468   9.551   1.00 112.06 ? 28  LEU B CD2 1 
ATOM 907  N N   . TYR B 1 29  ? -1.564  6.094   10.345  1.00 114.63 ? 29  TYR B N   1 
ATOM 908  C CA  . TYR B 1 29  ? -0.895  7.375   10.342  1.00 116.36 ? 29  TYR B CA  1 
ATOM 909  C C   . TYR B 1 29  ? 0.567   7.133   9.990   1.00 117.24 ? 29  TYR B C   1 
ATOM 910  O O   . TYR B 1 29  ? 1.060   5.999   10.065  1.00 116.88 ? 29  TYR B O   1 
ATOM 911  C CB  . TYR B 1 29  ? -0.990  8.013   11.740  1.00 116.43 ? 29  TYR B CB  1 
ATOM 912  C CG  . TYR B 1 29  ? -0.061  7.351   12.742  1.00 117.47 ? 29  TYR B CG  1 
ATOM 913  C CD1 . TYR B 1 29  ? 1.269   7.779   12.884  1.00 118.76 ? 29  TYR B CD1 1 
ATOM 914  C CD2 . TYR B 1 29  ? -0.488  6.275   13.515  1.00 117.61 ? 29  TYR B CD2 1 
ATOM 915  C CE1 . TYR B 1 29  ? 2.137   7.152   13.772  1.00 118.90 ? 29  TYR B CE1 1 
ATOM 916  C CE2 . TYR B 1 29  ? 0.372   5.651   14.411  1.00 118.56 ? 29  TYR B CE2 1 
ATOM 917  C CZ  . TYR B 1 29  ? 1.680   6.088   14.538  1.00 118.68 ? 29  TYR B CZ  1 
ATOM 918  O OH  . TYR B 1 29  ? 2.530   5.461   15.423  1.00 118.27 ? 29  TYR B OH  1 
ATOM 919  N N   . ASN B 1 30  ? 1.260   8.198   9.601   1.00 118.83 ? 30  ASN B N   1 
ATOM 920  C CA  . ASN B 1 30  ? 2.709   8.127   9.481   1.00 120.53 ? 30  ASN B CA  1 
ATOM 921  C C   . ASN B 1 30  ? 3.375   9.452   9.739   1.00 121.59 ? 30  ASN B C   1 
ATOM 922  O O   . ASN B 1 30  ? 3.064   10.449  9.077   1.00 121.62 ? 30  ASN B O   1 
ATOM 923  C CB  . ASN B 1 30  ? 3.162   7.590   8.134   1.00 120.18 ? 30  ASN B CB  1 
ATOM 924  C CG  . ASN B 1 30  ? 4.614   7.230   8.142   1.00 120.92 ? 30  ASN B CG  1 
ATOM 925  O OD1 . ASN B 1 30  ? 5.069   6.349   8.902   1.00 121.88 ? 30  ASN B OD1 1 
ATOM 926  N ND2 . ASN B 1 30  ? 5.371   7.917   7.311   1.00 121.77 ? 30  ASN B ND2 1 
ATOM 927  N N   . ASN B 1 31  ? 4.302   9.457   10.694  1.00 122.98 ? 31  ASN B N   1 
ATOM 928  C CA  . ASN B 1 31  ? 4.974   10.695  11.052  1.00 124.25 ? 31  ASN B CA  1 
ATOM 929  C C   . ASN B 1 31  ? 5.878   11.219  9.956   1.00 124.92 ? 31  ASN B C   1 
ATOM 930  O O   . ASN B 1 31  ? 6.737   10.498  9.441   1.00 124.80 ? 31  ASN B O   1 
ATOM 931  C CB  . ASN B 1 31  ? 5.734   10.576  12.373  1.00 124.25 ? 31  ASN B CB  1 
ATOM 932  C CG  . ASN B 1 31  ? 6.611   9.356   12.434  1.00 124.95 ? 31  ASN B CG  1 
ATOM 933  O OD1 . ASN B 1 31  ? 7.612   9.252   11.724  1.00 125.37 ? 31  ASN B OD1 1 
ATOM 934  N ND2 . ASN B 1 31  ? 6.251   8.424   13.310  1.00 126.51 ? 31  ASN B ND2 1 
ATOM 935  N N   . GLU B 1 32  ? 5.629   12.466  9.567   1.00 126.15 ? 32  GLU B N   1 
ATOM 936  C CA  . GLU B 1 32  ? 6.669   13.308  9.018   1.00 127.60 ? 32  GLU B CA  1 
ATOM 937  C C   . GLU B 1 32  ? 7.754   13.319  10.123  1.00 128.58 ? 32  GLU B C   1 
ATOM 938  O O   . GLU B 1 32  ? 7.424   13.073  11.290  1.00 129.34 ? 32  GLU B O   1 
ATOM 939  C CB  . GLU B 1 32  ? 6.104   14.711  8.748   1.00 127.53 ? 32  GLU B CB  1 
ATOM 940  C CG  . GLU B 1 32  ? 7.115   15.692  8.192   1.00 128.50 ? 32  GLU B CG  1 
ATOM 941  C CD  . GLU B 1 32  ? 8.210   14.992  7.371   1.00 130.12 ? 32  GLU B CD  1 
ATOM 942  O OE1 . GLU B 1 32  ? 7.909   14.002  6.658   1.00 129.95 ? 32  GLU B OE1 1 
ATOM 943  O OE2 . GLU B 1 32  ? 9.385   15.421  7.449   1.00 130.95 ? 32  GLU B OE2 1 
ATOM 944  N N   . GLY B 1 33  ? 9.032   13.541  9.790   1.00 128.90 ? 33  GLY B N   1 
ATOM 945  C CA  . GLY B 1 33  ? 10.109  13.418  10.795  1.00 129.28 ? 33  GLY B CA  1 
ATOM 946  C C   . GLY B 1 33  ? 10.507  14.702  11.529  1.00 129.52 ? 33  GLY B C   1 
ATOM 947  O O   . GLY B 1 33  ? 11.145  15.581  10.923  1.00 129.56 ? 33  GLY B O   1 
ATOM 948  N N   . GLY B 1 34  ? 10.155  14.835  12.822  1.00 129.47 ? 34  GLY B N   1 
ATOM 949  C CA  . GLY B 1 34  ? 9.361   13.849  13.587  1.00 128.76 ? 34  GLY B CA  1 
ATOM 950  C C   . GLY B 1 34  ? 7.844   14.075  13.633  1.00 128.17 ? 34  GLY B C   1 
ATOM 951  O O   . GLY B 1 34  ? 7.133   13.303  14.301  1.00 128.15 ? 34  GLY B O   1 
ATOM 952  N N   . ARG B 1 35  ? 7.352   15.086  12.889  1.00 127.35 ? 35  ARG B N   1 
ATOM 953  C CA  . ARG B 1 35  ? 5.931   15.578  12.923  1.00 126.34 ? 35  ARG B CA  1 
ATOM 954  C C   . ARG B 1 35  ? 4.819   14.637  12.400  1.00 125.05 ? 35  ARG B C   1 
ATOM 955  O O   . ARG B 1 35  ? 4.775   14.300  11.214  1.00 124.63 ? 35  ARG B O   1 
ATOM 956  C CB  . ARG B 1 35  ? 5.813   16.925  12.201  1.00 126.54 ? 35  ARG B CB  1 
ATOM 957  C CG  . ARG B 1 35  ? 4.437   17.525  12.331  1.00 127.70 ? 35  ARG B CG  1 
ATOM 958  C CD  . ARG B 1 35  ? 3.937   17.991  10.993  1.00 130.13 ? 35  ARG B CD  1 
ATOM 959  N NE  . ARG B 1 35  ? 2.492   17.784  10.887  1.00 132.36 ? 35  ARG B NE  1 
ATOM 960  C CZ  . ARG B 1 35  ? 1.760   18.081  9.811   1.00 133.43 ? 35  ARG B CZ  1 
ATOM 961  N NH1 . ARG B 1 35  ? 0.450   17.849  9.816   1.00 132.59 ? 35  ARG B NH1 1 
ATOM 962  N NH2 . ARG B 1 35  ? 2.328   18.616  8.729   1.00 133.95 ? 35  ARG B NH2 1 
ATOM 963  N N   . THR B 1 36  ? 3.877   14.290  13.271  1.00 123.61 ? 36  THR B N   1 
ATOM 964  C CA  . THR B 1 36  ? 3.023   13.125  13.004  1.00 122.32 ? 36  THR B CA  1 
ATOM 965  C C   . THR B 1 36  ? 1.739   13.375  12.146  1.00 121.35 ? 36  THR B C   1 
ATOM 966  O O   . THR B 1 36  ? 0.932   14.272  12.456  1.00 120.97 ? 36  THR B O   1 
ATOM 967  C CB  . THR B 1 36  ? 2.825   12.271  14.310  1.00 122.38 ? 36  THR B CB  1 
ATOM 968  O OG1 . THR B 1 36  ? 3.161   10.901  14.058  1.00 122.01 ? 36  THR B OG1 1 
ATOM 969  C CG2 . THR B 1 36  ? 1.411   12.392  14.895  1.00 122.58 ? 36  THR B CG2 1 
ATOM 970  N N   . PHE B 1 37  ? 1.587   12.574  11.075  1.00 119.96 ? 37  PHE B N   1 
ATOM 971  C CA  . PHE B 1 37  ? 0.537   12.720  10.017  1.00 118.48 ? 37  PHE B CA  1 
ATOM 972  C C   . PHE B 1 37  ? -0.527  11.609  9.973   1.00 116.46 ? 37  PHE B C   1 
ATOM 973  O O   . PHE B 1 37  ? -0.196  10.435  9.736   1.00 116.02 ? 37  PHE B O   1 
ATOM 974  C CB  . PHE B 1 37  ? 1.194   12.720  8.628   1.00 119.09 ? 37  PHE B CB  1 
ATOM 975  C CG  . PHE B 1 37  ? 1.125   14.031  7.905   1.00 121.65 ? 37  PHE B CG  1 
ATOM 976  C CD1 . PHE B 1 37  ? -0.049  14.803  7.920   1.00 123.91 ? 37  PHE B CD1 1 
ATOM 977  C CD2 . PHE B 1 37  ? 2.232   14.476  7.154   1.00 123.44 ? 37  PHE B CD2 1 
ATOM 978  C CE1 . PHE B 1 37  ? -0.113  16.038  7.221   1.00 125.79 ? 37  PHE B CE1 1 
ATOM 979  C CE2 . PHE B 1 37  ? 2.190   15.699  6.452   1.00 125.10 ? 37  PHE B CE2 1 
ATOM 980  C CZ  . PHE B 1 37  ? 1.009   16.490  6.483   1.00 126.08 ? 37  PHE B CZ  1 
ATOM 981  N N   . MET B 1 38  ? -1.797  11.971  10.140  1.00 113.86 ? 38  MET B N   1 
ATOM 982  C CA  . MET B 1 38  ? -2.852  10.960  10.061  1.00 111.40 ? 38  MET B CA  1 
ATOM 983  C C   . MET B 1 38  ? -3.355  10.748  8.650   1.00 110.22 ? 38  MET B C   1 
ATOM 984  O O   . MET B 1 38  ? -3.855  11.690  8.035   1.00 109.54 ? 38  MET B O   1 
ATOM 985  C CB  . MET B 1 38  ? -4.046  11.289  10.943  1.00 111.22 ? 38  MET B CB  1 
ATOM 986  C CG  . MET B 1 38  ? -4.828  10.026  11.297  1.00 109.70 ? 38  MET B CG  1 
ATOM 987  S SD  . MET B 1 38  ? -6.570  10.259  11.679  1.00 105.87 ? 38  MET B SD  1 
ATOM 988  C CE  . MET B 1 38  ? -7.000  8.570   12.033  1.00 106.57 ? 38  MET B CE  1 
ATOM 989  N N   . TYR B 1 39  ? -3.259  9.495   8.182   1.00 108.75 ? 39  TYR B N   1 
ATOM 990  C CA  . TYR B 1 39  ? -3.679  9.081   6.829   1.00 107.28 ? 39  TYR B CA  1 
ATOM 991  C C   . TYR B 1 39  ? -5.171  8.602   6.704   1.00 105.81 ? 39  TYR B C   1 
ATOM 992  O O   . TYR B 1 39  ? -5.885  9.046   5.790   1.00 105.67 ? 39  TYR B O   1 
ATOM 993  C CB  . TYR B 1 39  ? -2.690  8.043   6.239   1.00 107.63 ? 39  TYR B CB  1 
ATOM 994  C CG  . TYR B 1 39  ? -1.276  8.506   5.753   1.00 109.20 ? 39  TYR B CG  1 
ATOM 995  C CD1 . TYR B 1 39  ? -0.684  9.719   6.160   1.00 110.39 ? 39  TYR B CD1 1 
ATOM 996  C CD2 . TYR B 1 39  ? -0.502  7.665   4.925   1.00 110.01 ? 39  TYR B CD2 1 
ATOM 997  C CE1 . TYR B 1 39  ? 0.619   10.088  5.717   1.00 110.70 ? 39  TYR B CE1 1 
ATOM 998  C CE2 . TYR B 1 39  ? 0.796   8.024   4.482   1.00 110.51 ? 39  TYR B CE2 1 
ATOM 999  C CZ  . TYR B 1 39  ? 1.347   9.230   4.874   1.00 111.34 ? 39  TYR B CZ  1 
ATOM 1000 O OH  . TYR B 1 39  ? 2.625   9.557   4.432   1.00 110.54 ? 39  TYR B OH  1 
ATOM 1001 N N   . ALA B 1 40  ? -5.660  7.727   7.587   1.00 103.74 ? 40  ALA B N   1 
ATOM 1002 C CA  . ALA B 1 40  ? -7.066  7.278   7.473   1.00 102.53 ? 40  ALA B CA  1 
ATOM 1003 C C   . ALA B 1 40  ? -7.561  6.582   8.708   1.00 101.61 ? 40  ALA B C   1 
ATOM 1004 O O   . ALA B 1 40  ? -6.777  6.240   9.568   1.00 101.82 ? 40  ALA B O   1 
ATOM 1005 C CB  . ALA B 1 40  ? -7.246  6.357   6.285   1.00 102.25 ? 40  ALA B CB  1 
ATOM 1006 N N   . PHE B 1 41  ? -8.854  6.318   8.783   1.00 100.51 ? 41  PHE B N   1 
ATOM 1007 C CA  . PHE B 1 41  ? -9.390  5.708   10.000  1.00 99.64  ? 41  PHE B CA  1 
ATOM 1008 C C   . PHE B 1 41  ? -10.294 4.529   9.703   1.00 98.68  ? 41  PHE B C   1 
ATOM 1009 O O   . PHE B 1 41  ? -11.167 4.620   8.837   1.00 98.52  ? 41  PHE B O   1 
ATOM 1010 C CB  . PHE B 1 41  ? -10.143 6.770   10.825  1.00 100.02 ? 41  PHE B CB  1 
ATOM 1011 C CG  . PHE B 1 41  ? -10.703 6.257   12.116  1.00 99.26  ? 41  PHE B CG  1 
ATOM 1012 C CD1 . PHE B 1 41  ? -9.860  5.876   13.152  1.00 100.74 ? 41  PHE B CD1 1 
ATOM 1013 C CD2 . PHE B 1 41  ? -12.078 6.154   12.298  1.00 98.58  ? 41  PHE B CD2 1 
ATOM 1014 C CE1 . PHE B 1 41  ? -10.387 5.388   14.361  1.00 100.59 ? 41  PHE B CE1 1 
ATOM 1015 C CE2 . PHE B 1 41  ? -12.622 5.669   13.489  1.00 97.63  ? 41  PHE B CE2 1 
ATOM 1016 C CZ  . PHE B 1 41  ? -11.777 5.287   14.527  1.00 99.33  ? 41  PHE B CZ  1 
ATOM 1017 N N   . ILE B 1 42  ? -10.073 3.446   10.443  1.00 97.42  ? 42  ILE B N   1 
ATOM 1018 C CA  . ILE B 1 42  ? -10.825 2.188   10.337  1.00 97.10  ? 42  ILE B CA  1 
ATOM 1019 C C   . ILE B 1 42  ? -11.581 1.821   11.640  1.00 98.03  ? 42  ILE B C   1 
ATOM 1020 O O   . ILE B 1 42  ? -10.972 1.377   12.645  1.00 97.84  ? 42  ILE B O   1 
ATOM 1021 C CB  . ILE B 1 42  ? -9.896  1.005   10.029  1.00 96.45  ? 42  ILE B CB  1 
ATOM 1022 C CG1 . ILE B 1 42  ? -9.186  1.207   8.690   1.00 96.53  ? 42  ILE B CG1 1 
ATOM 1023 C CG2 . ILE B 1 42  ? -10.674 -0.297  10.025  1.00 95.23  ? 42  ILE B CG2 1 
ATOM 1024 C CD1 . ILE B 1 42  ? -8.045  0.241   8.464   1.00 92.22  ? 42  ILE B CD1 1 
ATOM 1025 N N   . SER B 1 43  ? -12.906 1.968   11.600  1.00 98.48  ? 43  SER B N   1 
ATOM 1026 C CA  . SER B 1 43  ? -13.766 1.693   12.742  1.00 99.37  ? 43  SER B CA  1 
ATOM 1027 C C   . SER B 1 43  ? -14.323 0.244   12.735  1.00 100.58 ? 43  SER B C   1 
ATOM 1028 O O   . SER B 1 43  ? -13.577 -0.732  12.565  1.00 100.84 ? 43  SER B O   1 
ATOM 1029 C CB  . SER B 1 43  ? -14.908 2.724   12.769  1.00 99.24  ? 43  SER B CB  1 
ATOM 1030 O OG  . SER B 1 43  ? -15.868 2.457   13.794  1.00 98.79  ? 43  SER B OG  1 
ATOM 1031 N N   . ASP B 1 44  ? -15.642 0.149   12.938  1.00 101.40 ? 44  ASP B N   1 
ATOM 1032 C CA  . ASP B 1 44  ? -16.450 -1.061  12.947  1.00 101.78 ? 44  ASP B CA  1 
ATOM 1033 C C   . ASP B 1 44  ? -17.887 -0.563  12.818  1.00 101.19 ? 44  ASP B C   1 
ATOM 1034 O O   . ASP B 1 44  ? -18.812 -1.352  12.707  1.00 100.61 ? 44  ASP B O   1 
ATOM 1035 C CB  . ASP B 1 44  ? -16.313 -1.779  14.284  1.00 102.86 ? 44  ASP B CB  1 
ATOM 1036 C CG  . ASP B 1 44  ? -15.355 -2.970  14.227  1.00 106.76 ? 44  ASP B CG  1 
ATOM 1037 O OD1 . ASP B 1 44  ? -15.366 -3.726  13.206  1.00 108.22 ? 44  ASP B OD1 1 
ATOM 1038 O OD2 . ASP B 1 44  ? -14.613 -3.154  15.237  1.00 110.45 ? 44  ASP B OD2 1 
ATOM 1039 N N   . LYS B 1 45  ? -18.041 0.763   12.838  1.00 100.81 ? 45  LYS B N   1 
ATOM 1040 C CA  . LYS B 1 45  ? -19.332 1.452   12.786  1.00 100.52 ? 45  LYS B CA  1 
ATOM 1041 C C   . LYS B 1 45  ? -19.334 2.522   11.686  1.00 99.87  ? 45  LYS B C   1 
ATOM 1042 O O   . LYS B 1 45  ? -18.322 3.171   11.464  1.00 99.32  ? 45  LYS B O   1 
ATOM 1043 C CB  . LYS B 1 45  ? -19.585 2.152   14.129  1.00 101.21 ? 45  LYS B CB  1 
ATOM 1044 C CG  . LYS B 1 45  ? -18.836 1.567   15.367  1.00 101.85 ? 45  LYS B CG  1 
ATOM 1045 C CD  . LYS B 1 45  ? -19.448 2.122   16.656  1.00 103.92 ? 45  LYS B CD  1 
ATOM 1046 C CE  . LYS B 1 45  ? -20.982 2.337   16.514  1.00 104.39 ? 45  LYS B CE  1 
ATOM 1047 N NZ  . LYS B 1 45  ? -21.638 2.961   17.710  1.00 105.31 ? 45  LYS B NZ  1 
ATOM 1048 N N   . PRO B 1 46  ? -20.476 2.741   11.012  1.00 99.75  ? 46  PRO B N   1 
ATOM 1049 C CA  . PRO B 1 46  ? -20.489 3.792   9.982   1.00 99.74  ? 46  PRO B CA  1 
ATOM 1050 C C   . PRO B 1 46  ? -20.689 5.165   10.598  1.00 100.02 ? 46  PRO B C   1 
ATOM 1051 O O   . PRO B 1 46  ? -20.661 5.299   11.814  1.00 100.01 ? 46  PRO B O   1 
ATOM 1052 C CB  . PRO B 1 46  ? -21.726 3.446   9.151   1.00 99.39  ? 46  PRO B CB  1 
ATOM 1053 C CG  . PRO B 1 46  ? -22.668 2.862   10.137  1.00 99.19  ? 46  PRO B CG  1 
ATOM 1054 C CD  . PRO B 1 46  ? -21.820 2.162   11.208  1.00 99.78  ? 46  PRO B CD  1 
ATOM 1055 N N   . ASP B 1 47  ? -20.887 6.170   9.753   1.00 100.40 ? 47  ASP B N   1 
ATOM 1056 C CA  . ASP B 1 47  ? -21.416 7.477   10.172  1.00 101.05 ? 47  ASP B CA  1 
ATOM 1057 C C   . ASP B 1 47  ? -20.562 8.447   11.026  1.00 101.07 ? 47  ASP B C   1 
ATOM 1058 O O   . ASP B 1 47  ? -21.108 9.470   11.476  1.00 101.47 ? 47  ASP B O   1 
ATOM 1059 C CB  . ASP B 1 47  ? -22.818 7.316   10.776  1.00 101.28 ? 47  ASP B CB  1 
ATOM 1060 C CG  . ASP B 1 47  ? -23.841 6.867   9.747   1.00 103.43 ? 47  ASP B CG  1 
ATOM 1061 O OD1 . ASP B 1 47  ? -23.791 7.352   8.583   1.00 105.85 ? 47  ASP B OD1 1 
ATOM 1062 O OD2 . ASP B 1 47  ? -24.702 6.029   10.099  1.00 105.16 ? 47  ASP B OD2 1 
ATOM 1063 N N   . LEU B 1 48  ? -19.257 8.166   11.214  1.00 100.85 ? 48  LEU B N   1 
ATOM 1064 C CA  . LEU B 1 48  ? -18.312 9.071   11.925  1.00 100.53 ? 48  LEU B CA  1 
ATOM 1065 C C   . LEU B 1 48  ? -17.716 10.182  11.039  1.00 101.70 ? 48  LEU B C   1 
ATOM 1066 O O   . LEU B 1 48  ? -17.520 9.995   9.849   1.00 102.43 ? 48  LEU B O   1 
ATOM 1067 C CB  . LEU B 1 48  ? -17.214 8.276   12.622  1.00 99.55  ? 48  LEU B CB  1 
ATOM 1068 C CG  . LEU B 1 48  ? -17.686 7.000   13.326  1.00 97.41  ? 48  LEU B CG  1 
ATOM 1069 C CD1 . LEU B 1 48  ? -16.534 6.121   13.725  1.00 95.16  ? 48  LEU B CD1 1 
ATOM 1070 C CD2 . LEU B 1 48  ? -18.511 7.334   14.543  1.00 99.10  ? 48  LEU B CD2 1 
ATOM 1071 N N   . ARG B 1 49  ? -17.441 11.345  11.610  1.00 103.17 ? 49  ARG B N   1 
ATOM 1072 C CA  . ARG B 1 49  ? -17.020 12.481  10.798  1.00 104.59 ? 49  ARG B CA  1 
ATOM 1073 C C   . ARG B 1 49  ? -15.728 13.133  11.263  1.00 105.20 ? 49  ARG B C   1 
ATOM 1074 O O   . ARG B 1 49  ? -15.122 13.884  10.492  1.00 105.82 ? 49  ARG B O   1 
ATOM 1075 C CB  . ARG B 1 49  ? -18.092 13.575  10.716  1.00 104.82 ? 49  ARG B CB  1 
ATOM 1076 C CG  . ARG B 1 49  ? -19.523 13.120  10.725  1.00 107.51 ? 49  ARG B CG  1 
ATOM 1077 C CD  . ARG B 1 49  ? -20.030 12.798  9.338   1.00 112.71 ? 49  ARG B CD  1 
ATOM 1078 N NE  . ARG B 1 49  ? -21.498 12.795  9.321   1.00 118.25 ? 49  ARG B NE  1 
ATOM 1079 C CZ  . ARG B 1 49  ? -22.251 13.840  8.962   1.00 120.71 ? 49  ARG B CZ  1 
ATOM 1080 N NH1 . ARG B 1 49  ? -21.672 14.977  8.574   1.00 122.68 ? 49  ARG B NH1 1 
ATOM 1081 N NH2 . ARG B 1 49  ? -23.582 13.752  8.978   1.00 121.33 ? 49  ARG B NH2 1 
ATOM 1082 N N   . VAL B 1 50  ? -15.317 12.918  12.513  1.00 105.92 ? 50  VAL B N   1 
ATOM 1083 C CA  . VAL B 1 50  ? -14.137 13.643  13.020  1.00 106.90 ? 50  VAL B CA  1 
ATOM 1084 C C   . VAL B 1 50  ? -13.242 12.812  13.955  1.00 108.01 ? 50  VAL B C   1 
ATOM 1085 O O   . VAL B 1 50  ? -13.723 11.885  14.616  1.00 107.87 ? 50  VAL B O   1 
ATOM 1086 C CB  . VAL B 1 50  ? -14.491 15.034  13.673  1.00 106.78 ? 50  VAL B CB  1 
ATOM 1087 C CG1 . VAL B 1 50  ? -13.300 15.960  13.600  1.00 106.56 ? 50  VAL B CG1 1 
ATOM 1088 C CG2 . VAL B 1 50  ? -15.698 15.723  12.996  1.00 105.78 ? 50  VAL B CG2 1 
ATOM 1089 N N   . VAL B 1 51  ? -11.941 13.128  13.962  1.00 109.48 ? 51  VAL B N   1 
ATOM 1090 C CA  . VAL B 1 51  ? -10.988 12.612  14.959  1.00 111.20 ? 51  VAL B CA  1 
ATOM 1091 C C   . VAL B 1 51  ? -10.128 13.762  15.484  1.00 112.47 ? 51  VAL B C   1 
ATOM 1092 O O   . VAL B 1 51  ? -9.507  14.472  14.696  1.00 112.35 ? 51  VAL B O   1 
ATOM 1093 C CB  . VAL B 1 51  ? -10.065 11.509  14.381  1.00 110.98 ? 51  VAL B CB  1 
ATOM 1094 C CG1 . VAL B 1 51  ? -8.854  11.254  15.282  1.00 110.63 ? 51  VAL B CG1 1 
ATOM 1095 C CG2 . VAL B 1 51  ? -10.825 10.231  14.204  1.00 111.76 ? 51  VAL B CG2 1 
ATOM 1096 N N   . LYS B 1 52  ? -10.095 13.950  16.807  1.00 114.26 ? 52  LYS B N   1 
ATOM 1097 C CA  . LYS B 1 52  ? -9.183  14.942  17.416  1.00 115.66 ? 52  LYS B CA  1 
ATOM 1098 C C   . LYS B 1 52  ? -7.798  14.288  17.603  1.00 116.47 ? 52  LYS B C   1 
ATOM 1099 O O   . LYS B 1 52  ? -7.709  13.088  17.927  1.00 116.72 ? 52  LYS B O   1 
ATOM 1100 C CB  . LYS B 1 52  ? -9.695  15.539  18.761  1.00 115.99 ? 52  LYS B CB  1 
ATOM 1101 C CG  . LYS B 1 52  ? -11.154 15.260  19.238  1.00 116.36 ? 52  LYS B CG  1 
ATOM 1102 C CD  . LYS B 1 52  ? -12.232 15.933  18.397  1.00 118.40 ? 52  LYS B CD  1 
ATOM 1103 C CE  . LYS B 1 52  ? -12.185 17.446  18.472  1.00 119.92 ? 52  LYS B CE  1 
ATOM 1104 N NZ  . LYS B 1 52  ? -13.286 18.081  17.660  1.00 121.87 ? 52  LYS B NZ  1 
ATOM 1105 N N   . TRP B 1 53  ? -6.733  15.077  17.422  1.00 117.23 ? 53  TRP B N   1 
ATOM 1106 C CA  . TRP B 1 53  ? -5.361  14.547  17.386  1.00 118.10 ? 53  TRP B CA  1 
ATOM 1107 C C   . TRP B 1 53  ? -4.633  14.326  18.736  1.00 118.03 ? 53  TRP B C   1 
ATOM 1108 O O   . TRP B 1 53  ? -4.105  15.254  19.357  1.00 118.07 ? 53  TRP B O   1 
ATOM 1109 C CB  . TRP B 1 53  ? -4.517  15.365  16.403  1.00 118.61 ? 53  TRP B CB  1 
ATOM 1110 C CG  . TRP B 1 53  ? -3.585  14.518  15.573  1.00 120.53 ? 53  TRP B CG  1 
ATOM 1111 C CD1 . TRP B 1 53  ? -2.564  14.960  14.757  1.00 120.82 ? 53  TRP B CD1 1 
ATOM 1112 C CD2 . TRP B 1 53  ? -3.568  13.081  15.491  1.00 122.41 ? 53  TRP B CD2 1 
ATOM 1113 N NE1 . TRP B 1 53  ? -1.925  13.886  14.173  1.00 121.11 ? 53  TRP B NE1 1 
ATOM 1114 C CE2 . TRP B 1 53  ? -2.519  12.723  14.606  1.00 122.47 ? 53  TRP B CE2 1 
ATOM 1115 C CE3 . TRP B 1 53  ? -4.340  12.058  16.078  1.00 122.87 ? 53  TRP B CE3 1 
ATOM 1116 C CZ2 . TRP B 1 53  ? -2.226  11.380  14.291  1.00 122.68 ? 53  TRP B CZ2 1 
ATOM 1117 C CZ3 . TRP B 1 53  ? -4.054  10.729  15.757  1.00 122.86 ? 53  TRP B CZ3 1 
ATOM 1118 C CH2 . TRP B 1 53  ? -3.005  10.404  14.873  1.00 122.65 ? 53  TRP B CH2 1 
ATOM 1119 N N   . GLY B 1 57  ? 2.725   17.475  20.317  1.00 129.93 ? 57  GLY B N   1 
ATOM 1120 C CA  . GLY B 1 57  ? 1.897   16.849  19.284  1.00 130.30 ? 57  GLY B CA  1 
ATOM 1121 C C   . GLY B 1 57  ? 0.520   17.486  19.201  1.00 130.45 ? 57  GLY B C   1 
ATOM 1122 O O   . GLY B 1 57  ? -0.370  16.974  18.507  1.00 130.42 ? 57  GLY B O   1 
ATOM 1123 N N   . GLY B 1 58  ? 0.376   18.600  19.930  1.00 130.61 ? 58  GLY B N   1 
ATOM 1124 C CA  . GLY B 1 58  ? -0.836  19.437  20.036  1.00 130.61 ? 58  GLY B CA  1 
ATOM 1125 C C   . GLY B 1 58  ? -2.135  19.054  19.335  1.00 130.44 ? 58  GLY B C   1 
ATOM 1126 O O   . GLY B 1 58  ? -2.159  18.942  18.102  1.00 130.45 ? 58  GLY B O   1 
ATOM 1127 N N   . CYS B 1 59  ? -3.211  18.901  20.129  1.00 130.02 ? 59  CYS B N   1 
ATOM 1128 C CA  . CYS B 1 59  ? -4.558  18.451  19.669  1.00 129.58 ? 59  CYS B CA  1 
ATOM 1129 C C   . CYS B 1 59  ? -5.008  19.050  18.317  1.00 128.74 ? 59  CYS B C   1 
ATOM 1130 O O   . CYS B 1 59  ? -4.791  20.261  18.065  1.00 128.59 ? 59  CYS B O   1 
ATOM 1131 C CB  . CYS B 1 59  ? -5.646  18.738  20.733  1.00 129.66 ? 59  CYS B CB  1 
ATOM 1132 S SG  . CYS B 1 59  ? -6.657  20.260  20.415  1.00 131.33 ? 59  CYS B SG  1 
ATOM 1133 N N   . ASN B 1 60  ? -5.628  18.218  17.459  1.00 127.21 ? 60  ASN B N   1 
ATOM 1134 C CA  . ASN B 1 60  ? -6.291  18.749  16.247  1.00 125.40 ? 60  ASN B CA  1 
ATOM 1135 C C   . ASN B 1 60  ? -7.449  18.020  15.530  1.00 123.59 ? 60  ASN B C   1 
ATOM 1136 O O   . ASN B 1 60  ? -7.516  16.787  15.478  1.00 123.03 ? 60  ASN B O   1 
ATOM 1137 C CB  . ASN B 1 60  ? -5.268  19.237  15.214  1.00 125.91 ? 60  ASN B CB  1 
ATOM 1138 C CG  . ASN B 1 60  ? -5.511  20.687  14.826  1.00 126.85 ? 60  ASN B CG  1 
ATOM 1139 O OD1 . ASN B 1 60  ? -5.844  20.993  13.673  1.00 127.81 ? 60  ASN B OD1 1 
ATOM 1140 N ND2 . ASN B 1 60  ? -5.384  21.594  15.808  1.00 127.23 ? 60  ASN B ND2 1 
ATOM 1141 N N   . THR B 1 61  ? -8.329  18.860  14.973  1.00 121.55 ? 61  THR B N   1 
ATOM 1142 C CA  . THR B 1 61  ? -9.468  18.533  14.075  1.00 119.70 ? 61  THR B CA  1 
ATOM 1143 C C   . THR B 1 61  ? -9.146  17.745  12.763  1.00 117.68 ? 61  THR B C   1 
ATOM 1144 O O   . THR B 1 61  ? -8.673  18.341  11.774  1.00 117.62 ? 61  THR B O   1 
ATOM 1145 C CB  . THR B 1 61  ? -10.164 19.867  13.609  1.00 119.95 ? 61  THR B CB  1 
ATOM 1146 O OG1 . THR B 1 61  ? -10.113 20.858  14.653  1.00 120.91 ? 61  THR B OG1 1 
ATOM 1147 C CG2 . THR B 1 61  ? -11.621 19.628  13.140  1.00 120.14 ? 61  THR B CG2 1 
ATOM 1148 N N   . ILE B 1 62  ? -9.446  16.440  12.736  1.00 114.76 ? 62  ILE B N   1 
ATOM 1149 C CA  . ILE B 1 62  ? -9.314  15.618  11.515  1.00 111.45 ? 62  ILE B CA  1 
ATOM 1150 C C   . ILE B 1 62  ? -10.698 15.277  10.953  1.00 108.77 ? 62  ILE B C   1 
ATOM 1151 O O   . ILE B 1 62  ? -11.426 14.475  11.549  1.00 107.74 ? 62  ILE B O   1 
ATOM 1152 C CB  . ILE B 1 62  ? -8.552  14.293  11.790  1.00 111.81 ? 62  ILE B CB  1 
ATOM 1153 C CG1 . ILE B 1 62  ? -7.244  14.527  12.576  1.00 112.94 ? 62  ILE B CG1 1 
ATOM 1154 C CG2 . ILE B 1 62  ? -8.299  13.537  10.494  1.00 112.15 ? 62  ILE B CG2 1 
ATOM 1155 C CD1 . ILE B 1 62  ? -6.183  15.386  11.858  1.00 114.48 ? 62  ILE B CD1 1 
ATOM 1156 N N   . GLU B 1 63  ? -11.049 15.899  9.825   1.00 105.68 ? 63  GLU B N   1 
ATOM 1157 C CA  . GLU B 1 63  ? -12.304 15.610  9.113   1.00 103.17 ? 63  GLU B CA  1 
ATOM 1158 C C   . GLU B 1 63  ? -12.189 14.259  8.345   1.00 101.27 ? 63  GLU B C   1 
ATOM 1159 O O   . GLU B 1 63  ? -11.197 14.018  7.651   1.00 100.72 ? 63  GLU B O   1 
ATOM 1160 C CB  . GLU B 1 63  ? -12.683 16.779  8.169   1.00 103.13 ? 63  GLU B CB  1 
ATOM 1161 C CG  . GLU B 1 63  ? -13.389 18.003  8.830   1.00 103.37 ? 63  GLU B CG  1 
ATOM 1162 C CD  . GLU B 1 63  ? -13.561 19.219  7.886   1.00 104.37 ? 63  GLU B CD  1 
ATOM 1163 O OE1 . GLU B 1 63  ? -14.449 19.214  7.005   1.00 104.46 ? 63  GLU B OE1 1 
ATOM 1164 O OE2 . GLU B 1 63  ? -12.819 20.214  8.041   1.00 105.03 ? 63  GLU B OE2 1 
ATOM 1165 N N   . LEU B 1 64  ? -13.182 13.377  8.491   1.00 98.85  ? 64  LEU B N   1 
ATOM 1166 C CA  . LEU B 1 64  ? -13.181 12.076  7.801   1.00 96.65  ? 64  LEU B CA  1 
ATOM 1167 C C   . LEU B 1 64  ? -14.033 12.102  6.523   1.00 95.98  ? 64  LEU B C   1 
ATOM 1168 O O   . LEU B 1 64  ? -14.916 12.947  6.371   1.00 95.46  ? 64  LEU B O   1 
ATOM 1169 C CB  . LEU B 1 64  ? -13.683 10.982  8.724   1.00 95.93  ? 64  LEU B CB  1 
ATOM 1170 C CG  . LEU B 1 64  ? -12.895 10.766  10.006  1.00 95.07  ? 64  LEU B CG  1 
ATOM 1171 C CD1 . LEU B 1 64  ? -13.698 9.928   11.010  1.00 93.35  ? 64  LEU B CD1 1 
ATOM 1172 C CD2 . LEU B 1 64  ? -11.541 10.139  9.722   1.00 93.90  ? 64  LEU B CD2 1 
ATOM 1173 N N   . GLU B 1 65  ? -13.762 11.185  5.600   1.00 94.94  ? 65  GLU B N   1 
ATOM 1174 C CA  . GLU B 1 65  ? -14.594 11.075  4.420   1.00 94.53  ? 65  GLU B CA  1 
ATOM 1175 C C   . GLU B 1 65  ? -15.613 10.011  4.648   1.00 93.57  ? 65  GLU B C   1 
ATOM 1176 O O   . GLU B 1 65  ? -15.417 9.160   5.525   1.00 92.82  ? 65  GLU B O   1 
ATOM 1177 C CB  . GLU B 1 65  ? -13.770 10.737  3.193   1.00 95.18  ? 65  GLU B CB  1 
ATOM 1178 C CG  . GLU B 1 65  ? -13.361 11.969  2.392   1.00 97.54  ? 65  GLU B CG  1 
ATOM 1179 C CD  . GLU B 1 65  ? -12.422 11.603  1.247   1.00 101.42 ? 65  GLU B CD  1 
ATOM 1180 O OE1 . GLU B 1 65  ? -12.303 10.369  0.991   1.00 102.08 ? 65  GLU B OE1 1 
ATOM 1181 O OE2 . GLU B 1 65  ? -11.806 12.526  0.621   1.00 101.60 ? 65  GLU B OE2 1 
ATOM 1182 N N   . PRO B 1 66  ? -16.722 10.053  3.879   1.00 93.33  ? 66  PRO B N   1 
ATOM 1183 C CA  . PRO B 1 66  ? -17.719 8.996   4.011   1.00 93.58  ? 66  PRO B CA  1 
ATOM 1184 C C   . PRO B 1 66  ? -16.990 7.684   3.783   1.00 94.43  ? 66  PRO B C   1 
ATOM 1185 O O   . PRO B 1 66  ? -16.247 7.564   2.789   1.00 94.41  ? 66  PRO B O   1 
ATOM 1186 C CB  . PRO B 1 66  ? -18.709 9.282   2.884   1.00 92.85  ? 66  PRO B CB  1 
ATOM 1187 C CG  . PRO B 1 66  ? -18.520 10.681  2.570   1.00 92.71  ? 66  PRO B CG  1 
ATOM 1188 C CD  . PRO B 1 66  ? -17.091 11.024  2.840   1.00 93.02  ? 66  PRO B CD  1 
ATOM 1189 N N   . PRO B 1 67  ? -17.162 6.731   4.717   1.00 95.03  ? 67  PRO B N   1 
ATOM 1190 C CA  . PRO B 1 67  ? -16.375 5.516   4.846   1.00 96.01  ? 67  PRO B CA  1 
ATOM 1191 C C   . PRO B 1 67  ? -16.581 4.572   3.685   1.00 97.17  ? 67  PRO B C   1 
ATOM 1192 O O   . PRO B 1 67  ? -17.630 4.605   3.032   1.00 97.55  ? 67  PRO B O   1 
ATOM 1193 C CB  . PRO B 1 67  ? -16.934 4.878   6.108   1.00 95.79  ? 67  PRO B CB  1 
ATOM 1194 C CG  . PRO B 1 67  ? -18.325 5.316   6.145   1.00 95.40  ? 67  PRO B CG  1 
ATOM 1195 C CD  . PRO B 1 67  ? -18.329 6.707   5.609   1.00 95.20  ? 67  PRO B CD  1 
ATOM 1196 N N   . ARG B 1 68  ? -15.592 3.736   3.425   1.00 98.38  ? 68  ARG B N   1 
ATOM 1197 C CA  . ARG B 1 68  ? -15.721 2.801   2.339   1.00 100.14 ? 68  ARG B CA  1 
ATOM 1198 C C   . ARG B 1 68  ? -15.797 1.416   3.010   1.00 100.32 ? 68  ARG B C   1 
ATOM 1199 O O   . ARG B 1 68  ? -14.879 1.000   3.700   1.00 100.15 ? 68  ARG B O   1 
ATOM 1200 C CB  . ARG B 1 68  ? -14.582 3.033   1.313   1.00 100.44 ? 68  ARG B CB  1 
ATOM 1201 C CG  . ARG B 1 68  ? -14.440 2.016   0.149   1.00 105.69 ? 68  ARG B CG  1 
ATOM 1202 C CD  . ARG B 1 68  ? -15.435 2.207   -1.041  1.00 112.73 ? 68  ARG B CD  1 
ATOM 1203 N NE  . ARG B 1 68  ? -16.051 0.918   -1.438  1.00 118.13 ? 68  ARG B NE  1 
ATOM 1204 C CZ  . ARG B 1 68  ? -17.209 0.421   -0.953  1.00 120.82 ? 68  ARG B CZ  1 
ATOM 1205 N NH1 . ARG B 1 68  ? -17.938 1.093   -0.045  1.00 120.66 ? 68  ARG B NH1 1 
ATOM 1206 N NH2 . ARG B 1 68  ? -17.661 -0.760  -1.389  1.00 121.68 ? 68  ARG B NH2 1 
ATOM 1207 N N   . LYS B 1 69  ? -16.951 0.757   2.883   1.00 101.34 ? 69  LYS B N   1 
ATOM 1208 C CA  . LYS B 1 69  ? -17.217 -0.543  3.516   1.00 102.29 ? 69  LYS B CA  1 
ATOM 1209 C C   . LYS B 1 69  ? -16.207 -1.558  3.048   1.00 102.81 ? 69  LYS B C   1 
ATOM 1210 O O   . LYS B 1 69  ? -15.788 -1.507  1.892   1.00 103.06 ? 69  LYS B O   1 
ATOM 1211 C CB  . LYS B 1 69  ? -18.574 -1.075  3.060   1.00 102.40 ? 69  LYS B CB  1 
ATOM 1212 C CG  . LYS B 1 69  ? -19.798 -0.378  3.630   1.00 104.20 ? 69  LYS B CG  1 
ATOM 1213 C CD  . LYS B 1 69  ? -20.956 -0.294  2.604   1.00 106.47 ? 69  LYS B CD  1 
ATOM 1214 C CE  . LYS B 1 69  ? -20.895 1.008   1.779   1.00 108.17 ? 69  LYS B CE  1 
ATOM 1215 N NZ  . LYS B 1 69  ? -22.252 1.562   1.417   1.00 109.35 ? 69  LYS B NZ  1 
ATOM 1216 N N   . PHE B 1 70  ? -15.829 -2.489  3.918   1.00 103.41 ? 70  PHE B N   1 
ATOM 1217 C CA  . PHE B 1 70  ? -15.152 -3.695  3.443   1.00 104.20 ? 70  PHE B CA  1 
ATOM 1218 C C   . PHE B 1 70  ? -15.212 -4.888  4.393   1.00 105.43 ? 70  PHE B C   1 
ATOM 1219 O O   . PHE B 1 70  ? -15.647 -4.750  5.535   1.00 105.36 ? 70  PHE B O   1 
ATOM 1220 C CB  . PHE B 1 70  ? -13.729 -3.402  2.963   1.00 103.66 ? 70  PHE B CB  1 
ATOM 1221 C CG  . PHE B 1 70  ? -12.734 -3.172  4.064   1.00 101.80 ? 70  PHE B CG  1 
ATOM 1222 C CD1 . PHE B 1 70  ? -12.593 -1.917  4.647   1.00 100.26 ? 70  PHE B CD1 1 
ATOM 1223 C CD2 . PHE B 1 70  ? -11.893 -4.195  4.472   1.00 98.86  ? 70  PHE B CD2 1 
ATOM 1224 C CE1 . PHE B 1 70  ? -11.652 -1.703  5.636   1.00 98.83  ? 70  PHE B CE1 1 
ATOM 1225 C CE2 . PHE B 1 70  ? -10.947 -3.984  5.462   1.00 97.71  ? 70  PHE B CE2 1 
ATOM 1226 C CZ  . PHE B 1 70  ? -10.830 -2.744  6.052   1.00 97.32  ? 70  PHE B CZ  1 
ATOM 1227 N N   . LEU B 1 71  ? -14.766 -6.043  3.894   1.00 106.77 ? 71  LEU B N   1 
ATOM 1228 C CA  . LEU B 1 71  ? -15.051 -7.334  4.503   1.00 108.26 ? 71  LEU B CA  1 
ATOM 1229 C C   . LEU B 1 71  ? -13.826 -8.043  5.052   1.00 109.87 ? 71  LEU B C   1 
ATOM 1230 O O   . LEU B 1 71  ? -12.831 -8.153  4.350   1.00 109.74 ? 71  LEU B O   1 
ATOM 1231 C CB  . LEU B 1 71  ? -15.698 -8.241  3.462   1.00 107.89 ? 71  LEU B CB  1 
ATOM 1232 C CG  . LEU B 1 71  ? -17.211 -8.234  3.311   1.00 107.01 ? 71  LEU B CG  1 
ATOM 1233 C CD1 . LEU B 1 71  ? -17.590 -9.295  2.322   1.00 105.59 ? 71  LEU B CD1 1 
ATOM 1234 C CD2 . LEU B 1 71  ? -17.892 -8.485  4.646   1.00 106.57 ? 71  LEU B CD2 1 
ATOM 1235 N N   . VAL B 1 72  ? -13.922 -8.559  6.281   1.00 112.30 ? 72  VAL B N   1 
ATOM 1236 C CA  . VAL B 1 72  ? -12.811 -9.297  6.931   1.00 115.14 ? 72  VAL B CA  1 
ATOM 1237 C C   . VAL B 1 72  ? -13.236 -10.435 7.910   1.00 117.20 ? 72  VAL B C   1 
ATOM 1238 O O   . VAL B 1 72  ? -14.198 -10.276 8.682   1.00 117.59 ? 72  VAL B O   1 
ATOM 1239 C CB  . VAL B 1 72  ? -11.823 -8.323  7.656   1.00 115.04 ? 72  VAL B CB  1 
ATOM 1240 C CG1 . VAL B 1 72  ? -11.041 -9.030  8.791   1.00 114.65 ? 72  VAL B CG1 1 
ATOM 1241 C CG2 . VAL B 1 72  ? -10.851 -7.699  6.653   1.00 115.30 ? 72  VAL B CG2 1 
ATOM 1242 N N   . ASP B 1 73  ? -12.471 -11.543 7.890   1.00 119.23 ? 73  ASP B N   1 
ATOM 1243 C CA  . ASP B 1 73  ? -12.727 -12.772 8.692   1.00 121.14 ? 73  ASP B CA  1 
ATOM 1244 C C   . ASP B 1 73  ? -12.443 -12.646 10.224  1.00 121.98 ? 73  ASP B C   1 
ATOM 1245 O O   . ASP B 1 73  ? -11.925 -11.615 10.681  1.00 122.34 ? 73  ASP B O   1 
ATOM 1246 C CB  . ASP B 1 73  ? -11.938 -13.965 8.082   1.00 121.56 ? 73  ASP B CB  1 
ATOM 1247 C CG  . ASP B 1 73  ? -12.350 -14.294 6.608   1.00 122.79 ? 73  ASP B CG  1 
ATOM 1248 O OD1 . ASP B 1 73  ? -13.347 -13.742 6.089   1.00 123.92 ? 73  ASP B OD1 1 
ATOM 1249 O OD2 . ASP B 1 73  ? -11.668 -15.124 5.962   1.00 123.35 ? 73  ASP B OD2 1 
ATOM 1250 N N   . SER B 1 74  ? -12.793 -13.683 11.003  1.00 122.75 ? 74  SER B N   1 
ATOM 1251 C CA  . SER B 1 74  ? -12.480 -13.751 12.453  1.00 123.45 ? 74  SER B CA  1 
ATOM 1252 C C   . SER B 1 74  ? -13.280 -14.829 13.243  1.00 124.40 ? 74  SER B C   1 
ATOM 1253 O O   . SER B 1 74  ? -14.249 -15.405 12.712  1.00 124.37 ? 74  SER B O   1 
ATOM 1254 C CB  . SER B 1 74  ? -12.635 -12.381 13.136  1.00 123.19 ? 74  SER B CB  1 
ATOM 1255 O OG  . SER B 1 74  ? -13.997 -12.066 13.305  1.00 122.17 ? 74  SER B OG  1 
ATOM 1256 N N   . PRO B 1 75  ? -12.834 -15.124 14.503  1.00 125.08 ? 75  PRO B N   1 
ATOM 1257 C CA  . PRO B 1 75  ? -13.464 -15.946 15.583  1.00 125.19 ? 75  PRO B CA  1 
ATOM 1258 C C   . PRO B 1 75  ? -14.949 -15.668 15.949  1.00 125.15 ? 75  PRO B C   1 
ATOM 1259 O O   . PRO B 1 75  ? -15.601 -16.525 16.579  1.00 125.41 ? 75  PRO B O   1 
ATOM 1260 C CB  . PRO B 1 75  ? -12.586 -15.644 16.814  1.00 125.32 ? 75  PRO B CB  1 
ATOM 1261 C CG  . PRO B 1 75  ? -11.329 -14.901 16.279  1.00 125.27 ? 75  PRO B CG  1 
ATOM 1262 C CD  . PRO B 1 75  ? -11.393 -14.922 14.781  1.00 125.10 ? 75  PRO B CD  1 
ATOM 1263 N N   . ASN B 1 76  ? -15.446 -14.480 15.591  1.00 124.57 ? 76  ASN B N   1 
ATOM 1264 C CA  . ASN B 1 76  ? -16.861 -14.103 15.737  1.00 123.86 ? 76  ASN B CA  1 
ATOM 1265 C C   . ASN B 1 76  ? -17.599 -14.189 14.387  1.00 122.88 ? 76  ASN B C   1 
ATOM 1266 O O   . ASN B 1 76  ? -18.790 -13.853 14.278  1.00 122.84 ? 76  ASN B O   1 
ATOM 1267 C CB  . ASN B 1 76  ? -16.955 -12.682 16.296  1.00 124.24 ? 76  ASN B CB  1 
ATOM 1268 C CG  . ASN B 1 76  ? -16.138 -11.655 15.462  1.00 126.04 ? 76  ASN B CG  1 
ATOM 1269 O OD1 . ASN B 1 76  ? -15.285 -10.920 16.002  1.00 126.89 ? 76  ASN B OD1 1 
ATOM 1270 N ND2 . ASN B 1 76  ? -16.397 -11.615 14.144  1.00 126.16 ? 76  ASN B ND2 1 
ATOM 1271 N N   . GLY B 1 77  ? -16.872 -14.634 13.360  1.00 121.54 ? 77  GLY B N   1 
ATOM 1272 C CA  . GLY B 1 77  ? -17.402 -14.728 12.007  1.00 119.90 ? 77  GLY B CA  1 
ATOM 1273 C C   . GLY B 1 77  ? -16.604 -13.835 11.080  1.00 118.80 ? 77  GLY B C   1 
ATOM 1274 O O   . GLY B 1 77  ? -15.395 -13.655 11.258  1.00 119.04 ? 77  GLY B O   1 
ATOM 1275 N N   . ALA B 1 78  ? -17.285 -13.289 10.073  1.00 117.33 ? 78  ALA B N   1 
ATOM 1276 C CA  . ALA B 1 78  ? -16.721 -12.264 9.195   1.00 115.50 ? 78  ALA B CA  1 
ATOM 1277 C C   . ALA B 1 78  ? -17.186 -10.926 9.734   1.00 114.53 ? 78  ALA B C   1 
ATOM 1278 O O   . ALA B 1 78  ? -18.008 -10.886 10.660  1.00 114.61 ? 78  ALA B O   1 
ATOM 1279 C CB  . ALA B 1 78  ? -17.186 -12.448 7.777   1.00 115.21 ? 78  ALA B CB  1 
ATOM 1280 N N   . GLN B 1 79  ? -16.663 -9.838  9.167   1.00 112.89 ? 79  GLN B N   1 
ATOM 1281 C CA  . GLN B 1 79  ? -16.895 -8.503  9.716   1.00 110.81 ? 79  GLN B CA  1 
ATOM 1282 C C   . GLN B 1 79  ? -16.804 -7.396  8.702   1.00 108.66 ? 79  GLN B C   1 
ATOM 1283 O O   . GLN B 1 79  ? -15.781 -7.166  8.068   1.00 108.68 ? 79  GLN B O   1 
ATOM 1284 C CB  . GLN B 1 79  ? -15.940 -8.200  10.875  1.00 111.48 ? 79  GLN B CB  1 
ATOM 1285 C CG  . GLN B 1 79  ? -16.483 -8.482  12.267  1.00 112.67 ? 79  GLN B CG  1 
ATOM 1286 C CD  . GLN B 1 79  ? -15.377 -8.909  13.202  1.00 115.96 ? 79  GLN B CD  1 
ATOM 1287 O OE1 . GLN B 1 79  ? -14.412 -9.561  12.790  1.00 118.11 ? 79  GLN B OE1 1 
ATOM 1288 N NE2 . GLN B 1 79  ? -15.505 -8.551  14.468  1.00 117.70 ? 79  GLN B NE2 1 
ATOM 1289 N N   . ILE B 1 80  ? -17.934 -6.747  8.554   1.00 105.83 ? 80  ILE B N   1 
ATOM 1290 C CA  . ILE B 1 80  ? -18.065 -5.419  8.046   1.00 103.53 ? 80  ILE B CA  1 
ATOM 1291 C C   . ILE B 1 80  ? -17.128 -4.432  8.780   1.00 101.93 ? 80  ILE B C   1 
ATOM 1292 O O   . ILE B 1 80  ? -17.296 -4.188  9.985   1.00 101.77 ? 80  ILE B O   1 
ATOM 1293 C CB  . ILE B 1 80  ? -19.485 -5.021  8.347   1.00 103.83 ? 80  ILE B CB  1 
ATOM 1294 C CG1 . ILE B 1 80  ? -20.084 -6.109  9.287   1.00 104.21 ? 80  ILE B CG1 1 
ATOM 1295 C CG2 . ILE B 1 80  ? -20.269 -4.965  7.064   1.00 103.27 ? 80  ILE B CG2 1 
ATOM 1296 C CD1 . ILE B 1 80  ? -20.473 -5.667  10.729  1.00 104.68 ? 80  ILE B CD1 1 
ATOM 1297 N N   . LYS B 1 81  ? -16.141 -3.892  8.051   1.00 99.36  ? 81  LYS B N   1 
ATOM 1298 C CA  . LYS B 1 81  ? -15.314 -2.765  8.500   1.00 96.34  ? 81  LYS B CA  1 
ATOM 1299 C C   . LYS B 1 81  ? -15.561 -1.569  7.602   1.00 95.00  ? 81  LYS B C   1 
ATOM 1300 O O   . LYS B 1 81  ? -15.942 -1.729  6.437   1.00 95.21  ? 81  LYS B O   1 
ATOM 1301 C CB  . LYS B 1 81  ? -13.828 -3.097  8.459   1.00 96.07  ? 81  LYS B CB  1 
ATOM 1302 C CG  . LYS B 1 81  ? -13.416 -4.346  9.232   1.00 96.24  ? 81  LYS B CG  1 
ATOM 1303 C CD  . LYS B 1 81  ? -13.936 -4.362  10.643  1.00 96.28  ? 81  LYS B CD  1 
ATOM 1304 C CE  . LYS B 1 81  ? -12.944 -3.809  11.595  1.00 95.95  ? 81  LYS B CE  1 
ATOM 1305 N NZ  . LYS B 1 81  ? -12.040 -4.897  11.982  1.00 97.74  ? 81  LYS B NZ  1 
ATOM 1306 N N   . TYR B 1 82  ? -15.340 -0.368  8.148   1.00 93.06  ? 82  TYR B N   1 
ATOM 1307 C CA  . TYR B 1 82  ? -15.569 0.899   7.440   1.00 90.88  ? 82  TYR B CA  1 
ATOM 1308 C C   . TYR B 1 82  ? -14.269 1.684   7.458   1.00 89.01  ? 82  TYR B C   1 
ATOM 1309 O O   . TYR B 1 82  ? -13.625 1.774   8.495   1.00 88.82  ? 82  TYR B O   1 
ATOM 1310 C CB  . TYR B 1 82  ? -16.738 1.671   8.085   1.00 91.38  ? 82  TYR B CB  1 
ATOM 1311 C CG  . TYR B 1 82  ? -17.972 0.792   8.349   1.00 92.87  ? 82  TYR B CG  1 
ATOM 1312 C CD1 . TYR B 1 82  ? -17.897 -0.291  9.245   1.00 94.14  ? 82  TYR B CD1 1 
ATOM 1313 C CD2 . TYR B 1 82  ? -19.198 1.023   7.704   1.00 93.77  ? 82  TYR B CD2 1 
ATOM 1314 C CE1 . TYR B 1 82  ? -18.989 -1.140  9.480   1.00 95.07  ? 82  TYR B CE1 1 
ATOM 1315 C CE2 . TYR B 1 82  ? -20.324 0.170   7.953   1.00 94.24  ? 82  TYR B CE2 1 
ATOM 1316 C CZ  . TYR B 1 82  ? -20.194 -0.908  8.844   1.00 95.26  ? 82  TYR B CZ  1 
ATOM 1317 O OH  . TYR B 1 82  ? -21.244 -1.770  9.137   1.00 97.09  ? 82  TYR B OH  1 
ATOM 1318 N N   . LEU B 1 83  ? -13.848 2.201   6.306   1.00 87.07  ? 83  LEU B N   1 
ATOM 1319 C CA  . LEU B 1 83  ? -12.539 2.836   6.204   1.00 85.22  ? 83  LEU B CA  1 
ATOM 1320 C C   . LEU B 1 83  ? -12.728 4.233   5.715   1.00 84.24  ? 83  LEU B C   1 
ATOM 1321 O O   . LEU B 1 83  ? -13.363 4.454   4.676   1.00 83.35  ? 83  LEU B O   1 
ATOM 1322 C CB  . LEU B 1 83  ? -11.617 2.069   5.276   1.00 85.38  ? 83  LEU B CB  1 
ATOM 1323 C CG  . LEU B 1 83  ? -10.472 2.879   4.655   1.00 85.79  ? 83  LEU B CG  1 
ATOM 1324 C CD1 . LEU B 1 83  ? -9.169  2.082   4.552   1.00 86.89  ? 83  LEU B CD1 1 
ATOM 1325 C CD2 . LEU B 1 83  ? -10.893 3.383   3.283   1.00 85.21  ? 83  LEU B CD2 1 
ATOM 1326 N N   . TYR B 1 84  ? -12.183 5.168   6.486   1.00 83.67  ? 84  TYR B N   1 
ATOM 1327 C CA  . TYR B 1 84  ? -12.447 6.582   6.273   1.00 84.13  ? 84  TYR B CA  1 
ATOM 1328 C C   . TYR B 1 84  ? -11.154 7.263   5.987   1.00 84.27  ? 84  TYR B C   1 
ATOM 1329 O O   . TYR B 1 84  ? -10.213 7.277   6.834   1.00 84.15  ? 84  TYR B O   1 
ATOM 1330 C CB  . TYR B 1 84  ? -12.993 7.297   7.520   1.00 84.66  ? 84  TYR B CB  1 
ATOM 1331 C CG  . TYR B 1 84  ? -14.204 6.737   8.185   1.00 83.56  ? 84  TYR B CG  1 
ATOM 1332 C CD1 . TYR B 1 84  ? -14.138 5.522   8.866   1.00 82.55  ? 84  TYR B CD1 1 
ATOM 1333 C CD2 . TYR B 1 84  ? -15.407 7.453   8.194   1.00 84.07  ? 84  TYR B CD2 1 
ATOM 1334 C CE1 . TYR B 1 84  ? -15.251 5.001   9.512   1.00 82.93  ? 84  TYR B CE1 1 
ATOM 1335 C CE2 . TYR B 1 84  ? -16.549 6.944   8.844   1.00 83.09  ? 84  TYR B CE2 1 
ATOM 1336 C CZ  . TYR B 1 84  ? -16.445 5.716   9.506   1.00 83.62  ? 84  TYR B CZ  1 
ATOM 1337 O OH  . TYR B 1 84  ? -17.517 5.166   10.157  1.00 83.71  ? 84  TYR B OH  1 
ATOM 1338 N N   . PHE B 1 85  ? -11.121 7.865   4.815   1.00 83.71  ? 85  PHE B N   1 
ATOM 1339 C CA  . PHE B 1 85  ? -9.940  8.564   4.424   1.00 84.16  ? 85  PHE B CA  1 
ATOM 1340 C C   . PHE B 1 85  ? -10.073 9.961   4.967   1.00 84.65  ? 85  PHE B C   1 
ATOM 1341 O O   . PHE B 1 85  ? -11.160 10.561  4.904   1.00 84.75  ? 85  PHE B O   1 
ATOM 1342 C CB  . PHE B 1 85  ? -9.833  8.617   2.906   1.00 83.88  ? 85  PHE B CB  1 
ATOM 1343 C CG  . PHE B 1 85  ? -9.293  7.364   2.281   1.00 81.89  ? 85  PHE B CG  1 
ATOM 1344 C CD1 . PHE B 1 85  ? -8.122  6.785   2.745   1.00 82.79  ? 85  PHE B CD1 1 
ATOM 1345 C CD2 . PHE B 1 85  ? -9.921  6.802   1.176   1.00 81.88  ? 85  PHE B CD2 1 
ATOM 1346 C CE1 . PHE B 1 85  ? -7.579  5.625   2.138   1.00 81.51  ? 85  PHE B CE1 1 
ATOM 1347 C CE2 . PHE B 1 85  ? -9.403  5.644   0.541   1.00 81.99  ? 85  PHE B CE2 1 
ATOM 1348 C CZ  . PHE B 1 85  ? -8.233  5.058   1.025   1.00 82.09  ? 85  PHE B CZ  1 
ATOM 1349 N N   . VAL B 1 86  ? -8.969  10.490  5.486   1.00 84.68  ? 86  VAL B N   1 
ATOM 1350 C CA  . VAL B 1 86  ? -8.961  11.894  5.889   1.00 85.23  ? 86  VAL B CA  1 
ATOM 1351 C C   . VAL B 1 86  ? -9.189  12.755  4.650   1.00 85.77  ? 86  VAL B C   1 
ATOM 1352 O O   . VAL B 1 86  ? -8.785  12.397  3.549   1.00 85.77  ? 86  VAL B O   1 
ATOM 1353 C CB  . VAL B 1 86  ? -7.672  12.283  6.622   1.00 85.07  ? 86  VAL B CB  1 
ATOM 1354 C CG1 . VAL B 1 86  ? -7.366  11.264  7.740   1.00 83.02  ? 86  VAL B CG1 1 
ATOM 1355 C CG2 . VAL B 1 86  ? -6.523  12.377  5.625   1.00 85.61  ? 86  VAL B CG2 1 
ATOM 1356 N N   . ARG B 1 87  ? -9.868  13.872  4.819   1.00 86.78  ? 87  ARG B N   1 
ATOM 1357 C CA  . ARG B 1 87  ? -10.304 14.633  3.654   1.00 87.64  ? 87  ARG B CA  1 
ATOM 1358 C C   . ARG B 1 87  ? -9.110  15.102  2.873   1.00 88.16  ? 87  ARG B C   1 
ATOM 1359 O O   . ARG B 1 87  ? -8.043  15.321  3.440   1.00 87.42  ? 87  ARG B O   1 
ATOM 1360 C CB  . ARG B 1 87  ? -11.199 15.796  4.067   1.00 87.52  ? 87  ARG B CB  1 
ATOM 1361 C CG  . ARG B 1 87  ? -12.578 15.315  4.548   1.00 87.81  ? 87  ARG B CG  1 
ATOM 1362 C CD  . ARG B 1 87  ? -13.608 16.439  4.556   1.00 89.04  ? 87  ARG B CD  1 
ATOM 1363 N NE  . ARG B 1 87  ? -13.352 17.477  3.545   1.00 87.90  ? 87  ARG B NE  1 
ATOM 1364 C CZ  . ARG B 1 87  ? -13.860 17.438  2.326   1.00 89.07  ? 87  ARG B CZ  1 
ATOM 1365 N NH1 . ARG B 1 87  ? -14.652 16.418  1.968   1.00 90.71  ? 87  ARG B NH1 1 
ATOM 1366 N NH2 . ARG B 1 87  ? -13.589 18.405  1.464   1.00 89.12  ? 87  ARG B NH2 1 
ATOM 1367 N N   . ASN B 1 88  ? -9.287  15.190  1.555   1.00 89.69  ? 88  ASN B N   1 
ATOM 1368 C CA  . ASN B 1 88  ? -8.254  15.720  0.641   1.00 90.92  ? 88  ASN B CA  1 
ATOM 1369 C C   . ASN B 1 88  ? -6.891  15.064  0.674   1.00 90.91  ? 88  ASN B C   1 
ATOM 1370 O O   . ASN B 1 88  ? -5.886  15.736  0.427   1.00 91.07  ? 88  ASN B O   1 
ATOM 1371 C CB  . ASN B 1 88  ? -8.045  17.206  0.875   1.00 91.19  ? 88  ASN B CB  1 
ATOM 1372 C CG  . ASN B 1 88  ? -9.207  17.999  0.424   1.00 94.80  ? 88  ASN B CG  1 
ATOM 1373 O OD1 . ASN B 1 88  ? -9.706  17.805  -0.698  1.00 96.15  ? 88  ASN B OD1 1 
ATOM 1374 N ND2 . ASN B 1 88  ? -9.687  18.902  1.300   1.00 98.73  ? 88  ASN B ND2 1 
ATOM 1375 N N   . LEU B 1 89  ? -6.853  13.773  1.000   1.00 91.00  ? 89  LEU B N   1 
ATOM 1376 C CA  . LEU B 1 89  ? -5.638  12.968  0.873   1.00 90.97  ? 89  LEU B CA  1 
ATOM 1377 C C   . LEU B 1 89  ? -5.227  12.969  -0.622  1.00 91.66  ? 89  LEU B C   1 
ATOM 1378 O O   . LEU B 1 89  ? -6.109  13.074  -1.492  1.00 91.15  ? 89  LEU B O   1 
ATOM 1379 C CB  . LEU B 1 89  ? -5.958  11.572  1.390   1.00 90.04  ? 89  LEU B CB  1 
ATOM 1380 C CG  . LEU B 1 89  ? -4.929  10.535  1.790   1.00 89.49  ? 89  LEU B CG  1 
ATOM 1381 C CD1 . LEU B 1 89  ? -3.853  11.068  2.682   1.00 88.65  ? 89  LEU B CD1 1 
ATOM 1382 C CD2 . LEU B 1 89  ? -5.657  9.425   2.501   1.00 89.13  ? 89  LEU B CD2 1 
ATOM 1383 N N   . ASN B 1 90  ? -3.919  12.940  -0.931  1.00 92.63  ? 90  ASN B N   1 
ATOM 1384 C CA  . ASN B 1 90  ? -3.483  12.814  -2.358  1.00 93.63  ? 90  ASN B CA  1 
ATOM 1385 C C   . ASN B 1 90  ? -3.533  11.346  -2.793  1.00 93.97  ? 90  ASN B C   1 
ATOM 1386 O O   . ASN B 1 90  ? -3.367  10.414  -1.963  1.00 93.94  ? 90  ASN B O   1 
ATOM 1387 C CB  . ASN B 1 90  ? -2.104  13.439  -2.653  1.00 93.41  ? 90  ASN B CB  1 
ATOM 1388 C CG  . ASN B 1 90  ? -0.921  12.570  -2.174  1.00 95.08  ? 90  ASN B CG  1 
ATOM 1389 O OD1 . ASN B 1 90  ? -1.091  11.498  -1.571  1.00 95.08  ? 90  ASN B OD1 1 
ATOM 1390 N ND2 . ASN B 1 90  ? 0.298   13.045  -2.444  1.00 97.55  ? 90  ASN B ND2 1 
ATOM 1391 N N   . THR B 1 91  ? -3.753  11.128  -4.085  1.00 93.91  ? 91  THR B N   1 
ATOM 1392 C CA  . THR B 1 91  ? -4.122  9.788   -4.536  1.00 93.71  ? 91  THR B CA  1 
ATOM 1393 C C   . THR B 1 91  ? -3.045  8.793   -4.216  1.00 93.67  ? 91  THR B C   1 
ATOM 1394 O O   . THR B 1 91  ? -3.332  7.634   -3.911  1.00 93.53  ? 91  THR B O   1 
ATOM 1395 C CB  . THR B 1 91  ? -4.384  9.754   -6.008  1.00 93.54  ? 91  THR B CB  1 
ATOM 1396 O OG1 . THR B 1 91  ? -4.532  11.094  -6.483  1.00 94.72  ? 91  THR B OG1 1 
ATOM 1397 C CG2 . THR B 1 91  ? -5.655  8.974   -6.278  1.00 94.25  ? 91  THR B CG2 1 
ATOM 1398 N N   . LEU B 1 92  ? -1.802  9.261   -4.263  1.00 93.56  ? 92  LEU B N   1 
ATOM 1399 C CA  . LEU B 1 92  ? -0.661  8.428   -3.933  1.00 93.75  ? 92  LEU B CA  1 
ATOM 1400 C C   . LEU B 1 92  ? -0.762  7.852   -2.513  1.00 94.19  ? 92  LEU B C   1 
ATOM 1401 O O   . LEU B 1 92  ? -0.551  6.648   -2.296  1.00 93.93  ? 92  LEU B O   1 
ATOM 1402 C CB  . LEU B 1 92  ? 0.612   9.236   -4.119  1.00 93.74  ? 92  LEU B CB  1 
ATOM 1403 C CG  . LEU B 1 92  ? 1.980   8.591   -3.946  1.00 94.30  ? 92  LEU B CG  1 
ATOM 1404 C CD1 . LEU B 1 92  ? 2.053   7.362   -4.813  1.00 95.04  ? 92  LEU B CD1 1 
ATOM 1405 C CD2 . LEU B 1 92  ? 3.106   9.606   -4.299  1.00 95.72  ? 92  LEU B CD2 1 
ATOM 1406 N N   . ARG B 1 93  ? -1.116  8.692   -1.542  1.00 94.78  ? 93  ARG B N   1 
ATOM 1407 C CA  . ARG B 1 93  ? -1.225  8.190   -0.164  1.00 95.05  ? 93  ARG B CA  1 
ATOM 1408 C C   . ARG B 1 93  ? -2.459  7.316   0.039   1.00 94.07  ? 93  ARG B C   1 
ATOM 1409 O O   . ARG B 1 93  ? -2.392  6.282   0.727   1.00 93.51  ? 93  ARG B O   1 
ATOM 1410 C CB  . ARG B 1 93  ? -1.144  9.326   0.820   1.00 95.51  ? 93  ARG B CB  1 
ATOM 1411 C CG  . ARG B 1 93  ? 0.290   9.786   0.974   1.00 100.12 ? 93  ARG B CG  1 
ATOM 1412 C CD  . ARG B 1 93  ? 0.433   11.313  0.893   1.00 107.58 ? 93  ARG B CD  1 
ATOM 1413 N NE  . ARG B 1 93  ? 1.285   11.792  1.982   1.00 112.98 ? 93  ARG B NE  1 
ATOM 1414 C CZ  . ARG B 1 93  ? 2.563   11.445  2.132   1.00 115.31 ? 93  ARG B CZ  1 
ATOM 1415 N NH1 . ARG B 1 93  ? 3.254   11.918  3.175   1.00 116.65 ? 93  ARG B NH1 1 
ATOM 1416 N NH2 . ARG B 1 93  ? 3.143   10.619  1.249   1.00 114.49 ? 93  ARG B NH2 1 
ATOM 1417 N N   . ARG B 1 94  ? -3.562  7.698   -0.602  1.00 92.78  ? 94  ARG B N   1 
ATOM 1418 C CA  . ARG B 1 94  ? -4.725  6.833   -0.649  1.00 92.28  ? 94  ARG B CA  1 
ATOM 1419 C C   . ARG B 1 94  ? -4.307  5.393   -0.983  1.00 92.24  ? 94  ARG B C   1 
ATOM 1420 O O   . ARG B 1 94  ? -4.561  4.458   -0.209  1.00 92.13  ? 94  ARG B O   1 
ATOM 1421 C CB  . ARG B 1 94  ? -5.727  7.328   -1.678  1.00 92.61  ? 94  ARG B CB  1 
ATOM 1422 C CG  . ARG B 1 94  ? -6.571  8.505   -1.216  1.00 92.58  ? 94  ARG B CG  1 
ATOM 1423 C CD  . ARG B 1 94  ? -7.425  9.015   -2.353  1.00 91.25  ? 94  ARG B CD  1 
ATOM 1424 N NE  . ARG B 1 94  ? -8.769  9.310   -1.890  1.00 92.25  ? 94  ARG B NE  1 
ATOM 1425 C CZ  . ARG B 1 94  ? -9.099  10.391  -1.200  1.00 93.97  ? 94  ARG B CZ  1 
ATOM 1426 N NH1 . ARG B 1 94  ? -8.194  11.307  -0.872  1.00 93.78  ? 94  ARG B NH1 1 
ATOM 1427 N NH2 . ARG B 1 94  ? -10.349 10.559  -0.834  1.00 94.90  ? 94  ARG B NH2 1 
ATOM 1428 N N   . GLY B 1 95  ? -3.634  5.216   -2.125  1.00 91.71  ? 95  GLY B N   1 
ATOM 1429 C CA  . GLY B 1 95  ? -3.171  3.890   -2.554  1.00 90.13  ? 95  GLY B CA  1 
ATOM 1430 C C   . GLY B 1 95  ? -2.312  3.187   -1.516  1.00 89.86  ? 95  GLY B C   1 
ATOM 1431 O O   . GLY B 1 95  ? -2.490  1.980   -1.262  1.00 89.64  ? 95  GLY B O   1 
ATOM 1432 N N   . ALA B 1 96  ? -1.396  3.934   -0.895  1.00 89.18  ? 96  ALA B N   1 
ATOM 1433 C CA  . ALA B 1 96  ? -0.546  3.358   0.142   1.00 89.04  ? 96  ALA B CA  1 
ATOM 1434 C C   . ALA B 1 96  ? -1.389  2.649   1.247   1.00 89.40  ? 96  ALA B C   1 
ATOM 1435 O O   . ALA B 1 96  ? -1.075  1.507   1.662   1.00 88.32  ? 96  ALA B O   1 
ATOM 1436 C CB  . ALA B 1 96  ? 0.357   4.432   0.718   1.00 88.90  ? 96  ALA B CB  1 
ATOM 1437 N N   . VAL B 1 97  ? -2.471  3.314   1.677   1.00 89.83  ? 97  VAL B N   1 
ATOM 1438 C CA  . VAL B 1 97  ? -3.356  2.793   2.715   1.00 90.78  ? 97  VAL B CA  1 
ATOM 1439 C C   . VAL B 1 97  ? -3.836  1.435   2.277   1.00 91.45  ? 97  VAL B C   1 
ATOM 1440 O O   . VAL B 1 97  ? -3.465  0.433   2.866   1.00 92.00  ? 97  VAL B O   1 
ATOM 1441 C CB  . VAL B 1 97  ? -4.581  3.718   2.985   1.00 91.03  ? 97  VAL B CB  1 
ATOM 1442 C CG1 . VAL B 1 97  ? -5.501  3.125   4.055   1.00 91.44  ? 97  VAL B CG1 1 
ATOM 1443 C CG2 . VAL B 1 97  ? -4.134  5.096   3.403   1.00 90.94  ? 97  VAL B CG2 1 
ATOM 1444 N N   . LEU B 1 98  ? -4.638  1.405   1.217   1.00 92.34  ? 98  LEU B N   1 
ATOM 1445 C CA  . LEU B 1 98  ? -5.113  0.162   0.614   1.00 93.12  ? 98  LEU B CA  1 
ATOM 1446 C C   . LEU B 1 98  ? -4.026  -0.893  0.463   1.00 94.44  ? 98  LEU B C   1 
ATOM 1447 O O   . LEU B 1 98  ? -4.307  -2.078  0.565   1.00 94.92  ? 98  LEU B O   1 
ATOM 1448 C CB  . LEU B 1 98  ? -5.691  0.461   -0.750  1.00 92.49  ? 98  LEU B CB  1 
ATOM 1449 C CG  . LEU B 1 98  ? -6.795  1.501   -0.654  1.00 91.42  ? 98  LEU B CG  1 
ATOM 1450 C CD1 . LEU B 1 98  ? -6.764  2.438   -1.815  1.00 88.24  ? 98  LEU B CD1 1 
ATOM 1451 C CD2 . LEU B 1 98  ? -8.147  0.809   -0.537  1.00 91.82  ? 98  LEU B CD2 1 
ATOM 1452 N N   . GLY B 1 99  ? -2.794  -0.460  0.210   1.00 95.62  ? 99  GLY B N   1 
ATOM 1453 C CA  . GLY B 1 99  ? -1.650  -1.368  0.145   1.00 97.60  ? 99  GLY B CA  1 
ATOM 1454 C C   . GLY B 1 99  ? -1.371  -2.040  1.472   1.00 99.04  ? 99  GLY B C   1 
ATOM 1455 O O   . GLY B 1 99  ? -1.446  -3.265  1.586   1.00 99.36  ? 99  GLY B O   1 
ATOM 1456 N N   . TYR B 1 100 ? -1.044  -1.235  2.473   1.00 100.35 ? 100 TYR B N   1 
ATOM 1457 C CA  . TYR B 1 100 ? -1.063  -1.662  3.862   1.00 101.90 ? 100 TYR B CA  1 
ATOM 1458 C C   . TYR B 1 100 ? -2.316  -2.506  4.179   1.00 102.24 ? 100 TYR B C   1 
ATOM 1459 O O   . TYR B 1 100 ? -2.186  -3.635  4.643   1.00 102.19 ? 100 TYR B O   1 
ATOM 1460 C CB  . TYR B 1 100 ? -1.046  -0.406  4.682   1.00 102.05 ? 100 TYR B CB  1 
ATOM 1461 C CG  . TYR B 1 100 ? -0.660  -0.501  6.124   1.00 106.85 ? 100 TYR B CG  1 
ATOM 1462 C CD1 . TYR B 1 100 ? -1.604  -0.826  7.104   1.00 110.53 ? 100 TYR B CD1 1 
ATOM 1463 C CD2 . TYR B 1 100 ? 0.633   -0.143  6.546   1.00 112.14 ? 100 TYR B CD2 1 
ATOM 1464 C CE1 . TYR B 1 100 ? -1.263  -0.856  8.480   1.00 112.77 ? 100 TYR B CE1 1 
ATOM 1465 C CE2 . TYR B 1 100 ? 0.998   -0.166  7.929   1.00 114.04 ? 100 TYR B CE2 1 
ATOM 1466 C CZ  . TYR B 1 100 ? 0.035   -0.522  8.888   1.00 115.12 ? 100 TYR B CZ  1 
ATOM 1467 O OH  . TYR B 1 100 ? 0.367   -0.546  10.242  1.00 117.65 ? 100 TYR B OH  1 
ATOM 1468 N N   . ILE B 1 101 ? -3.515  -1.980  3.899   1.00 103.07 ? 101 ILE B N   1 
ATOM 1469 C CA  . ILE B 1 101 ? -4.794  -2.643  4.234   1.00 104.06 ? 101 ILE B CA  1 
ATOM 1470 C C   . ILE B 1 101 ? -4.779  -4.145  3.928   1.00 105.02 ? 101 ILE B C   1 
ATOM 1471 O O   . ILE B 1 101 ? -4.751  -4.976  4.833   1.00 104.65 ? 101 ILE B O   1 
ATOM 1472 C CB  . ILE B 1 101 ? -6.024  -2.032  3.460   1.00 104.39 ? 101 ILE B CB  1 
ATOM 1473 C CG1 . ILE B 1 101 ? -6.319  -0.561  3.832   1.00 103.14 ? 101 ILE B CG1 1 
ATOM 1474 C CG2 . ILE B 1 101 ? -7.278  -2.977  3.554   1.00 103.82 ? 101 ILE B CG2 1 
ATOM 1475 C CD1 . ILE B 1 101 ? -6.134  -0.227  5.251   1.00 102.02 ? 101 ILE B CD1 1 
ATOM 1476 N N   . GLY B 1 102 ? -4.813  -4.473  2.637   1.00 106.33 ? 102 GLY B N   1 
ATOM 1477 C CA  . GLY B 1 102 ? -4.812  -5.856  2.161   1.00 108.16 ? 102 GLY B CA  1 
ATOM 1478 C C   . GLY B 1 102 ? -3.521  -6.621  2.436   1.00 109.15 ? 102 GLY B C   1 
ATOM 1479 O O   . GLY B 1 102 ? -3.488  -7.836  2.273   1.00 108.75 ? 102 GLY B O   1 
ATOM 1480 N N   . ALA B 1 103 ? -2.460  -5.911  2.840   1.00 110.50 ? 103 ALA B N   1 
ATOM 1481 C CA  . ALA B 1 103 ? -1.215  -6.552  3.331   1.00 111.78 ? 103 ALA B CA  1 
ATOM 1482 C C   . ALA B 1 103 ? -1.421  -7.226  4.696   1.00 112.46 ? 103 ALA B C   1 
ATOM 1483 O O   . ALA B 1 103 ? -1.004  -8.381  4.888   1.00 112.49 ? 103 ALA B O   1 
ATOM 1484 C CB  . ALA B 1 103 ? -0.039  -5.551  3.409   1.00 111.55 ? 103 ALA B CB  1 
ATOM 1485 N N   . THR B 1 104 ? -2.074  -6.514  5.623   1.00 112.99 ? 104 THR B N   1 
ATOM 1486 C CA  . THR B 1 104 ? -2.202  -6.979  7.009   1.00 113.51 ? 104 THR B CA  1 
ATOM 1487 C C   . THR B 1 104 ? -3.130  -8.216  7.155   1.00 113.61 ? 104 THR B C   1 
ATOM 1488 O O   . THR B 1 104 ? -4.366  -8.116  7.191   1.00 113.16 ? 104 THR B O   1 
ATOM 1489 C CB  . THR B 1 104 ? -2.478  -5.798  7.991   1.00 113.76 ? 104 THR B CB  1 
ATOM 1490 O OG1 . THR B 1 104 ? -1.895  -4.601  7.464   1.00 112.71 ? 104 THR B OG1 1 
ATOM 1491 C CG2 . THR B 1 104 ? -1.848  -6.082  9.366   1.00 114.57 ? 104 THR B CG2 1 
ATOM 1492 N N   . VAL B 1 105 ? -2.471  -9.379  7.225   1.00 114.27 ? 105 VAL B N   1 
ATOM 1493 C CA  . VAL B 1 105 ? -3.082  -10.710 7.079   1.00 114.68 ? 105 VAL B CA  1 
ATOM 1494 C C   . VAL B 1 105 ? -2.168  -11.795 7.663   1.00 114.59 ? 105 VAL B C   1 
ATOM 1495 O O   . VAL B 1 105 ? -2.573  -12.542 8.553   1.00 114.64 ? 105 VAL B O   1 
ATOM 1496 C CB  . VAL B 1 105 ? -3.411  -11.007 5.583   1.00 114.71 ? 105 VAL B CB  1 
ATOM 1497 C CG1 . VAL B 1 105 ? -3.133  -12.485 5.199   1.00 114.82 ? 105 VAL B CG1 1 
ATOM 1498 C CG2 . VAL B 1 105 ? -4.860  -10.567 5.253   1.00 115.03 ? 105 VAL B CG2 1 
# 
